data_5Z9Z
# 
_entry.id   5Z9Z 
# 
_audit_conform.dict_name       mmcif_pdbx.dic 
_audit_conform.dict_version    5.397 
_audit_conform.dict_location   http://mmcif.pdb.org/dictionaries/ascii/mmcif_pdbx.dic 
# 
loop_
_database_2.database_id 
_database_2.database_code 
_database_2.pdbx_database_accession 
_database_2.pdbx_DOI 
PDB   5Z9Z         pdb_00005z9z 10.2210/pdb5z9z/pdb 
WWPDB D_1300006734 ?            ?                   
# 
loop_
_pdbx_audit_revision_history.ordinal 
_pdbx_audit_revision_history.data_content_type 
_pdbx_audit_revision_history.major_revision 
_pdbx_audit_revision_history.minor_revision 
_pdbx_audit_revision_history.revision_date 
1 'Structure model' 1 0 2018-06-27 
2 'Structure model' 1 1 2018-10-03 
3 'Structure model' 1 2 2024-10-30 
# 
_pdbx_audit_revision_details.ordinal             1 
_pdbx_audit_revision_details.revision_ordinal    1 
_pdbx_audit_revision_details.data_content_type   'Structure model' 
_pdbx_audit_revision_details.provider            repository 
_pdbx_audit_revision_details.type                'Initial release' 
_pdbx_audit_revision_details.description         ? 
_pdbx_audit_revision_details.details             ? 
# 
loop_
_pdbx_audit_revision_group.ordinal 
_pdbx_audit_revision_group.revision_ordinal 
_pdbx_audit_revision_group.data_content_type 
_pdbx_audit_revision_group.group 
1 2 'Structure model' 'Data collection'     
2 2 'Structure model' 'Database references' 
3 3 'Structure model' 'Data collection'     
4 3 'Structure model' 'Database references' 
5 3 'Structure model' 'Structure summary'   
# 
loop_
_pdbx_audit_revision_category.ordinal 
_pdbx_audit_revision_category.revision_ordinal 
_pdbx_audit_revision_category.data_content_type 
_pdbx_audit_revision_category.category 
1 2 'Structure model' citation                  
2 2 'Structure model' citation_author           
3 3 'Structure model' chem_comp_atom            
4 3 'Structure model' chem_comp_bond            
5 3 'Structure model' database_2                
6 3 'Structure model' pdbx_entry_details        
7 3 'Structure model' pdbx_modification_feature 
# 
loop_
_pdbx_audit_revision_item.ordinal 
_pdbx_audit_revision_item.revision_ordinal 
_pdbx_audit_revision_item.data_content_type 
_pdbx_audit_revision_item.item 
1  2 'Structure model' '_citation.country'                   
2  2 'Structure model' '_citation.journal_abbrev'            
3  2 'Structure model' '_citation.journal_id_CSD'            
4  2 'Structure model' '_citation.journal_id_ISSN'           
5  2 'Structure model' '_citation.journal_volume'            
6  2 'Structure model' '_citation.page_first'                
7  2 'Structure model' '_citation.page_last'                 
8  2 'Structure model' '_citation.pdbx_database_id_DOI'      
9  2 'Structure model' '_citation.pdbx_database_id_PubMed'   
10 2 'Structure model' '_citation.title'                     
11 2 'Structure model' '_citation.year'                      
12 2 'Structure model' '_citation_author.identifier_ORCID'   
13 2 'Structure model' '_citation_author.name'               
14 3 'Structure model' '_database_2.pdbx_DOI'                
15 3 'Structure model' '_database_2.pdbx_database_accession' 
# 
_pdbx_database_status.status_code                     REL 
_pdbx_database_status.status_code_sf                  REL 
_pdbx_database_status.status_code_mr                  ? 
_pdbx_database_status.entry_id                        5Z9Z 
_pdbx_database_status.recvd_initial_deposition_date   2018-02-05 
_pdbx_database_status.SG_entry                        N 
_pdbx_database_status.deposit_site                    PDBJ 
_pdbx_database_status.process_site                    PDBJ 
_pdbx_database_status.status_code_cs                  ? 
_pdbx_database_status.methods_development_category    ? 
_pdbx_database_status.pdb_format_compatible           Y 
_pdbx_database_status.status_code_nmr_data            ? 
# 
loop_
_audit_author.name 
_audit_author.pdbx_ordinal 
_audit_author.identifier_ORCID 
'Chen, J.'  1  ? 
'Liu, L.'   2  ? 
'You, C.'   3  ? 
'Gu, J.'    4  ? 
'Ruan, W.'  5  ? 
'Zhang, L.' 6  ? 
'Cao, C.'   7  ? 
'Gan, J.'   8  ? 
'Huang, Y.' 9  ? 
'Chen, X.'  10 ? 
'Ma, J.'    11 ? 
# 
_citation.abstract                  ? 
_citation.abstract_id_CAS           ? 
_citation.book_id_ISBN              ? 
_citation.book_publisher            ? 
_citation.book_publisher_city       ? 
_citation.book_title                ? 
_citation.coordinate_linkage        ? 
_citation.country                   UK 
_citation.database_id_Medline       ? 
_citation.details                   ? 
_citation.id                        primary 
_citation.journal_abbrev            'Nat Commun' 
_citation.journal_id_ASTM           ? 
_citation.journal_id_CSD            ? 
_citation.journal_id_ISSN           2041-1723 
_citation.journal_full              ? 
_citation.journal_issue             ? 
_citation.journal_volume            9 
_citation.language                  ? 
_citation.page_first                3585 
_citation.page_last                 3585 
_citation.title                     
;Structural and biochemical insights into small RNA 3' end trimming by Arabidopsis SDN1.
;
_citation.year                      2018 
_citation.database_id_CSD           ? 
_citation.pdbx_database_id_DOI      10.1038/s41467-018-05942-7 
_citation.pdbx_database_id_PubMed   30181559 
_citation.unpublished_flag          ? 
# 
loop_
_citation_author.citation_id 
_citation_author.name 
_citation_author.ordinal 
_citation_author.identifier_ORCID 
primary 'Chen, J.'  1  0000-0002-1016-4661 
primary 'Liu, L.'   2  ?                   
primary 'You, C.'   3  0000-0002-9935-1892 
primary 'Gu, J.'    4  ?                   
primary 'Ruan, W.'  5  ?                   
primary 'Zhang, L.' 6  ?                   
primary 'Gan, J.'   7  ?                   
primary 'Cao, C.'   8  ?                   
primary 'Huang, Y.' 9  0000-0002-2806-2874 
primary 'Chen, X.'  10 ?                   
primary 'Ma, J.'    11 0000-0002-0232-1786 
# 
loop_
_entity.id 
_entity.type 
_entity.src_method 
_entity.pdbx_description 
_entity.formula_weight 
_entity.pdbx_number_of_molecules 
_entity.pdbx_ec 
_entity.pdbx_mutation 
_entity.pdbx_fragment 
_entity.details 
1 polymer     man 'Small RNA degrading nuclease 1' 11513.741 1  3.1.-.- E329A,E330A,E332A 
'C-terminal RRM domain, UNP residues 309-409' ? 
2 non-polymer syn 'CITRATE ANION'                  189.100   2  ?       ?                 ? ? 
3 water       nat water                            18.015    74 ?       ?                 ? ? 
# 
_entity_poly.entity_id                      1 
_entity_poly.type                           'polypeptide(L)' 
_entity_poly.nstd_linkage                   no 
_entity_poly.nstd_monomer                   yes 
_entity_poly.pdbx_seq_one_letter_code       
;GS(MSE)LEVEKAKLFLHKIPNNVPSAALAQVLSGKFTLDVKQAKTQGRYYCAFALFHSSEDADQAFEHIDGIE(MSE)T
DSLGLPQKVVIIKLSSGSRASIYVRK(MSE)VQDE
;
_entity_poly.pdbx_seq_one_letter_code_can   
;GSMLEVEKAKLFLHKIPNNVPSAALAQVLSGKFTLDVKQAKTQGRYYCAFALFHSSEDADQAFEHIDGIEMTDSLGLPQK
VVIIKLSSGSRASIYVRKMVQDE
;
_entity_poly.pdbx_strand_id                 A 
_entity_poly.pdbx_target_identifier         ? 
# 
loop_
_pdbx_entity_nonpoly.entity_id 
_pdbx_entity_nonpoly.name 
_pdbx_entity_nonpoly.comp_id 
2 'CITRATE ANION' FLC 
3 water           HOH 
# 
loop_
_entity_poly_seq.entity_id 
_entity_poly_seq.num 
_entity_poly_seq.mon_id 
_entity_poly_seq.hetero 
1 1   GLY n 
1 2   SER n 
1 3   MSE n 
1 4   LEU n 
1 5   GLU n 
1 6   VAL n 
1 7   GLU n 
1 8   LYS n 
1 9   ALA n 
1 10  LYS n 
1 11  LEU n 
1 12  PHE n 
1 13  LEU n 
1 14  HIS n 
1 15  LYS n 
1 16  ILE n 
1 17  PRO n 
1 18  ASN n 
1 19  ASN n 
1 20  VAL n 
1 21  PRO n 
1 22  SER n 
1 23  ALA n 
1 24  ALA n 
1 25  LEU n 
1 26  ALA n 
1 27  GLN n 
1 28  VAL n 
1 29  LEU n 
1 30  SER n 
1 31  GLY n 
1 32  LYS n 
1 33  PHE n 
1 34  THR n 
1 35  LEU n 
1 36  ASP n 
1 37  VAL n 
1 38  LYS n 
1 39  GLN n 
1 40  ALA n 
1 41  LYS n 
1 42  THR n 
1 43  GLN n 
1 44  GLY n 
1 45  ARG n 
1 46  TYR n 
1 47  TYR n 
1 48  CYS n 
1 49  ALA n 
1 50  PHE n 
1 51  ALA n 
1 52  LEU n 
1 53  PHE n 
1 54  HIS n 
1 55  SER n 
1 56  SER n 
1 57  GLU n 
1 58  ASP n 
1 59  ALA n 
1 60  ASP n 
1 61  GLN n 
1 62  ALA n 
1 63  PHE n 
1 64  GLU n 
1 65  HIS n 
1 66  ILE n 
1 67  ASP n 
1 68  GLY n 
1 69  ILE n 
1 70  GLU n 
1 71  MSE n 
1 72  THR n 
1 73  ASP n 
1 74  SER n 
1 75  LEU n 
1 76  GLY n 
1 77  LEU n 
1 78  PRO n 
1 79  GLN n 
1 80  LYS n 
1 81  VAL n 
1 82  VAL n 
1 83  ILE n 
1 84  ILE n 
1 85  LYS n 
1 86  LEU n 
1 87  SER n 
1 88  SER n 
1 89  GLY n 
1 90  SER n 
1 91  ARG n 
1 92  ALA n 
1 93  SER n 
1 94  ILE n 
1 95  TYR n 
1 96  VAL n 
1 97  ARG n 
1 98  LYS n 
1 99  MSE n 
1 100 VAL n 
1 101 GLN n 
1 102 ASP n 
1 103 GLU n 
# 
_entity_src_gen.entity_id                          1 
_entity_src_gen.pdbx_src_id                        1 
_entity_src_gen.pdbx_alt_source_flag               sample 
_entity_src_gen.pdbx_seq_type                      'Biological sequence' 
_entity_src_gen.pdbx_beg_seq_num                   1 
_entity_src_gen.pdbx_end_seq_num                   103 
_entity_src_gen.gene_src_common_name               'Mouse-ear cress' 
_entity_src_gen.gene_src_genus                     ? 
_entity_src_gen.pdbx_gene_src_gene                 'SDN1, At3g50100, F3A4.180' 
_entity_src_gen.gene_src_species                   ? 
_entity_src_gen.gene_src_strain                    ? 
_entity_src_gen.gene_src_tissue                    ? 
_entity_src_gen.gene_src_tissue_fraction           ? 
_entity_src_gen.gene_src_details                   ? 
_entity_src_gen.pdbx_gene_src_fragment             ? 
_entity_src_gen.pdbx_gene_src_scientific_name      'Arabidopsis thaliana' 
_entity_src_gen.pdbx_gene_src_ncbi_taxonomy_id     3702 
_entity_src_gen.pdbx_gene_src_variant              ? 
_entity_src_gen.pdbx_gene_src_cell_line            ? 
_entity_src_gen.pdbx_gene_src_atcc                 ? 
_entity_src_gen.pdbx_gene_src_organ                ? 
_entity_src_gen.pdbx_gene_src_organelle            ? 
_entity_src_gen.pdbx_gene_src_cell                 ? 
_entity_src_gen.pdbx_gene_src_cellular_location    ? 
_entity_src_gen.host_org_common_name               ? 
_entity_src_gen.pdbx_host_org_scientific_name      'Escherichia coli' 
_entity_src_gen.pdbx_host_org_ncbi_taxonomy_id     562 
_entity_src_gen.host_org_genus                     ? 
_entity_src_gen.pdbx_host_org_gene                 ? 
_entity_src_gen.pdbx_host_org_organ                ? 
_entity_src_gen.host_org_species                   ? 
_entity_src_gen.pdbx_host_org_tissue               ? 
_entity_src_gen.pdbx_host_org_tissue_fraction      ? 
_entity_src_gen.pdbx_host_org_strain               ? 
_entity_src_gen.pdbx_host_org_variant              ? 
_entity_src_gen.pdbx_host_org_cell_line            ? 
_entity_src_gen.pdbx_host_org_atcc                 ? 
_entity_src_gen.pdbx_host_org_culture_collection   ? 
_entity_src_gen.pdbx_host_org_cell                 ? 
_entity_src_gen.pdbx_host_org_organelle            ? 
_entity_src_gen.pdbx_host_org_cellular_location    ? 
_entity_src_gen.pdbx_host_org_vector_type          plasmid 
_entity_src_gen.pdbx_host_org_vector               ? 
_entity_src_gen.host_org_details                   ? 
_entity_src_gen.expression_system_id               ? 
_entity_src_gen.plasmid_name                       ? 
_entity_src_gen.plasmid_details                    ? 
_entity_src_gen.pdbx_description                   ? 
# 
loop_
_chem_comp.id 
_chem_comp.type 
_chem_comp.mon_nstd_flag 
_chem_comp.name 
_chem_comp.pdbx_synonyms 
_chem_comp.formula 
_chem_comp.formula_weight 
ALA 'L-peptide linking' y ALANINE          ? 'C3 H7 N O2'     89.093  
ARG 'L-peptide linking' y ARGININE         ? 'C6 H15 N4 O2 1' 175.209 
ASN 'L-peptide linking' y ASPARAGINE       ? 'C4 H8 N2 O3'    132.118 
ASP 'L-peptide linking' y 'ASPARTIC ACID'  ? 'C4 H7 N O4'     133.103 
CYS 'L-peptide linking' y CYSTEINE         ? 'C3 H7 N O2 S'   121.158 
FLC non-polymer         . 'CITRATE ANION'  ? 'C6 H5 O7 -3'    189.100 
GLN 'L-peptide linking' y GLUTAMINE        ? 'C5 H10 N2 O3'   146.144 
GLU 'L-peptide linking' y 'GLUTAMIC ACID'  ? 'C5 H9 N O4'     147.129 
GLY 'peptide linking'   y GLYCINE          ? 'C2 H5 N O2'     75.067  
HIS 'L-peptide linking' y HISTIDINE        ? 'C6 H10 N3 O2 1' 156.162 
HOH non-polymer         . WATER            ? 'H2 O'           18.015  
ILE 'L-peptide linking' y ISOLEUCINE       ? 'C6 H13 N O2'    131.173 
LEU 'L-peptide linking' y LEUCINE          ? 'C6 H13 N O2'    131.173 
LYS 'L-peptide linking' y LYSINE           ? 'C6 H15 N2 O2 1' 147.195 
MSE 'L-peptide linking' n SELENOMETHIONINE ? 'C5 H11 N O2 Se' 196.106 
PHE 'L-peptide linking' y PHENYLALANINE    ? 'C9 H11 N O2'    165.189 
PRO 'L-peptide linking' y PROLINE          ? 'C5 H9 N O2'     115.130 
SER 'L-peptide linking' y SERINE           ? 'C3 H7 N O3'     105.093 
THR 'L-peptide linking' y THREONINE        ? 'C4 H9 N O3'     119.119 
TYR 'L-peptide linking' y TYROSINE         ? 'C9 H11 N O3'    181.189 
VAL 'L-peptide linking' y VALINE           ? 'C5 H11 N O2'    117.146 
# 
loop_
_pdbx_poly_seq_scheme.asym_id 
_pdbx_poly_seq_scheme.entity_id 
_pdbx_poly_seq_scheme.seq_id 
_pdbx_poly_seq_scheme.mon_id 
_pdbx_poly_seq_scheme.ndb_seq_num 
_pdbx_poly_seq_scheme.pdb_seq_num 
_pdbx_poly_seq_scheme.auth_seq_num 
_pdbx_poly_seq_scheme.pdb_mon_id 
_pdbx_poly_seq_scheme.auth_mon_id 
_pdbx_poly_seq_scheme.pdb_strand_id 
_pdbx_poly_seq_scheme.pdb_ins_code 
_pdbx_poly_seq_scheme.hetero 
A 1 1   GLY 1   307 ?   ?   ?   A . n 
A 1 2   SER 2   308 308 SER SER A . n 
A 1 3   MSE 3   309 309 MSE MSE A . n 
A 1 4   LEU 4   310 310 LEU LEU A . n 
A 1 5   GLU 5   311 311 GLU GLU A . n 
A 1 6   VAL 6   312 312 VAL VAL A . n 
A 1 7   GLU 7   313 313 GLU GLU A . n 
A 1 8   LYS 8   314 314 LYS LYS A . n 
A 1 9   ALA 9   315 315 ALA ALA A . n 
A 1 10  LYS 10  316 316 LYS LYS A . n 
A 1 11  LEU 11  317 317 LEU LEU A . n 
A 1 12  PHE 12  318 318 PHE PHE A . n 
A 1 13  LEU 13  319 319 LEU LEU A . n 
A 1 14  HIS 14  320 320 HIS HIS A . n 
A 1 15  LYS 15  321 321 LYS LYS A . n 
A 1 16  ILE 16  322 322 ILE ILE A . n 
A 1 17  PRO 17  323 323 PRO PRO A . n 
A 1 18  ASN 18  324 324 ASN ASN A . n 
A 1 19  ASN 19  325 325 ASN ASN A . n 
A 1 20  VAL 20  326 326 VAL VAL A . n 
A 1 21  PRO 21  327 327 PRO PRO A . n 
A 1 22  SER 22  328 328 SER SER A . n 
A 1 23  ALA 23  329 329 ALA ALA A . n 
A 1 24  ALA 24  330 330 ALA ALA A . n 
A 1 25  LEU 25  331 331 LEU LEU A . n 
A 1 26  ALA 26  332 332 ALA ALA A . n 
A 1 27  GLN 27  333 333 GLN GLN A . n 
A 1 28  VAL 28  334 334 VAL VAL A . n 
A 1 29  LEU 29  335 335 LEU LEU A . n 
A 1 30  SER 30  336 336 SER SER A . n 
A 1 31  GLY 31  337 337 GLY GLY A . n 
A 1 32  LYS 32  338 338 LYS LYS A . n 
A 1 33  PHE 33  339 339 PHE PHE A . n 
A 1 34  THR 34  340 340 THR THR A . n 
A 1 35  LEU 35  341 341 LEU LEU A . n 
A 1 36  ASP 36  342 342 ASP ASP A . n 
A 1 37  VAL 37  343 343 VAL VAL A . n 
A 1 38  LYS 38  344 344 LYS LYS A . n 
A 1 39  GLN 39  345 345 GLN GLN A . n 
A 1 40  ALA 40  346 346 ALA ALA A . n 
A 1 41  LYS 41  347 347 LYS LYS A . n 
A 1 42  THR 42  348 348 THR THR A . n 
A 1 43  GLN 43  349 349 GLN GLN A . n 
A 1 44  GLY 44  350 350 GLY GLY A . n 
A 1 45  ARG 45  351 351 ARG ARG A . n 
A 1 46  TYR 46  352 352 TYR TYR A . n 
A 1 47  TYR 47  353 353 TYR TYR A . n 
A 1 48  CYS 48  354 354 CYS CYS A . n 
A 1 49  ALA 49  355 355 ALA ALA A . n 
A 1 50  PHE 50  356 356 PHE PHE A . n 
A 1 51  ALA 51  357 357 ALA ALA A . n 
A 1 52  LEU 52  358 358 LEU LEU A . n 
A 1 53  PHE 53  359 359 PHE PHE A . n 
A 1 54  HIS 54  360 360 HIS HIS A . n 
A 1 55  SER 55  361 361 SER SER A . n 
A 1 56  SER 56  362 362 SER SER A . n 
A 1 57  GLU 57  363 363 GLU GLU A . n 
A 1 58  ASP 58  364 364 ASP ASP A . n 
A 1 59  ALA 59  365 365 ALA ALA A . n 
A 1 60  ASP 60  366 366 ASP ASP A . n 
A 1 61  GLN 61  367 367 GLN GLN A . n 
A 1 62  ALA 62  368 368 ALA ALA A . n 
A 1 63  PHE 63  369 369 PHE PHE A . n 
A 1 64  GLU 64  370 370 GLU GLU A . n 
A 1 65  HIS 65  371 371 HIS HIS A . n 
A 1 66  ILE 66  372 372 ILE ILE A . n 
A 1 67  ASP 67  373 373 ASP ASP A . n 
A 1 68  GLY 68  374 374 GLY GLY A . n 
A 1 69  ILE 69  375 375 ILE ILE A . n 
A 1 70  GLU 70  376 376 GLU GLU A . n 
A 1 71  MSE 71  377 377 MSE MSE A . n 
A 1 72  THR 72  378 378 THR THR A . n 
A 1 73  ASP 73  379 379 ASP ASP A . n 
A 1 74  SER 74  380 380 SER SER A . n 
A 1 75  LEU 75  381 381 LEU LEU A . n 
A 1 76  GLY 76  382 382 GLY GLY A . n 
A 1 77  LEU 77  383 383 LEU LEU A . n 
A 1 78  PRO 78  384 384 PRO PRO A . n 
A 1 79  GLN 79  385 385 GLN GLN A . n 
A 1 80  LYS 80  386 386 LYS LYS A . n 
A 1 81  VAL 81  387 387 VAL VAL A . n 
A 1 82  VAL 82  388 388 VAL VAL A . n 
A 1 83  ILE 83  389 389 ILE ILE A . n 
A 1 84  ILE 84  390 390 ILE ILE A . n 
A 1 85  LYS 85  391 391 LYS LYS A . n 
A 1 86  LEU 86  392 392 LEU LEU A . n 
A 1 87  SER 87  393 393 SER SER A . n 
A 1 88  SER 88  394 394 SER SER A . n 
A 1 89  GLY 89  395 395 GLY GLY A . n 
A 1 90  SER 90  396 396 SER SER A . n 
A 1 91  ARG 91  397 397 ARG ARG A . n 
A 1 92  ALA 92  398 398 ALA ALA A . n 
A 1 93  SER 93  399 399 SER SER A . n 
A 1 94  ILE 94  400 400 ILE ILE A . n 
A 1 95  TYR 95  401 401 TYR TYR A . n 
A 1 96  VAL 96  402 402 VAL VAL A . n 
A 1 97  ARG 97  403 403 ARG ARG A . n 
A 1 98  LYS 98  404 404 LYS LYS A . n 
A 1 99  MSE 99  405 405 MSE MSE A . n 
A 1 100 VAL 100 406 406 VAL VAL A . n 
A 1 101 GLN 101 407 407 GLN GLN A . n 
A 1 102 ASP 102 408 408 ASP ASP A . n 
A 1 103 GLU 103 409 ?   ?   ?   A . n 
# 
loop_
_pdbx_nonpoly_scheme.asym_id 
_pdbx_nonpoly_scheme.entity_id 
_pdbx_nonpoly_scheme.mon_id 
_pdbx_nonpoly_scheme.ndb_seq_num 
_pdbx_nonpoly_scheme.pdb_seq_num 
_pdbx_nonpoly_scheme.auth_seq_num 
_pdbx_nonpoly_scheme.pdb_mon_id 
_pdbx_nonpoly_scheme.auth_mon_id 
_pdbx_nonpoly_scheme.pdb_strand_id 
_pdbx_nonpoly_scheme.pdb_ins_code 
B 2 FLC 1  501 501 FLC FLC A . 
C 2 FLC 1  502 502 FLC FLC A . 
D 3 HOH 1  601 601 HOH HOH A . 
D 3 HOH 2  602 602 HOH HOH A . 
D 3 HOH 3  603 603 HOH HOH A . 
D 3 HOH 4  604 604 HOH HOH A . 
D 3 HOH 5  605 605 HOH HOH A . 
D 3 HOH 6  606 606 HOH HOH A . 
D 3 HOH 7  607 607 HOH HOH A . 
D 3 HOH 8  608 608 HOH HOH A . 
D 3 HOH 9  609 609 HOH HOH A . 
D 3 HOH 10 610 610 HOH HOH A . 
D 3 HOH 11 611 611 HOH HOH A . 
D 3 HOH 12 612 612 HOH HOH A . 
D 3 HOH 13 613 613 HOH HOH A . 
D 3 HOH 14 614 614 HOH HOH A . 
D 3 HOH 15 615 615 HOH HOH A . 
D 3 HOH 16 616 616 HOH HOH A . 
D 3 HOH 17 617 617 HOH HOH A . 
D 3 HOH 18 618 618 HOH HOH A . 
D 3 HOH 19 619 619 HOH HOH A . 
D 3 HOH 20 620 620 HOH HOH A . 
D 3 HOH 21 621 621 HOH HOH A . 
D 3 HOH 22 622 622 HOH HOH A . 
D 3 HOH 23 623 623 HOH HOH A . 
D 3 HOH 24 624 624 HOH HOH A . 
D 3 HOH 25 625 625 HOH HOH A . 
D 3 HOH 26 626 626 HOH HOH A . 
D 3 HOH 27 627 627 HOH HOH A . 
D 3 HOH 28 628 628 HOH HOH A . 
D 3 HOH 29 629 629 HOH HOH A . 
D 3 HOH 30 630 630 HOH HOH A . 
D 3 HOH 31 631 631 HOH HOH A . 
D 3 HOH 32 632 632 HOH HOH A . 
D 3 HOH 33 633 633 HOH HOH A . 
D 3 HOH 34 634 634 HOH HOH A . 
D 3 HOH 35 635 635 HOH HOH A . 
D 3 HOH 36 636 636 HOH HOH A . 
D 3 HOH 37 637 637 HOH HOH A . 
D 3 HOH 38 638 638 HOH HOH A . 
D 3 HOH 39 639 639 HOH HOH A . 
D 3 HOH 40 640 640 HOH HOH A . 
D 3 HOH 41 641 641 HOH HOH A . 
D 3 HOH 42 642 642 HOH HOH A . 
D 3 HOH 43 643 643 HOH HOH A . 
D 3 HOH 44 644 644 HOH HOH A . 
D 3 HOH 45 645 645 HOH HOH A . 
D 3 HOH 46 646 646 HOH HOH A . 
D 3 HOH 47 647 647 HOH HOH A . 
D 3 HOH 48 648 648 HOH HOH A . 
D 3 HOH 49 649 649 HOH HOH A . 
D 3 HOH 50 650 650 HOH HOH A . 
D 3 HOH 51 651 651 HOH HOH A . 
D 3 HOH 52 652 652 HOH HOH A . 
D 3 HOH 53 653 653 HOH HOH A . 
D 3 HOH 54 654 654 HOH HOH A . 
D 3 HOH 55 655 655 HOH HOH A . 
D 3 HOH 56 656 656 HOH HOH A . 
D 3 HOH 57 657 657 HOH HOH A . 
D 3 HOH 58 658 658 HOH HOH A . 
D 3 HOH 59 659 659 HOH HOH A . 
D 3 HOH 60 660 660 HOH HOH A . 
D 3 HOH 61 661 661 HOH HOH A . 
D 3 HOH 62 662 662 HOH HOH A . 
D 3 HOH 63 663 663 HOH HOH A . 
D 3 HOH 64 664 664 HOH HOH A . 
D 3 HOH 65 665 665 HOH HOH A . 
D 3 HOH 66 666 666 HOH HOH A . 
D 3 HOH 67 667 667 HOH HOH A . 
D 3 HOH 68 668 668 HOH HOH A . 
D 3 HOH 69 669 669 HOH HOH A . 
D 3 HOH 70 670 670 HOH HOH A . 
D 3 HOH 71 671 671 HOH HOH A . 
D 3 HOH 72 672 672 HOH HOH A . 
D 3 HOH 73 673 673 HOH HOH A . 
D 3 HOH 74 674 674 HOH HOH A . 
# 
loop_
_pdbx_unobs_or_zero_occ_atoms.id 
_pdbx_unobs_or_zero_occ_atoms.PDB_model_num 
_pdbx_unobs_or_zero_occ_atoms.polymer_flag 
_pdbx_unobs_or_zero_occ_atoms.occupancy_flag 
_pdbx_unobs_or_zero_occ_atoms.auth_asym_id 
_pdbx_unobs_or_zero_occ_atoms.auth_comp_id 
_pdbx_unobs_or_zero_occ_atoms.auth_seq_id 
_pdbx_unobs_or_zero_occ_atoms.PDB_ins_code 
_pdbx_unobs_or_zero_occ_atoms.auth_atom_id 
_pdbx_unobs_or_zero_occ_atoms.label_alt_id 
_pdbx_unobs_or_zero_occ_atoms.label_asym_id 
_pdbx_unobs_or_zero_occ_atoms.label_comp_id 
_pdbx_unobs_or_zero_occ_atoms.label_seq_id 
_pdbx_unobs_or_zero_occ_atoms.label_atom_id 
1 1 Y 1 A GLN 349 ? CG  ? A GLN 43 CG  
2 1 Y 1 A GLN 349 ? CD  ? A GLN 43 CD  
3 1 Y 1 A GLN 349 ? OE1 ? A GLN 43 OE1 
4 1 Y 1 A GLN 349 ? NE2 ? A GLN 43 NE2 
# 
loop_
_software.citation_id 
_software.classification 
_software.compiler_name 
_software.compiler_version 
_software.contact_author 
_software.contact_author_email 
_software.date 
_software.description 
_software.dependencies 
_software.hardware 
_software.language 
_software.location 
_software.mods 
_software.name 
_software.os 
_software.os_version 
_software.type 
_software.version 
_software.pdbx_ordinal 
? refinement        ? ? ? ? ? ? ? ? ? ? ? PHENIX   ? ? ? '(1.10.1_2155: ???)' 1 
? 'data collection' ? ? ? ? ? ? ? ? ? ? ? HKL-2000 ? ? ? 0.98.699a            2 
? 'model building'  ? ? ? ? ? ? ? ? ? ? ? PHENIX   ? ? ? '(1.10.1_2155: ???)' 3 
? phasing           ? ? ? ? ? ? ? ? ? ? ? PHENIX   ? ? ? 1.8.2_1309           4 
? 'data reduction'  ? ? ? ? ? ? ? ? ? ? ? HKL-2000 ? ? ? 0.98.699a            5 
? 'data scaling'    ? ? ? ? ? ? ? ? ? ? ? HKL-2000 ? ? ? 0.98.699a            6 
# 
_cell.angle_alpha                  90.00 
_cell.angle_alpha_esd              ? 
_cell.angle_beta                   90.00 
_cell.angle_beta_esd               ? 
_cell.angle_gamma                  90.00 
_cell.angle_gamma_esd              ? 
_cell.entry_id                     5Z9Z 
_cell.details                      ? 
_cell.formula_units_Z              ? 
_cell.length_a                     41.132 
_cell.length_a_esd                 ? 
_cell.length_b                     65.620 
_cell.length_b_esd                 ? 
_cell.length_c                     74.730 
_cell.length_c_esd                 ? 
_cell.volume                       ? 
_cell.volume_esd                   ? 
_cell.Z_PDB                        8 
_cell.reciprocal_angle_alpha       ? 
_cell.reciprocal_angle_beta        ? 
_cell.reciprocal_angle_gamma       ? 
_cell.reciprocal_angle_alpha_esd   ? 
_cell.reciprocal_angle_beta_esd    ? 
_cell.reciprocal_angle_gamma_esd   ? 
_cell.reciprocal_length_a          ? 
_cell.reciprocal_length_b          ? 
_cell.reciprocal_length_c          ? 
_cell.reciprocal_length_a_esd      ? 
_cell.reciprocal_length_b_esd      ? 
_cell.reciprocal_length_c_esd      ? 
_cell.pdbx_unique_axis             ? 
# 
_symmetry.entry_id                         5Z9Z 
_symmetry.cell_setting                     ? 
_symmetry.Int_Tables_number                20 
_symmetry.space_group_name_Hall            ? 
_symmetry.space_group_name_H-M             'C 2 2 21' 
_symmetry.pdbx_full_space_group_name_H-M   ? 
# 
_exptl.absorpt_coefficient_mu     ? 
_exptl.absorpt_correction_T_max   ? 
_exptl.absorpt_correction_T_min   ? 
_exptl.absorpt_correction_type    ? 
_exptl.absorpt_process_details    ? 
_exptl.entry_id                   5Z9Z 
_exptl.crystals_number            1 
_exptl.details                    ? 
_exptl.method                     'X-RAY DIFFRACTION' 
_exptl.method_details             ? 
# 
_exptl_crystal.colour                      ? 
_exptl_crystal.density_diffrn              ? 
_exptl_crystal.density_Matthews            2.17 
_exptl_crystal.density_method              ? 
_exptl_crystal.density_percent_sol         43.37 
_exptl_crystal.description                 ? 
_exptl_crystal.F_000                       ? 
_exptl_crystal.id                          1 
_exptl_crystal.preparation                 ? 
_exptl_crystal.size_max                    ? 
_exptl_crystal.size_mid                    ? 
_exptl_crystal.size_min                    ? 
_exptl_crystal.size_rad                    ? 
_exptl_crystal.colour_lustre               ? 
_exptl_crystal.colour_modifier             ? 
_exptl_crystal.colour_primary              ? 
_exptl_crystal.density_meas                ? 
_exptl_crystal.density_meas_esd            ? 
_exptl_crystal.density_meas_gt             ? 
_exptl_crystal.density_meas_lt             ? 
_exptl_crystal.density_meas_temp           ? 
_exptl_crystal.density_meas_temp_esd       ? 
_exptl_crystal.density_meas_temp_gt        ? 
_exptl_crystal.density_meas_temp_lt        ? 
_exptl_crystal.pdbx_crystal_image_url      ? 
_exptl_crystal.pdbx_crystal_image_format   ? 
_exptl_crystal.pdbx_mosaicity              ? 
_exptl_crystal.pdbx_mosaicity_esd          ? 
# 
_exptl_crystal_grow.apparatus       ? 
_exptl_crystal_grow.atmosphere      ? 
_exptl_crystal_grow.crystal_id      1 
_exptl_crystal_grow.details         ? 
_exptl_crystal_grow.method          'VAPOR DIFFUSION, HANGING DROP' 
_exptl_crystal_grow.method_ref      ? 
_exptl_crystal_grow.pH              ? 
_exptl_crystal_grow.pressure        ? 
_exptl_crystal_grow.pressure_esd    ? 
_exptl_crystal_grow.seeding         ? 
_exptl_crystal_grow.seeding_ref     ? 
_exptl_crystal_grow.temp            290 
_exptl_crystal_grow.temp_details    ? 
_exptl_crystal_grow.temp_esd        ? 
_exptl_crystal_grow.time            ? 
_exptl_crystal_grow.pdbx_details    'PEG 3350, ammonium citrate' 
_exptl_crystal_grow.pdbx_pH_range   ? 
# 
_diffrn.ambient_environment    ? 
_diffrn.ambient_temp           80 
_diffrn.ambient_temp_details   ? 
_diffrn.ambient_temp_esd       ? 
_diffrn.crystal_id             1 
_diffrn.crystal_support        ? 
_diffrn.crystal_treatment      ? 
_diffrn.details                ? 
_diffrn.id                     1 
_diffrn.ambient_pressure       ? 
_diffrn.ambient_pressure_esd   ? 
_diffrn.ambient_pressure_gt    ? 
_diffrn.ambient_pressure_lt    ? 
_diffrn.ambient_temp_gt        ? 
_diffrn.ambient_temp_lt        ? 
# 
_diffrn_detector.details                      ? 
_diffrn_detector.detector                     CCD 
_diffrn_detector.diffrn_id                    1 
_diffrn_detector.type                         'MARMOSAIC 225 mm CCD' 
_diffrn_detector.area_resol_mean              ? 
_diffrn_detector.dtime                        ? 
_diffrn_detector.pdbx_frames_total            ? 
_diffrn_detector.pdbx_collection_time_total   ? 
_diffrn_detector.pdbx_collection_date         2013-04-11 
# 
_diffrn_radiation.collimation                      ? 
_diffrn_radiation.diffrn_id                        1 
_diffrn_radiation.filter_edge                      ? 
_diffrn_radiation.inhomogeneity                    ? 
_diffrn_radiation.monochromator                    ? 
_diffrn_radiation.polarisn_norm                    ? 
_diffrn_radiation.polarisn_ratio                   ? 
_diffrn_radiation.probe                            ? 
_diffrn_radiation.type                             ? 
_diffrn_radiation.xray_symbol                      ? 
_diffrn_radiation.wavelength_id                    1 
_diffrn_radiation.pdbx_monochromatic_or_laue_m_l   M 
_diffrn_radiation.pdbx_wavelength_list             ? 
_diffrn_radiation.pdbx_wavelength                  ? 
_diffrn_radiation.pdbx_diffrn_protocol             'SINGLE WAVELENGTH' 
_diffrn_radiation.pdbx_analyzer                    ? 
_diffrn_radiation.pdbx_scattering_type             x-ray 
# 
_diffrn_radiation_wavelength.id           1 
_diffrn_radiation_wavelength.wavelength   0.987 
_diffrn_radiation_wavelength.wt           1.0 
# 
_diffrn_source.current                     ? 
_diffrn_source.details                     ? 
_diffrn_source.diffrn_id                   1 
_diffrn_source.power                       ? 
_diffrn_source.size                        ? 
_diffrn_source.source                      SYNCHROTRON 
_diffrn_source.target                      ? 
_diffrn_source.type                        'SSRF BEAMLINE BL17U1' 
_diffrn_source.voltage                     ? 
_diffrn_source.take-off_angle              ? 
_diffrn_source.pdbx_wavelength_list        0.987 
_diffrn_source.pdbx_wavelength             ? 
_diffrn_source.pdbx_synchrotron_beamline   BL17U1 
_diffrn_source.pdbx_synchrotron_site       SSRF 
# 
_reflns.B_iso_Wilson_estimate            ? 
_reflns.entry_id                         5Z9Z 
_reflns.data_reduction_details           ? 
_reflns.data_reduction_method            ? 
_reflns.d_resolution_high                2.049 
_reflns.d_resolution_low                 34.96 
_reflns.details                          ? 
_reflns.limit_h_max                      ? 
_reflns.limit_h_min                      ? 
_reflns.limit_k_max                      ? 
_reflns.limit_k_min                      ? 
_reflns.limit_l_max                      ? 
_reflns.limit_l_min                      ? 
_reflns.number_all                       ? 
_reflns.number_obs                       6556 
_reflns.observed_criterion               ? 
_reflns.observed_criterion_F_max         ? 
_reflns.observed_criterion_F_min         ? 
_reflns.observed_criterion_I_max         ? 
_reflns.observed_criterion_I_min         ? 
_reflns.observed_criterion_sigma_F       ? 
_reflns.observed_criterion_sigma_I       ? 
_reflns.percent_possible_obs             99.56 
_reflns.R_free_details                   ? 
_reflns.Rmerge_F_all                     ? 
_reflns.Rmerge_F_obs                     ? 
_reflns.Friedel_coverage                 ? 
_reflns.number_gt                        ? 
_reflns.threshold_expression             ? 
_reflns.pdbx_redundancy                  13.7 
_reflns.pdbx_Rmerge_I_obs                ? 
_reflns.pdbx_Rmerge_I_all                ? 
_reflns.pdbx_Rsym_value                  ? 
_reflns.pdbx_netI_over_av_sigmaI         ? 
_reflns.pdbx_netI_over_sigmaI            29.4 
_reflns.pdbx_res_netI_over_av_sigmaI_2   ? 
_reflns.pdbx_res_netI_over_sigmaI_2      ? 
_reflns.pdbx_chi_squared                 ? 
_reflns.pdbx_scaling_rejects             ? 
_reflns.pdbx_d_res_high_opt              ? 
_reflns.pdbx_d_res_low_opt               ? 
_reflns.pdbx_d_res_opt_method            ? 
_reflns.phase_calculation_details        ? 
_reflns.pdbx_Rrim_I_all                  ? 
_reflns.pdbx_Rpim_I_all                  ? 
_reflns.pdbx_d_opt                       ? 
_reflns.pdbx_number_measured_all         ? 
_reflns.pdbx_diffrn_id                   1 
_reflns.pdbx_ordinal                     1 
_reflns.pdbx_CC_half                     ? 
_reflns.pdbx_R_split                     ? 
# 
_reflns_shell.d_res_high                  2.05 
_reflns_shell.d_res_low                   2.12 
_reflns_shell.meanI_over_sigI_all         ? 
_reflns_shell.meanI_over_sigI_obs         ? 
_reflns_shell.number_measured_all         ? 
_reflns_shell.number_measured_obs         ? 
_reflns_shell.number_possible             ? 
_reflns_shell.number_unique_all           ? 
_reflns_shell.number_unique_obs           ? 
_reflns_shell.percent_possible_all        ? 
_reflns_shell.percent_possible_obs        ? 
_reflns_shell.Rmerge_F_all                ? 
_reflns_shell.Rmerge_F_obs                ? 
_reflns_shell.Rmerge_I_all                ? 
_reflns_shell.Rmerge_I_obs                ? 
_reflns_shell.meanI_over_sigI_gt          ? 
_reflns_shell.meanI_over_uI_all           ? 
_reflns_shell.meanI_over_uI_gt            ? 
_reflns_shell.number_measured_gt          ? 
_reflns_shell.number_unique_gt            ? 
_reflns_shell.percent_possible_gt         ? 
_reflns_shell.Rmerge_F_gt                 ? 
_reflns_shell.Rmerge_I_gt                 ? 
_reflns_shell.pdbx_redundancy             ? 
_reflns_shell.pdbx_Rsym_value             ? 
_reflns_shell.pdbx_chi_squared            ? 
_reflns_shell.pdbx_netI_over_sigmaI_all   ? 
_reflns_shell.pdbx_netI_over_sigmaI_obs   ? 
_reflns_shell.pdbx_Rrim_I_all             ? 
_reflns_shell.pdbx_Rpim_I_all             ? 
_reflns_shell.pdbx_rejects                ? 
_reflns_shell.pdbx_ordinal                1 
_reflns_shell.pdbx_diffrn_id              1 
_reflns_shell.pdbx_CC_half                ? 
_reflns_shell.pdbx_R_split                ? 
# 
_refine.aniso_B[1][1]                            ? 
_refine.aniso_B[1][2]                            ? 
_refine.aniso_B[1][3]                            ? 
_refine.aniso_B[2][2]                            ? 
_refine.aniso_B[2][3]                            ? 
_refine.aniso_B[3][3]                            ? 
_refine.B_iso_max                                ? 
_refine.B_iso_mean                               ? 
_refine.B_iso_min                                ? 
_refine.correlation_coeff_Fo_to_Fc               ? 
_refine.correlation_coeff_Fo_to_Fc_free          ? 
_refine.details                                  ? 
_refine.diff_density_max                         ? 
_refine.diff_density_max_esd                     ? 
_refine.diff_density_min                         ? 
_refine.diff_density_min_esd                     ? 
_refine.diff_density_rms                         ? 
_refine.diff_density_rms_esd                     ? 
_refine.entry_id                                 5Z9Z 
_refine.pdbx_refine_id                           'X-RAY DIFFRACTION' 
_refine.ls_abs_structure_details                 ? 
_refine.ls_abs_structure_Flack                   ? 
_refine.ls_abs_structure_Flack_esd               ? 
_refine.ls_abs_structure_Rogers                  ? 
_refine.ls_abs_structure_Rogers_esd              ? 
_refine.ls_d_res_high                            2.049 
_refine.ls_d_res_low                             34.851 
_refine.ls_extinction_coef                       ? 
_refine.ls_extinction_coef_esd                   ? 
_refine.ls_extinction_expression                 ? 
_refine.ls_extinction_method                     ? 
_refine.ls_goodness_of_fit_all                   ? 
_refine.ls_goodness_of_fit_all_esd               ? 
_refine.ls_goodness_of_fit_obs                   ? 
_refine.ls_goodness_of_fit_obs_esd               ? 
_refine.ls_hydrogen_treatment                    ? 
_refine.ls_matrix_type                           ? 
_refine.ls_number_constraints                    ? 
_refine.ls_number_parameters                     ? 
_refine.ls_number_reflns_all                     ? 
_refine.ls_number_reflns_obs                     6539 
_refine.ls_number_reflns_R_free                  649 
_refine.ls_number_reflns_R_work                  ? 
_refine.ls_number_restraints                     ? 
_refine.ls_percent_reflns_obs                    98.78 
_refine.ls_percent_reflns_R_free                 9.93 
_refine.ls_R_factor_all                          ? 
_refine.ls_R_factor_obs                          0.1807 
_refine.ls_R_factor_R_free                       0.227 
_refine.ls_R_factor_R_free_error                 ? 
_refine.ls_R_factor_R_free_error_details         ? 
_refine.ls_R_factor_R_work                       0.178 
_refine.ls_R_Fsqd_factor_obs                     ? 
_refine.ls_R_I_factor_obs                        ? 
_refine.ls_redundancy_reflns_all                 ? 
_refine.ls_redundancy_reflns_obs                 ? 
_refine.ls_restrained_S_all                      ? 
_refine.ls_restrained_S_obs                      ? 
_refine.ls_shift_over_esd_max                    ? 
_refine.ls_shift_over_esd_mean                   ? 
_refine.ls_structure_factor_coef                 ? 
_refine.ls_weighting_details                     ? 
_refine.ls_weighting_scheme                      ? 
_refine.ls_wR_factor_all                         ? 
_refine.ls_wR_factor_obs                         ? 
_refine.ls_wR_factor_R_free                      ? 
_refine.ls_wR_factor_R_work                      ? 
_refine.occupancy_max                            ? 
_refine.occupancy_min                            ? 
_refine.solvent_model_details                    ? 
_refine.solvent_model_param_bsol                 ? 
_refine.solvent_model_param_ksol                 ? 
_refine.ls_R_factor_gt                           ? 
_refine.ls_goodness_of_fit_gt                    ? 
_refine.ls_goodness_of_fit_ref                   ? 
_refine.ls_shift_over_su_max                     ? 
_refine.ls_shift_over_su_max_lt                  ? 
_refine.ls_shift_over_su_mean                    ? 
_refine.ls_shift_over_su_mean_lt                 ? 
_refine.pdbx_ls_sigma_I                          ? 
_refine.pdbx_ls_sigma_F                          0.00 
_refine.pdbx_ls_sigma_Fsqd                       ? 
_refine.pdbx_data_cutoff_high_absF               ? 
_refine.pdbx_data_cutoff_high_rms_absF           ? 
_refine.pdbx_data_cutoff_low_absF                ? 
_refine.pdbx_isotropic_thermal_model             ? 
_refine.pdbx_ls_cross_valid_method               'FREE R-VALUE' 
_refine.pdbx_method_to_determine_struct          SAD 
_refine.pdbx_starting_model                      ? 
_refine.pdbx_stereochemistry_target_values       ? 
_refine.pdbx_R_Free_selection_details            ? 
_refine.pdbx_stereochem_target_val_spec_case     ? 
_refine.pdbx_overall_ESU_R                       ? 
_refine.pdbx_overall_ESU_R_Free                  ? 
_refine.pdbx_solvent_vdw_probe_radii             1.11 
_refine.pdbx_solvent_ion_probe_radii             ? 
_refine.pdbx_solvent_shrinkage_radii             0.90 
_refine.pdbx_real_space_R                        ? 
_refine.pdbx_density_correlation                 ? 
_refine.pdbx_pd_number_of_powder_patterns        ? 
_refine.pdbx_pd_number_of_points                 ? 
_refine.pdbx_pd_meas_number_of_points            ? 
_refine.pdbx_pd_proc_ls_prof_R_factor            ? 
_refine.pdbx_pd_proc_ls_prof_wR_factor           ? 
_refine.pdbx_pd_Marquardt_correlation_coeff      ? 
_refine.pdbx_pd_Fsqrd_R_factor                   ? 
_refine.pdbx_pd_ls_matrix_band_width             ? 
_refine.pdbx_overall_phase_error                 22.81 
_refine.pdbx_overall_SU_R_free_Cruickshank_DPI   ? 
_refine.pdbx_overall_SU_R_free_Blow_DPI          ? 
_refine.pdbx_overall_SU_R_Blow_DPI               ? 
_refine.pdbx_TLS_residual_ADP_flag               ? 
_refine.pdbx_diffrn_id                           1 
_refine.overall_SU_B                             ? 
_refine.overall_SU_ML                            0.24 
_refine.overall_SU_R_Cruickshank_DPI             ? 
_refine.overall_SU_R_free                        ? 
_refine.overall_FOM_free_R_set                   ? 
_refine.overall_FOM_work_R_set                   ? 
_refine.pdbx_average_fsc_overall                 ? 
_refine.pdbx_average_fsc_work                    ? 
_refine.pdbx_average_fsc_free                    ? 
# 
_refine_hist.pdbx_refine_id                   'X-RAY DIFFRACTION' 
_refine_hist.cycle_id                         LAST 
_refine_hist.pdbx_number_atoms_protein        780 
_refine_hist.pdbx_number_atoms_nucleic_acid   0 
_refine_hist.pdbx_number_atoms_ligand         26 
_refine_hist.number_atoms_solvent             74 
_refine_hist.number_atoms_total               880 
_refine_hist.d_res_high                       2.049 
_refine_hist.d_res_low                        34.851 
# 
loop_
_refine_ls_restr.pdbx_refine_id 
_refine_ls_restr.criterion 
_refine_ls_restr.dev_ideal 
_refine_ls_restr.dev_ideal_target 
_refine_ls_restr.number 
_refine_ls_restr.rejects 
_refine_ls_restr.type 
_refine_ls_restr.weight 
_refine_ls_restr.pdbx_restraint_function 
'X-RAY DIFFRACTION' ? 0.003  ? 817  ? f_bond_d           ? ? 
'X-RAY DIFFRACTION' ? 0.579  ? 1101 ? f_angle_d          ? ? 
'X-RAY DIFFRACTION' ? 14.420 ? 496  ? f_dihedral_angle_d ? ? 
'X-RAY DIFFRACTION' ? 0.044  ? 123  ? f_chiral_restr     ? ? 
'X-RAY DIFFRACTION' ? 0.002  ? 141  ? f_plane_restr      ? ? 
# 
loop_
_refine_ls_shell.pdbx_refine_id 
_refine_ls_shell.d_res_high 
_refine_ls_shell.d_res_low 
_refine_ls_shell.number_reflns_all 
_refine_ls_shell.number_reflns_obs 
_refine_ls_shell.number_reflns_R_free 
_refine_ls_shell.number_reflns_R_work 
_refine_ls_shell.percent_reflns_obs 
_refine_ls_shell.percent_reflns_R_free 
_refine_ls_shell.R_factor_all 
_refine_ls_shell.R_factor_obs 
_refine_ls_shell.R_factor_R_free 
_refine_ls_shell.R_factor_R_free_error 
_refine_ls_shell.R_factor_R_work 
_refine_ls_shell.redundancy_reflns_all 
_refine_ls_shell.redundancy_reflns_obs 
_refine_ls_shell.wR_factor_all 
_refine_ls_shell.wR_factor_obs 
_refine_ls_shell.wR_factor_R_free 
_refine_ls_shell.wR_factor_R_work 
_refine_ls_shell.pdbx_total_number_of_bins_used 
_refine_ls_shell.pdbx_phase_error 
_refine_ls_shell.pdbx_fsc_work 
_refine_ls_shell.pdbx_fsc_free 
'X-RAY DIFFRACTION' 2.0493 2.2075  . . 118 1113 96.00  . . . 0.2633 . 0.1892 . . . . . . . . . . 
'X-RAY DIFFRACTION' 2.2075 2.4296  . . 134 1171 100.00 . . . 0.2821 . 0.1887 . . . . . . . . . . 
'X-RAY DIFFRACTION' 2.4296 2.7811  . . 133 1169 100.00 . . . 0.2661 . 0.1898 . . . . . . . . . . 
'X-RAY DIFFRACTION' 2.7811 3.5033  . . 127 1196 100.00 . . . 0.2236 . 0.1754 . . . . . . . . . . 
'X-RAY DIFFRACTION' 3.5033 34.8563 . . 137 1241 99.00  . . . 0.2030 . 0.1616 . . . . . . . . . . 
# 
_struct.entry_id                     5Z9Z 
_struct.title                        'The C-terminal RRM domain of Arabidopsis SMALL RNA DEGRADING NUCLEASE 1 (E329A/E330A/E332A)' 
_struct.pdbx_model_details           ? 
_struct.pdbx_formula_weight          ? 
_struct.pdbx_formula_weight_method   ? 
_struct.pdbx_model_type_details      ? 
_struct.pdbx_CASP_flag               N 
# 
_struct_keywords.entry_id        5Z9Z 
_struct_keywords.text            'RNA Recognition Motif, RNA BINDING PROTEIN' 
_struct_keywords.pdbx_keywords   'RNA BINDING PROTEIN' 
# 
loop_
_struct_asym.id 
_struct_asym.pdbx_blank_PDB_chainid_flag 
_struct_asym.pdbx_modified 
_struct_asym.entity_id 
_struct_asym.details 
A N N 1 ? 
B N N 2 ? 
C N N 2 ? 
D N N 3 ? 
# 
_struct_ref.id                         1 
_struct_ref.db_name                    UNP 
_struct_ref.db_code                    SDN1_ARATH 
_struct_ref.pdbx_db_accession          A3KPE8 
_struct_ref.pdbx_db_isoform            ? 
_struct_ref.entity_id                  1 
_struct_ref.pdbx_seq_one_letter_code   
;MLEVEKAKLFLHKIPNNVPSEELEQVLSGKFTLDVKQAKTQGRYYCAFALFHSSEDADQAFEHIDGIEMTDSLGLPQKVV
IIKLSSGSRASIYVRKMVQDE
;
_struct_ref.pdbx_align_begin           309 
# 
_struct_ref_seq.align_id                      1 
_struct_ref_seq.ref_id                        1 
_struct_ref_seq.pdbx_PDB_id_code              5Z9Z 
_struct_ref_seq.pdbx_strand_id                A 
_struct_ref_seq.seq_align_beg                 3 
_struct_ref_seq.pdbx_seq_align_beg_ins_code   ? 
_struct_ref_seq.seq_align_end                 103 
_struct_ref_seq.pdbx_seq_align_end_ins_code   ? 
_struct_ref_seq.pdbx_db_accession             A3KPE8 
_struct_ref_seq.db_align_beg                  309 
_struct_ref_seq.pdbx_db_align_beg_ins_code    ? 
_struct_ref_seq.db_align_end                  409 
_struct_ref_seq.pdbx_db_align_end_ins_code    ? 
_struct_ref_seq.pdbx_auth_seq_align_beg       309 
_struct_ref_seq.pdbx_auth_seq_align_end       409 
# 
loop_
_struct_ref_seq_dif.align_id 
_struct_ref_seq_dif.pdbx_pdb_id_code 
_struct_ref_seq_dif.mon_id 
_struct_ref_seq_dif.pdbx_pdb_strand_id 
_struct_ref_seq_dif.seq_num 
_struct_ref_seq_dif.pdbx_pdb_ins_code 
_struct_ref_seq_dif.pdbx_seq_db_name 
_struct_ref_seq_dif.pdbx_seq_db_accession_code 
_struct_ref_seq_dif.db_mon_id 
_struct_ref_seq_dif.pdbx_seq_db_seq_num 
_struct_ref_seq_dif.details 
_struct_ref_seq_dif.pdbx_auth_seq_num 
_struct_ref_seq_dif.pdbx_ordinal 
1 5Z9Z GLY A 1  ? UNP A3KPE8 ?   ?   'expression tag'      307 1 
1 5Z9Z SER A 2  ? UNP A3KPE8 ?   ?   'expression tag'      308 2 
1 5Z9Z ALA A 23 ? UNP A3KPE8 GLU 329 'engineered mutation' 329 3 
1 5Z9Z ALA A 24 ? UNP A3KPE8 GLU 330 'engineered mutation' 330 4 
1 5Z9Z ALA A 26 ? UNP A3KPE8 GLU 332 'engineered mutation' 332 5 
# 
_pdbx_struct_assembly.id                   1 
_pdbx_struct_assembly.details              author_and_software_defined_assembly 
_pdbx_struct_assembly.method_details       PISA 
_pdbx_struct_assembly.oligomeric_details   monomeric 
_pdbx_struct_assembly.oligomeric_count     1 
# 
loop_
_pdbx_struct_assembly_prop.biol_id 
_pdbx_struct_assembly_prop.type 
_pdbx_struct_assembly_prop.value 
_pdbx_struct_assembly_prop.details 
1 'ABSA (A^2)' 480  ? 
1 MORE         -0   ? 
1 'SSA (A^2)'  6610 ? 
# 
_pdbx_struct_assembly_gen.assembly_id       1 
_pdbx_struct_assembly_gen.oper_expression   1 
_pdbx_struct_assembly_gen.asym_id_list      A,B,C,D 
# 
_pdbx_struct_assembly_auth_evidence.id                     1 
_pdbx_struct_assembly_auth_evidence.assembly_id            1 
_pdbx_struct_assembly_auth_evidence.experimental_support   'gel filtration' 
_pdbx_struct_assembly_auth_evidence.details                ? 
# 
_pdbx_struct_oper_list.id                   1 
_pdbx_struct_oper_list.type                 'identity operation' 
_pdbx_struct_oper_list.name                 1_555 
_pdbx_struct_oper_list.symmetry_operation   x,y,z 
_pdbx_struct_oper_list.matrix[1][1]         1.0000000000 
_pdbx_struct_oper_list.matrix[1][2]         0.0000000000 
_pdbx_struct_oper_list.matrix[1][3]         0.0000000000 
_pdbx_struct_oper_list.vector[1]            0.0000000000 
_pdbx_struct_oper_list.matrix[2][1]         0.0000000000 
_pdbx_struct_oper_list.matrix[2][2]         1.0000000000 
_pdbx_struct_oper_list.matrix[2][3]         0.0000000000 
_pdbx_struct_oper_list.vector[2]            0.0000000000 
_pdbx_struct_oper_list.matrix[3][1]         0.0000000000 
_pdbx_struct_oper_list.matrix[3][2]         0.0000000000 
_pdbx_struct_oper_list.matrix[3][3]         1.0000000000 
_pdbx_struct_oper_list.vector[3]            0.0000000000 
# 
loop_
_struct_conf.conf_type_id 
_struct_conf.id 
_struct_conf.pdbx_PDB_helix_id 
_struct_conf.beg_label_comp_id 
_struct_conf.beg_label_asym_id 
_struct_conf.beg_label_seq_id 
_struct_conf.pdbx_beg_PDB_ins_code 
_struct_conf.end_label_comp_id 
_struct_conf.end_label_asym_id 
_struct_conf.end_label_seq_id 
_struct_conf.pdbx_end_PDB_ins_code 
_struct_conf.beg_auth_comp_id 
_struct_conf.beg_auth_asym_id 
_struct_conf.beg_auth_seq_id 
_struct_conf.end_auth_comp_id 
_struct_conf.end_auth_asym_id 
_struct_conf.end_auth_seq_id 
_struct_conf.pdbx_PDB_helix_class 
_struct_conf.details 
_struct_conf.pdbx_PDB_helix_length 
HELX_P HELX_P1 AA1 SER A 2  ? LYS A 8  ? SER A 308 LYS A 314 1 ? 7  
HELX_P HELX_P2 AA2 PRO A 21 ? LEU A 29 ? PRO A 327 LEU A 335 5 ? 9  
HELX_P HELX_P3 AA3 SER A 55 ? ILE A 66 ? SER A 361 ILE A 372 1 ? 12 
# 
_struct_conf_type.id          HELX_P 
_struct_conf_type.criteria    ? 
_struct_conf_type.reference   ? 
# 
loop_
_struct_conn.id 
_struct_conn.conn_type_id 
_struct_conn.pdbx_leaving_atom_flag 
_struct_conn.pdbx_PDB_id 
_struct_conn.ptnr1_label_asym_id 
_struct_conn.ptnr1_label_comp_id 
_struct_conn.ptnr1_label_seq_id 
_struct_conn.ptnr1_label_atom_id 
_struct_conn.pdbx_ptnr1_label_alt_id 
_struct_conn.pdbx_ptnr1_PDB_ins_code 
_struct_conn.pdbx_ptnr1_standard_comp_id 
_struct_conn.ptnr1_symmetry 
_struct_conn.ptnr2_label_asym_id 
_struct_conn.ptnr2_label_comp_id 
_struct_conn.ptnr2_label_seq_id 
_struct_conn.ptnr2_label_atom_id 
_struct_conn.pdbx_ptnr2_label_alt_id 
_struct_conn.pdbx_ptnr2_PDB_ins_code 
_struct_conn.ptnr1_auth_asym_id 
_struct_conn.ptnr1_auth_comp_id 
_struct_conn.ptnr1_auth_seq_id 
_struct_conn.ptnr2_auth_asym_id 
_struct_conn.ptnr2_auth_comp_id 
_struct_conn.ptnr2_auth_seq_id 
_struct_conn.ptnr2_symmetry 
_struct_conn.pdbx_ptnr3_label_atom_id 
_struct_conn.pdbx_ptnr3_label_seq_id 
_struct_conn.pdbx_ptnr3_label_comp_id 
_struct_conn.pdbx_ptnr3_label_asym_id 
_struct_conn.pdbx_ptnr3_label_alt_id 
_struct_conn.pdbx_ptnr3_PDB_ins_code 
_struct_conn.details 
_struct_conn.pdbx_dist_value 
_struct_conn.pdbx_value_order 
_struct_conn.pdbx_role 
covale1 covale both ? A SER 2  C ? ? ? 1_555 A MSE 3   N ? ? A SER 308 A MSE 309 1_555 ? ? ? ? ? ? ? 1.331 ? ? 
covale2 covale both ? A MSE 3  C ? ? ? 1_555 A LEU 4   N ? ? A MSE 309 A LEU 310 1_555 ? ? ? ? ? ? ? 1.335 ? ? 
covale3 covale both ? A GLU 70 C ? ? ? 1_555 A MSE 71  N ? ? A GLU 376 A MSE 377 1_555 ? ? ? ? ? ? ? 1.327 ? ? 
covale4 covale both ? A MSE 71 C ? ? ? 1_555 A THR 72  N ? ? A MSE 377 A THR 378 1_555 ? ? ? ? ? ? ? 1.331 ? ? 
covale5 covale both ? A LYS 98 C ? ? ? 1_555 A MSE 99  N ? ? A LYS 404 A MSE 405 1_555 ? ? ? ? ? ? ? 1.324 ? ? 
covale6 covale both ? A MSE 99 C ? ? ? 1_555 A VAL 100 N ? ? A MSE 405 A VAL 406 1_555 ? ? ? ? ? ? ? 1.329 ? ? 
# 
_struct_conn_type.id          covale 
_struct_conn_type.criteria    ? 
_struct_conn_type.reference   ? 
# 
loop_
_pdbx_modification_feature.ordinal 
_pdbx_modification_feature.label_comp_id 
_pdbx_modification_feature.label_asym_id 
_pdbx_modification_feature.label_seq_id 
_pdbx_modification_feature.label_alt_id 
_pdbx_modification_feature.modified_residue_label_comp_id 
_pdbx_modification_feature.modified_residue_label_asym_id 
_pdbx_modification_feature.modified_residue_label_seq_id 
_pdbx_modification_feature.modified_residue_label_alt_id 
_pdbx_modification_feature.auth_comp_id 
_pdbx_modification_feature.auth_asym_id 
_pdbx_modification_feature.auth_seq_id 
_pdbx_modification_feature.PDB_ins_code 
_pdbx_modification_feature.symmetry 
_pdbx_modification_feature.modified_residue_auth_comp_id 
_pdbx_modification_feature.modified_residue_auth_asym_id 
_pdbx_modification_feature.modified_residue_auth_seq_id 
_pdbx_modification_feature.modified_residue_PDB_ins_code 
_pdbx_modification_feature.modified_residue_symmetry 
_pdbx_modification_feature.comp_id_linking_atom 
_pdbx_modification_feature.modified_residue_id_linking_atom 
_pdbx_modification_feature.modified_residue_id 
_pdbx_modification_feature.ref_pcm_id 
_pdbx_modification_feature.ref_comp_id 
_pdbx_modification_feature.type 
_pdbx_modification_feature.category 
1 MSE A 3  ? . . . . MSE A 309 ? 1_555 . . . . . . . MET 1 MSE Selenomethionine 'Named protein modification' 
2 MSE A 71 ? . . . . MSE A 377 ? 1_555 . . . . . . . MET 1 MSE Selenomethionine 'Named protein modification' 
3 MSE A 99 ? . . . . MSE A 405 ? 1_555 . . . . . . . MET 1 MSE Selenomethionine 'Named protein modification' 
# 
_struct_sheet.id               AA1 
_struct_sheet.type             ? 
_struct_sheet.number_strands   6 
_struct_sheet.details          ? 
# 
loop_
_struct_sheet_order.sheet_id 
_struct_sheet_order.range_id_1 
_struct_sheet_order.range_id_2 
_struct_sheet_order.offset 
_struct_sheet_order.sense 
AA1 1 2 ? anti-parallel 
AA1 2 3 ? anti-parallel 
AA1 3 4 ? anti-parallel 
AA1 4 5 ? anti-parallel 
AA1 5 6 ? anti-parallel 
# 
loop_
_struct_sheet_range.sheet_id 
_struct_sheet_range.id 
_struct_sheet_range.beg_label_comp_id 
_struct_sheet_range.beg_label_asym_id 
_struct_sheet_range.beg_label_seq_id 
_struct_sheet_range.pdbx_beg_PDB_ins_code 
_struct_sheet_range.end_label_comp_id 
_struct_sheet_range.end_label_asym_id 
_struct_sheet_range.end_label_seq_id 
_struct_sheet_range.pdbx_end_PDB_ins_code 
_struct_sheet_range.beg_auth_comp_id 
_struct_sheet_range.beg_auth_asym_id 
_struct_sheet_range.beg_auth_seq_id 
_struct_sheet_range.end_auth_comp_id 
_struct_sheet_range.end_auth_asym_id 
_struct_sheet_range.end_auth_seq_id 
AA1 1 PHE A 33 ? VAL A 37 ? PHE A 339 VAL A 343 
AA1 2 TYR A 46 ? PHE A 53 ? TYR A 352 PHE A 359 
AA1 3 LYS A 10 ? PRO A 17 ? LYS A 316 PRO A 323 
AA1 4 ARG A 91 ? LYS A 98 ? ARG A 397 LYS A 404 
AA1 5 PRO A 78 ? LYS A 85 ? PRO A 384 LYS A 391 
AA1 6 ILE A 69 ? THR A 72 ? ILE A 375 THR A 378 
# 
loop_
_pdbx_struct_sheet_hbond.sheet_id 
_pdbx_struct_sheet_hbond.range_id_1 
_pdbx_struct_sheet_hbond.range_id_2 
_pdbx_struct_sheet_hbond.range_1_label_atom_id 
_pdbx_struct_sheet_hbond.range_1_label_comp_id 
_pdbx_struct_sheet_hbond.range_1_label_asym_id 
_pdbx_struct_sheet_hbond.range_1_label_seq_id 
_pdbx_struct_sheet_hbond.range_1_PDB_ins_code 
_pdbx_struct_sheet_hbond.range_1_auth_atom_id 
_pdbx_struct_sheet_hbond.range_1_auth_comp_id 
_pdbx_struct_sheet_hbond.range_1_auth_asym_id 
_pdbx_struct_sheet_hbond.range_1_auth_seq_id 
_pdbx_struct_sheet_hbond.range_2_label_atom_id 
_pdbx_struct_sheet_hbond.range_2_label_comp_id 
_pdbx_struct_sheet_hbond.range_2_label_asym_id 
_pdbx_struct_sheet_hbond.range_2_label_seq_id 
_pdbx_struct_sheet_hbond.range_2_PDB_ins_code 
_pdbx_struct_sheet_hbond.range_2_auth_atom_id 
_pdbx_struct_sheet_hbond.range_2_auth_comp_id 
_pdbx_struct_sheet_hbond.range_2_auth_asym_id 
_pdbx_struct_sheet_hbond.range_2_auth_seq_id 
AA1 1 2 N ASP A 36 ? N ASP A 342 O PHE A 50 ? O PHE A 356 
AA1 2 3 O ALA A 49 ? O ALA A 355 N LEU A 13 ? N LEU A 319 
AA1 3 4 N PHE A 12 ? N PHE A 318 O ARG A 97 ? O ARG A 403 
AA1 4 5 O VAL A 96 ? O VAL A 402 N LYS A 80 ? N LYS A 386 
AA1 5 6 O GLN A 79 ? O GLN A 385 N MSE A 71 ? N MSE A 377 
# 
loop_
_struct_site.id 
_struct_site.pdbx_evidence_code 
_struct_site.pdbx_auth_asym_id 
_struct_site.pdbx_auth_comp_id 
_struct_site.pdbx_auth_seq_id 
_struct_site.pdbx_auth_ins_code 
_struct_site.pdbx_num_residues 
_struct_site.details 
AC1 Software A FLC 501 ? 11 'binding site for residue FLC A 501' 
AC2 Software A FLC 502 ? 9  'binding site for residue FLC A 502' 
# 
loop_
_struct_site_gen.id 
_struct_site_gen.site_id 
_struct_site_gen.pdbx_num_res 
_struct_site_gen.label_comp_id 
_struct_site_gen.label_asym_id 
_struct_site_gen.label_seq_id 
_struct_site_gen.pdbx_auth_ins_code 
_struct_site_gen.auth_comp_id 
_struct_site_gen.auth_asym_id 
_struct_site_gen.auth_seq_id 
_struct_site_gen.label_atom_id 
_struct_site_gen.label_alt_id 
_struct_site_gen.symmetry 
_struct_site_gen.details 
1  AC1 11 HIS A 14 ? HIS A 320 . ? 1_555 ? 
2  AC1 11 LYS A 15 ? LYS A 321 . ? 1_555 ? 
3  AC1 11 LYS A 38 ? LYS A 344 . ? 1_555 ? 
4  AC1 11 TYR A 47 ? TYR A 353 . ? 1_555 ? 
5  AC1 11 CYS A 48 ? CYS A 354 . ? 1_555 ? 
6  AC1 11 ILE A 69 ? ILE A 375 . ? 8_456 ? 
7  AC1 11 FLC C .  ? FLC A 502 . ? 1_555 ? 
8  AC1 11 HOH D .  ? HOH A 601 . ? 1_555 ? 
9  AC1 11 HOH D .  ? HOH A 613 . ? 1_555 ? 
10 AC1 11 HOH D .  ? HOH A 615 . ? 1_555 ? 
11 AC1 11 HOH D .  ? HOH A 650 . ? 1_555 ? 
12 AC2 9  SER A 2  ? SER A 308 . ? 8_556 ? 
13 AC2 9  LEU A 4  ? LEU A 310 . ? 8_556 ? 
14 AC2 9  LYS A 15 ? LYS A 321 . ? 1_555 ? 
15 AC2 9  LYS A 41 ? LYS A 347 . ? 1_555 ? 
16 AC2 9  TYR A 46 ? TYR A 352 . ? 1_555 ? 
17 AC2 9  FLC B .  ? FLC A 501 . ? 1_555 ? 
18 AC2 9  HOH D .  ? HOH A 607 . ? 1_555 ? 
19 AC2 9  HOH D .  ? HOH A 613 . ? 1_555 ? 
20 AC2 9  HOH D .  ? HOH A 620 . ? 1_555 ? 
# 
_pdbx_entry_details.entry_id                   5Z9Z 
_pdbx_entry_details.compound_details           ? 
_pdbx_entry_details.source_details             ? 
_pdbx_entry_details.nonpolymer_details         ? 
_pdbx_entry_details.sequence_details           ? 
_pdbx_entry_details.has_ligand_of_interest     ? 
_pdbx_entry_details.has_protein_modification   Y 
# 
_pdbx_validate_torsion.id              1 
_pdbx_validate_torsion.PDB_model_num   1 
_pdbx_validate_torsion.auth_comp_id    GLN 
_pdbx_validate_torsion.auth_asym_id    A 
_pdbx_validate_torsion.auth_seq_id     407 
_pdbx_validate_torsion.PDB_ins_code    ? 
_pdbx_validate_torsion.label_alt_id    ? 
_pdbx_validate_torsion.phi             -118.80 
_pdbx_validate_torsion.psi             68.78 
# 
loop_
_pdbx_struct_mod_residue.id 
_pdbx_struct_mod_residue.label_asym_id 
_pdbx_struct_mod_residue.label_comp_id 
_pdbx_struct_mod_residue.label_seq_id 
_pdbx_struct_mod_residue.auth_asym_id 
_pdbx_struct_mod_residue.auth_comp_id 
_pdbx_struct_mod_residue.auth_seq_id 
_pdbx_struct_mod_residue.PDB_ins_code 
_pdbx_struct_mod_residue.parent_comp_id 
_pdbx_struct_mod_residue.details 
1 A MSE 3  A MSE 309 ? MET 'modified residue' 
2 A MSE 71 A MSE 377 ? MET 'modified residue' 
3 A MSE 99 A MSE 405 ? MET 'modified residue' 
# 
_pdbx_struct_special_symmetry.id              1 
_pdbx_struct_special_symmetry.PDB_model_num   1 
_pdbx_struct_special_symmetry.auth_asym_id    A 
_pdbx_struct_special_symmetry.auth_comp_id    HOH 
_pdbx_struct_special_symmetry.auth_seq_id     635 
_pdbx_struct_special_symmetry.PDB_ins_code    ? 
_pdbx_struct_special_symmetry.label_asym_id   D 
_pdbx_struct_special_symmetry.label_comp_id   HOH 
_pdbx_struct_special_symmetry.label_seq_id    . 
# 
loop_
_pdbx_refine_tls.pdbx_refine_id 
_pdbx_refine_tls.id 
_pdbx_refine_tls.details 
_pdbx_refine_tls.method 
_pdbx_refine_tls.origin_x 
_pdbx_refine_tls.origin_y 
_pdbx_refine_tls.origin_z 
_pdbx_refine_tls.T[1][1] 
_pdbx_refine_tls.T[2][2] 
_pdbx_refine_tls.T[3][3] 
_pdbx_refine_tls.T[1][2] 
_pdbx_refine_tls.T[1][3] 
_pdbx_refine_tls.T[2][3] 
_pdbx_refine_tls.L[1][1] 
_pdbx_refine_tls.L[2][2] 
_pdbx_refine_tls.L[3][3] 
_pdbx_refine_tls.L[1][2] 
_pdbx_refine_tls.L[1][3] 
_pdbx_refine_tls.L[2][3] 
_pdbx_refine_tls.S[1][1] 
_pdbx_refine_tls.S[1][2] 
_pdbx_refine_tls.S[1][3] 
_pdbx_refine_tls.S[2][1] 
_pdbx_refine_tls.S[2][2] 
_pdbx_refine_tls.S[2][3] 
_pdbx_refine_tls.S[3][1] 
_pdbx_refine_tls.S[3][2] 
_pdbx_refine_tls.S[3][3] 
'X-RAY DIFFRACTION' 1 ? refined 7.2114  8.2438  1.9123  0.1348 0.0958 0.1226 -0.0381 0.0165 0.0017  0.5091 0.1298 0.9172 0.1097 0.4012  -0.1036 0.1701  -0.1041 0.0358  0.0386  -0.2120 -0.1500 -0.0872 0.1191  0.0263  
'X-RAY DIFFRACTION' 2 ? refined 3.2164  -3.3324 -3.7640 0.0948 0.1003 0.0784 0.0200  0.0047 0.0101  0.5774 1.5636 1.1617 0.0043 -0.3746 -0.2595 -0.0026 0.1913  0.0077  -0.0978 -0.1653 -0.2624 0.0526  0.1421  -0.0408 
'X-RAY DIFFRACTION' 3 ? refined -5.2970 5.9207  5.0578  0.1513 0.2033 0.1864 -0.0018 0.0319 0.0034  0.3402 0.7067 0.8634 0.4785 0.1882  0.3755  0.0459  -0.1565 0.4032  0.2362  -0.1772 0.3067  -0.2159 -0.2829 -0.1318 
'X-RAY DIFFRACTION' 4 ? refined -3.9970 -2.7874 1.8503  0.1054 0.1164 0.1069 -0.0185 0.0205 -0.0073 1.3348 1.8233 0.9648 0.3079 0.5682  0.9304  0.0748  0.2456  -0.2171 -0.0392 0.1470  -0.2863 -0.0414 0.2394  0.1458  
# 
loop_
_pdbx_refine_tls_group.pdbx_refine_id 
_pdbx_refine_tls_group.id 
_pdbx_refine_tls_group.refine_tls_id 
_pdbx_refine_tls_group.beg_auth_asym_id 
_pdbx_refine_tls_group.beg_auth_seq_id 
_pdbx_refine_tls_group.beg_label_asym_id 
_pdbx_refine_tls_group.beg_label_seq_id 
_pdbx_refine_tls_group.end_auth_asym_id 
_pdbx_refine_tls_group.end_auth_seq_id 
_pdbx_refine_tls_group.end_label_asym_id 
_pdbx_refine_tls_group.end_label_seq_id 
_pdbx_refine_tls_group.selection 
_pdbx_refine_tls_group.selection_details 
'X-RAY DIFFRACTION' 1 1 ? ? ? ? ? ? ? ? ? 
;chain 'A' and (resid 308 through 320 )
;
'X-RAY DIFFRACTION' 2 2 ? ? ? ? ? ? ? ? ? 
;chain 'A' and (resid 321 through 361 )
;
'X-RAY DIFFRACTION' 3 3 ? ? ? ? ? ? ? ? ? 
;chain 'A' and (resid 362 through 383 )
;
'X-RAY DIFFRACTION' 4 4 ? ? ? ? ? ? ? ? ? 
;chain 'A' and (resid 384 through 408 )
;
# 
loop_
_pdbx_unobs_or_zero_occ_residues.id 
_pdbx_unobs_or_zero_occ_residues.PDB_model_num 
_pdbx_unobs_or_zero_occ_residues.polymer_flag 
_pdbx_unobs_or_zero_occ_residues.occupancy_flag 
_pdbx_unobs_or_zero_occ_residues.auth_asym_id 
_pdbx_unobs_or_zero_occ_residues.auth_comp_id 
_pdbx_unobs_or_zero_occ_residues.auth_seq_id 
_pdbx_unobs_or_zero_occ_residues.PDB_ins_code 
_pdbx_unobs_or_zero_occ_residues.label_asym_id 
_pdbx_unobs_or_zero_occ_residues.label_comp_id 
_pdbx_unobs_or_zero_occ_residues.label_seq_id 
1 1 Y 1 A GLY 307 ? A GLY 1   
2 1 Y 1 A GLU 409 ? A GLU 103 
# 
loop_
_chem_comp_atom.comp_id 
_chem_comp_atom.atom_id 
_chem_comp_atom.type_symbol 
_chem_comp_atom.pdbx_aromatic_flag 
_chem_comp_atom.pdbx_stereo_config 
_chem_comp_atom.pdbx_ordinal 
ALA N    N  N N 1   
ALA CA   C  N S 2   
ALA C    C  N N 3   
ALA O    O  N N 4   
ALA CB   C  N N 5   
ALA OXT  O  N N 6   
ALA H    H  N N 7   
ALA H2   H  N N 8   
ALA HA   H  N N 9   
ALA HB1  H  N N 10  
ALA HB2  H  N N 11  
ALA HB3  H  N N 12  
ALA HXT  H  N N 13  
ARG N    N  N N 14  
ARG CA   C  N S 15  
ARG C    C  N N 16  
ARG O    O  N N 17  
ARG CB   C  N N 18  
ARG CG   C  N N 19  
ARG CD   C  N N 20  
ARG NE   N  N N 21  
ARG CZ   C  N N 22  
ARG NH1  N  N N 23  
ARG NH2  N  N N 24  
ARG OXT  O  N N 25  
ARG H    H  N N 26  
ARG H2   H  N N 27  
ARG HA   H  N N 28  
ARG HB2  H  N N 29  
ARG HB3  H  N N 30  
ARG HG2  H  N N 31  
ARG HG3  H  N N 32  
ARG HD2  H  N N 33  
ARG HD3  H  N N 34  
ARG HE   H  N N 35  
ARG HH11 H  N N 36  
ARG HH12 H  N N 37  
ARG HH21 H  N N 38  
ARG HH22 H  N N 39  
ARG HXT  H  N N 40  
ASN N    N  N N 41  
ASN CA   C  N S 42  
ASN C    C  N N 43  
ASN O    O  N N 44  
ASN CB   C  N N 45  
ASN CG   C  N N 46  
ASN OD1  O  N N 47  
ASN ND2  N  N N 48  
ASN OXT  O  N N 49  
ASN H    H  N N 50  
ASN H2   H  N N 51  
ASN HA   H  N N 52  
ASN HB2  H  N N 53  
ASN HB3  H  N N 54  
ASN HD21 H  N N 55  
ASN HD22 H  N N 56  
ASN HXT  H  N N 57  
ASP N    N  N N 58  
ASP CA   C  N S 59  
ASP C    C  N N 60  
ASP O    O  N N 61  
ASP CB   C  N N 62  
ASP CG   C  N N 63  
ASP OD1  O  N N 64  
ASP OD2  O  N N 65  
ASP OXT  O  N N 66  
ASP H    H  N N 67  
ASP H2   H  N N 68  
ASP HA   H  N N 69  
ASP HB2  H  N N 70  
ASP HB3  H  N N 71  
ASP HD2  H  N N 72  
ASP HXT  H  N N 73  
CYS N    N  N N 74  
CYS CA   C  N R 75  
CYS C    C  N N 76  
CYS O    O  N N 77  
CYS CB   C  N N 78  
CYS SG   S  N N 79  
CYS OXT  O  N N 80  
CYS H    H  N N 81  
CYS H2   H  N N 82  
CYS HA   H  N N 83  
CYS HB2  H  N N 84  
CYS HB3  H  N N 85  
CYS HG   H  N N 86  
CYS HXT  H  N N 87  
FLC CAC  C  N N 88  
FLC CA   C  N N 89  
FLC CB   C  N N 90  
FLC CBC  C  N N 91  
FLC CG   C  N N 92  
FLC CGC  C  N N 93  
FLC OA1  O  N N 94  
FLC OA2  O  N N 95  
FLC OB1  O  N N 96  
FLC OB2  O  N N 97  
FLC OG1  O  N N 98  
FLC OG2  O  N N 99  
FLC OHB  O  N N 100 
FLC HA1  H  N N 101 
FLC HA2  H  N N 102 
FLC HG1  H  N N 103 
FLC HG2  H  N N 104 
FLC HOB  H  N N 105 
GLN N    N  N N 106 
GLN CA   C  N S 107 
GLN C    C  N N 108 
GLN O    O  N N 109 
GLN CB   C  N N 110 
GLN CG   C  N N 111 
GLN CD   C  N N 112 
GLN OE1  O  N N 113 
GLN NE2  N  N N 114 
GLN OXT  O  N N 115 
GLN H    H  N N 116 
GLN H2   H  N N 117 
GLN HA   H  N N 118 
GLN HB2  H  N N 119 
GLN HB3  H  N N 120 
GLN HG2  H  N N 121 
GLN HG3  H  N N 122 
GLN HE21 H  N N 123 
GLN HE22 H  N N 124 
GLN HXT  H  N N 125 
GLU N    N  N N 126 
GLU CA   C  N S 127 
GLU C    C  N N 128 
GLU O    O  N N 129 
GLU CB   C  N N 130 
GLU CG   C  N N 131 
GLU CD   C  N N 132 
GLU OE1  O  N N 133 
GLU OE2  O  N N 134 
GLU OXT  O  N N 135 
GLU H    H  N N 136 
GLU H2   H  N N 137 
GLU HA   H  N N 138 
GLU HB2  H  N N 139 
GLU HB3  H  N N 140 
GLU HG2  H  N N 141 
GLU HG3  H  N N 142 
GLU HE2  H  N N 143 
GLU HXT  H  N N 144 
GLY N    N  N N 145 
GLY CA   C  N N 146 
GLY C    C  N N 147 
GLY O    O  N N 148 
GLY OXT  O  N N 149 
GLY H    H  N N 150 
GLY H2   H  N N 151 
GLY HA2  H  N N 152 
GLY HA3  H  N N 153 
GLY HXT  H  N N 154 
HIS N    N  N N 155 
HIS CA   C  N S 156 
HIS C    C  N N 157 
HIS O    O  N N 158 
HIS CB   C  N N 159 
HIS CG   C  Y N 160 
HIS ND1  N  Y N 161 
HIS CD2  C  Y N 162 
HIS CE1  C  Y N 163 
HIS NE2  N  Y N 164 
HIS OXT  O  N N 165 
HIS H    H  N N 166 
HIS H2   H  N N 167 
HIS HA   H  N N 168 
HIS HB2  H  N N 169 
HIS HB3  H  N N 170 
HIS HD1  H  N N 171 
HIS HD2  H  N N 172 
HIS HE1  H  N N 173 
HIS HE2  H  N N 174 
HIS HXT  H  N N 175 
HOH O    O  N N 176 
HOH H1   H  N N 177 
HOH H2   H  N N 178 
ILE N    N  N N 179 
ILE CA   C  N S 180 
ILE C    C  N N 181 
ILE O    O  N N 182 
ILE CB   C  N S 183 
ILE CG1  C  N N 184 
ILE CG2  C  N N 185 
ILE CD1  C  N N 186 
ILE OXT  O  N N 187 
ILE H    H  N N 188 
ILE H2   H  N N 189 
ILE HA   H  N N 190 
ILE HB   H  N N 191 
ILE HG12 H  N N 192 
ILE HG13 H  N N 193 
ILE HG21 H  N N 194 
ILE HG22 H  N N 195 
ILE HG23 H  N N 196 
ILE HD11 H  N N 197 
ILE HD12 H  N N 198 
ILE HD13 H  N N 199 
ILE HXT  H  N N 200 
LEU N    N  N N 201 
LEU CA   C  N S 202 
LEU C    C  N N 203 
LEU O    O  N N 204 
LEU CB   C  N N 205 
LEU CG   C  N N 206 
LEU CD1  C  N N 207 
LEU CD2  C  N N 208 
LEU OXT  O  N N 209 
LEU H    H  N N 210 
LEU H2   H  N N 211 
LEU HA   H  N N 212 
LEU HB2  H  N N 213 
LEU HB3  H  N N 214 
LEU HG   H  N N 215 
LEU HD11 H  N N 216 
LEU HD12 H  N N 217 
LEU HD13 H  N N 218 
LEU HD21 H  N N 219 
LEU HD22 H  N N 220 
LEU HD23 H  N N 221 
LEU HXT  H  N N 222 
LYS N    N  N N 223 
LYS CA   C  N S 224 
LYS C    C  N N 225 
LYS O    O  N N 226 
LYS CB   C  N N 227 
LYS CG   C  N N 228 
LYS CD   C  N N 229 
LYS CE   C  N N 230 
LYS NZ   N  N N 231 
LYS OXT  O  N N 232 
LYS H    H  N N 233 
LYS H2   H  N N 234 
LYS HA   H  N N 235 
LYS HB2  H  N N 236 
LYS HB3  H  N N 237 
LYS HG2  H  N N 238 
LYS HG3  H  N N 239 
LYS HD2  H  N N 240 
LYS HD3  H  N N 241 
LYS HE2  H  N N 242 
LYS HE3  H  N N 243 
LYS HZ1  H  N N 244 
LYS HZ2  H  N N 245 
LYS HZ3  H  N N 246 
LYS HXT  H  N N 247 
MSE N    N  N N 248 
MSE CA   C  N S 249 
MSE C    C  N N 250 
MSE O    O  N N 251 
MSE OXT  O  N N 252 
MSE CB   C  N N 253 
MSE CG   C  N N 254 
MSE SE   SE N N 255 
MSE CE   C  N N 256 
MSE H    H  N N 257 
MSE H2   H  N N 258 
MSE HA   H  N N 259 
MSE HXT  H  N N 260 
MSE HB2  H  N N 261 
MSE HB3  H  N N 262 
MSE HG2  H  N N 263 
MSE HG3  H  N N 264 
MSE HE1  H  N N 265 
MSE HE2  H  N N 266 
MSE HE3  H  N N 267 
PHE N    N  N N 268 
PHE CA   C  N S 269 
PHE C    C  N N 270 
PHE O    O  N N 271 
PHE CB   C  N N 272 
PHE CG   C  Y N 273 
PHE CD1  C  Y N 274 
PHE CD2  C  Y N 275 
PHE CE1  C  Y N 276 
PHE CE2  C  Y N 277 
PHE CZ   C  Y N 278 
PHE OXT  O  N N 279 
PHE H    H  N N 280 
PHE H2   H  N N 281 
PHE HA   H  N N 282 
PHE HB2  H  N N 283 
PHE HB3  H  N N 284 
PHE HD1  H  N N 285 
PHE HD2  H  N N 286 
PHE HE1  H  N N 287 
PHE HE2  H  N N 288 
PHE HZ   H  N N 289 
PHE HXT  H  N N 290 
PRO N    N  N N 291 
PRO CA   C  N S 292 
PRO C    C  N N 293 
PRO O    O  N N 294 
PRO CB   C  N N 295 
PRO CG   C  N N 296 
PRO CD   C  N N 297 
PRO OXT  O  N N 298 
PRO H    H  N N 299 
PRO HA   H  N N 300 
PRO HB2  H  N N 301 
PRO HB3  H  N N 302 
PRO HG2  H  N N 303 
PRO HG3  H  N N 304 
PRO HD2  H  N N 305 
PRO HD3  H  N N 306 
PRO HXT  H  N N 307 
SER N    N  N N 308 
SER CA   C  N S 309 
SER C    C  N N 310 
SER O    O  N N 311 
SER CB   C  N N 312 
SER OG   O  N N 313 
SER OXT  O  N N 314 
SER H    H  N N 315 
SER H2   H  N N 316 
SER HA   H  N N 317 
SER HB2  H  N N 318 
SER HB3  H  N N 319 
SER HG   H  N N 320 
SER HXT  H  N N 321 
THR N    N  N N 322 
THR CA   C  N S 323 
THR C    C  N N 324 
THR O    O  N N 325 
THR CB   C  N R 326 
THR OG1  O  N N 327 
THR CG2  C  N N 328 
THR OXT  O  N N 329 
THR H    H  N N 330 
THR H2   H  N N 331 
THR HA   H  N N 332 
THR HB   H  N N 333 
THR HG1  H  N N 334 
THR HG21 H  N N 335 
THR HG22 H  N N 336 
THR HG23 H  N N 337 
THR HXT  H  N N 338 
TYR N    N  N N 339 
TYR CA   C  N S 340 
TYR C    C  N N 341 
TYR O    O  N N 342 
TYR CB   C  N N 343 
TYR CG   C  Y N 344 
TYR CD1  C  Y N 345 
TYR CD2  C  Y N 346 
TYR CE1  C  Y N 347 
TYR CE2  C  Y N 348 
TYR CZ   C  Y N 349 
TYR OH   O  N N 350 
TYR OXT  O  N N 351 
TYR H    H  N N 352 
TYR H2   H  N N 353 
TYR HA   H  N N 354 
TYR HB2  H  N N 355 
TYR HB3  H  N N 356 
TYR HD1  H  N N 357 
TYR HD2  H  N N 358 
TYR HE1  H  N N 359 
TYR HE2  H  N N 360 
TYR HH   H  N N 361 
TYR HXT  H  N N 362 
VAL N    N  N N 363 
VAL CA   C  N S 364 
VAL C    C  N N 365 
VAL O    O  N N 366 
VAL CB   C  N N 367 
VAL CG1  C  N N 368 
VAL CG2  C  N N 369 
VAL OXT  O  N N 370 
VAL H    H  N N 371 
VAL H2   H  N N 372 
VAL HA   H  N N 373 
VAL HB   H  N N 374 
VAL HG11 H  N N 375 
VAL HG12 H  N N 376 
VAL HG13 H  N N 377 
VAL HG21 H  N N 378 
VAL HG22 H  N N 379 
VAL HG23 H  N N 380 
VAL HXT  H  N N 381 
# 
loop_
_chem_comp_bond.comp_id 
_chem_comp_bond.atom_id_1 
_chem_comp_bond.atom_id_2 
_chem_comp_bond.value_order 
_chem_comp_bond.pdbx_aromatic_flag 
_chem_comp_bond.pdbx_stereo_config 
_chem_comp_bond.pdbx_ordinal 
ALA N   CA   sing N N 1   
ALA N   H    sing N N 2   
ALA N   H2   sing N N 3   
ALA CA  C    sing N N 4   
ALA CA  CB   sing N N 5   
ALA CA  HA   sing N N 6   
ALA C   O    doub N N 7   
ALA C   OXT  sing N N 8   
ALA CB  HB1  sing N N 9   
ALA CB  HB2  sing N N 10  
ALA CB  HB3  sing N N 11  
ALA OXT HXT  sing N N 12  
ARG N   CA   sing N N 13  
ARG N   H    sing N N 14  
ARG N   H2   sing N N 15  
ARG CA  C    sing N N 16  
ARG CA  CB   sing N N 17  
ARG CA  HA   sing N N 18  
ARG C   O    doub N N 19  
ARG C   OXT  sing N N 20  
ARG CB  CG   sing N N 21  
ARG CB  HB2  sing N N 22  
ARG CB  HB3  sing N N 23  
ARG CG  CD   sing N N 24  
ARG CG  HG2  sing N N 25  
ARG CG  HG3  sing N N 26  
ARG CD  NE   sing N N 27  
ARG CD  HD2  sing N N 28  
ARG CD  HD3  sing N N 29  
ARG NE  CZ   sing N N 30  
ARG NE  HE   sing N N 31  
ARG CZ  NH1  sing N N 32  
ARG CZ  NH2  doub N N 33  
ARG NH1 HH11 sing N N 34  
ARG NH1 HH12 sing N N 35  
ARG NH2 HH21 sing N N 36  
ARG NH2 HH22 sing N N 37  
ARG OXT HXT  sing N N 38  
ASN N   CA   sing N N 39  
ASN N   H    sing N N 40  
ASN N   H2   sing N N 41  
ASN CA  C    sing N N 42  
ASN CA  CB   sing N N 43  
ASN CA  HA   sing N N 44  
ASN C   O    doub N N 45  
ASN C   OXT  sing N N 46  
ASN CB  CG   sing N N 47  
ASN CB  HB2  sing N N 48  
ASN CB  HB3  sing N N 49  
ASN CG  OD1  doub N N 50  
ASN CG  ND2  sing N N 51  
ASN ND2 HD21 sing N N 52  
ASN ND2 HD22 sing N N 53  
ASN OXT HXT  sing N N 54  
ASP N   CA   sing N N 55  
ASP N   H    sing N N 56  
ASP N   H2   sing N N 57  
ASP CA  C    sing N N 58  
ASP CA  CB   sing N N 59  
ASP CA  HA   sing N N 60  
ASP C   O    doub N N 61  
ASP C   OXT  sing N N 62  
ASP CB  CG   sing N N 63  
ASP CB  HB2  sing N N 64  
ASP CB  HB3  sing N N 65  
ASP CG  OD1  doub N N 66  
ASP CG  OD2  sing N N 67  
ASP OD2 HD2  sing N N 68  
ASP OXT HXT  sing N N 69  
CYS N   CA   sing N N 70  
CYS N   H    sing N N 71  
CYS N   H2   sing N N 72  
CYS CA  C    sing N N 73  
CYS CA  CB   sing N N 74  
CYS CA  HA   sing N N 75  
CYS C   O    doub N N 76  
CYS C   OXT  sing N N 77  
CYS CB  SG   sing N N 78  
CYS CB  HB2  sing N N 79  
CYS CB  HB3  sing N N 80  
CYS SG  HG   sing N N 81  
CYS OXT HXT  sing N N 82  
FLC CAC CA   sing N N 83  
FLC CAC OA1  doub N N 84  
FLC CAC OA2  sing N N 85  
FLC CA  CB   sing N N 86  
FLC CA  HA1  sing N N 87  
FLC CA  HA2  sing N N 88  
FLC CB  CBC  sing N N 89  
FLC CB  CG   sing N N 90  
FLC CB  OHB  sing N N 91  
FLC CBC OB1  doub N N 92  
FLC CBC OB2  sing N N 93  
FLC CG  CGC  sing N N 94  
FLC CG  HG1  sing N N 95  
FLC CG  HG2  sing N N 96  
FLC CGC OG1  doub N N 97  
FLC CGC OG2  sing N N 98  
FLC OHB HOB  sing N N 99  
GLN N   CA   sing N N 100 
GLN N   H    sing N N 101 
GLN N   H2   sing N N 102 
GLN CA  C    sing N N 103 
GLN CA  CB   sing N N 104 
GLN CA  HA   sing N N 105 
GLN C   O    doub N N 106 
GLN C   OXT  sing N N 107 
GLN CB  CG   sing N N 108 
GLN CB  HB2  sing N N 109 
GLN CB  HB3  sing N N 110 
GLN CG  CD   sing N N 111 
GLN CG  HG2  sing N N 112 
GLN CG  HG3  sing N N 113 
GLN CD  OE1  doub N N 114 
GLN CD  NE2  sing N N 115 
GLN NE2 HE21 sing N N 116 
GLN NE2 HE22 sing N N 117 
GLN OXT HXT  sing N N 118 
GLU N   CA   sing N N 119 
GLU N   H    sing N N 120 
GLU N   H2   sing N N 121 
GLU CA  C    sing N N 122 
GLU CA  CB   sing N N 123 
GLU CA  HA   sing N N 124 
GLU C   O    doub N N 125 
GLU C   OXT  sing N N 126 
GLU CB  CG   sing N N 127 
GLU CB  HB2  sing N N 128 
GLU CB  HB3  sing N N 129 
GLU CG  CD   sing N N 130 
GLU CG  HG2  sing N N 131 
GLU CG  HG3  sing N N 132 
GLU CD  OE1  doub N N 133 
GLU CD  OE2  sing N N 134 
GLU OE2 HE2  sing N N 135 
GLU OXT HXT  sing N N 136 
GLY N   CA   sing N N 137 
GLY N   H    sing N N 138 
GLY N   H2   sing N N 139 
GLY CA  C    sing N N 140 
GLY CA  HA2  sing N N 141 
GLY CA  HA3  sing N N 142 
GLY C   O    doub N N 143 
GLY C   OXT  sing N N 144 
GLY OXT HXT  sing N N 145 
HIS N   CA   sing N N 146 
HIS N   H    sing N N 147 
HIS N   H2   sing N N 148 
HIS CA  C    sing N N 149 
HIS CA  CB   sing N N 150 
HIS CA  HA   sing N N 151 
HIS C   O    doub N N 152 
HIS C   OXT  sing N N 153 
HIS CB  CG   sing N N 154 
HIS CB  HB2  sing N N 155 
HIS CB  HB3  sing N N 156 
HIS CG  ND1  sing Y N 157 
HIS CG  CD2  doub Y N 158 
HIS ND1 CE1  doub Y N 159 
HIS ND1 HD1  sing N N 160 
HIS CD2 NE2  sing Y N 161 
HIS CD2 HD2  sing N N 162 
HIS CE1 NE2  sing Y N 163 
HIS CE1 HE1  sing N N 164 
HIS NE2 HE2  sing N N 165 
HIS OXT HXT  sing N N 166 
HOH O   H1   sing N N 167 
HOH O   H2   sing N N 168 
ILE N   CA   sing N N 169 
ILE N   H    sing N N 170 
ILE N   H2   sing N N 171 
ILE CA  C    sing N N 172 
ILE CA  CB   sing N N 173 
ILE CA  HA   sing N N 174 
ILE C   O    doub N N 175 
ILE C   OXT  sing N N 176 
ILE CB  CG1  sing N N 177 
ILE CB  CG2  sing N N 178 
ILE CB  HB   sing N N 179 
ILE CG1 CD1  sing N N 180 
ILE CG1 HG12 sing N N 181 
ILE CG1 HG13 sing N N 182 
ILE CG2 HG21 sing N N 183 
ILE CG2 HG22 sing N N 184 
ILE CG2 HG23 sing N N 185 
ILE CD1 HD11 sing N N 186 
ILE CD1 HD12 sing N N 187 
ILE CD1 HD13 sing N N 188 
ILE OXT HXT  sing N N 189 
LEU N   CA   sing N N 190 
LEU N   H    sing N N 191 
LEU N   H2   sing N N 192 
LEU CA  C    sing N N 193 
LEU CA  CB   sing N N 194 
LEU CA  HA   sing N N 195 
LEU C   O    doub N N 196 
LEU C   OXT  sing N N 197 
LEU CB  CG   sing N N 198 
LEU CB  HB2  sing N N 199 
LEU CB  HB3  sing N N 200 
LEU CG  CD1  sing N N 201 
LEU CG  CD2  sing N N 202 
LEU CG  HG   sing N N 203 
LEU CD1 HD11 sing N N 204 
LEU CD1 HD12 sing N N 205 
LEU CD1 HD13 sing N N 206 
LEU CD2 HD21 sing N N 207 
LEU CD2 HD22 sing N N 208 
LEU CD2 HD23 sing N N 209 
LEU OXT HXT  sing N N 210 
LYS N   CA   sing N N 211 
LYS N   H    sing N N 212 
LYS N   H2   sing N N 213 
LYS CA  C    sing N N 214 
LYS CA  CB   sing N N 215 
LYS CA  HA   sing N N 216 
LYS C   O    doub N N 217 
LYS C   OXT  sing N N 218 
LYS CB  CG   sing N N 219 
LYS CB  HB2  sing N N 220 
LYS CB  HB3  sing N N 221 
LYS CG  CD   sing N N 222 
LYS CG  HG2  sing N N 223 
LYS CG  HG3  sing N N 224 
LYS CD  CE   sing N N 225 
LYS CD  HD2  sing N N 226 
LYS CD  HD3  sing N N 227 
LYS CE  NZ   sing N N 228 
LYS CE  HE2  sing N N 229 
LYS CE  HE3  sing N N 230 
LYS NZ  HZ1  sing N N 231 
LYS NZ  HZ2  sing N N 232 
LYS NZ  HZ3  sing N N 233 
LYS OXT HXT  sing N N 234 
MSE N   CA   sing N N 235 
MSE N   H    sing N N 236 
MSE N   H2   sing N N 237 
MSE CA  C    sing N N 238 
MSE CA  CB   sing N N 239 
MSE CA  HA   sing N N 240 
MSE C   O    doub N N 241 
MSE C   OXT  sing N N 242 
MSE OXT HXT  sing N N 243 
MSE CB  CG   sing N N 244 
MSE CB  HB2  sing N N 245 
MSE CB  HB3  sing N N 246 
MSE CG  SE   sing N N 247 
MSE CG  HG2  sing N N 248 
MSE CG  HG3  sing N N 249 
MSE SE  CE   sing N N 250 
MSE CE  HE1  sing N N 251 
MSE CE  HE2  sing N N 252 
MSE CE  HE3  sing N N 253 
PHE N   CA   sing N N 254 
PHE N   H    sing N N 255 
PHE N   H2   sing N N 256 
PHE CA  C    sing N N 257 
PHE CA  CB   sing N N 258 
PHE CA  HA   sing N N 259 
PHE C   O    doub N N 260 
PHE C   OXT  sing N N 261 
PHE CB  CG   sing N N 262 
PHE CB  HB2  sing N N 263 
PHE CB  HB3  sing N N 264 
PHE CG  CD1  doub Y N 265 
PHE CG  CD2  sing Y N 266 
PHE CD1 CE1  sing Y N 267 
PHE CD1 HD1  sing N N 268 
PHE CD2 CE2  doub Y N 269 
PHE CD2 HD2  sing N N 270 
PHE CE1 CZ   doub Y N 271 
PHE CE1 HE1  sing N N 272 
PHE CE2 CZ   sing Y N 273 
PHE CE2 HE2  sing N N 274 
PHE CZ  HZ   sing N N 275 
PHE OXT HXT  sing N N 276 
PRO N   CA   sing N N 277 
PRO N   CD   sing N N 278 
PRO N   H    sing N N 279 
PRO CA  C    sing N N 280 
PRO CA  CB   sing N N 281 
PRO CA  HA   sing N N 282 
PRO C   O    doub N N 283 
PRO C   OXT  sing N N 284 
PRO CB  CG   sing N N 285 
PRO CB  HB2  sing N N 286 
PRO CB  HB3  sing N N 287 
PRO CG  CD   sing N N 288 
PRO CG  HG2  sing N N 289 
PRO CG  HG3  sing N N 290 
PRO CD  HD2  sing N N 291 
PRO CD  HD3  sing N N 292 
PRO OXT HXT  sing N N 293 
SER N   CA   sing N N 294 
SER N   H    sing N N 295 
SER N   H2   sing N N 296 
SER CA  C    sing N N 297 
SER CA  CB   sing N N 298 
SER CA  HA   sing N N 299 
SER C   O    doub N N 300 
SER C   OXT  sing N N 301 
SER CB  OG   sing N N 302 
SER CB  HB2  sing N N 303 
SER CB  HB3  sing N N 304 
SER OG  HG   sing N N 305 
SER OXT HXT  sing N N 306 
THR N   CA   sing N N 307 
THR N   H    sing N N 308 
THR N   H2   sing N N 309 
THR CA  C    sing N N 310 
THR CA  CB   sing N N 311 
THR CA  HA   sing N N 312 
THR C   O    doub N N 313 
THR C   OXT  sing N N 314 
THR CB  OG1  sing N N 315 
THR CB  CG2  sing N N 316 
THR CB  HB   sing N N 317 
THR OG1 HG1  sing N N 318 
THR CG2 HG21 sing N N 319 
THR CG2 HG22 sing N N 320 
THR CG2 HG23 sing N N 321 
THR OXT HXT  sing N N 322 
TYR N   CA   sing N N 323 
TYR N   H    sing N N 324 
TYR N   H2   sing N N 325 
TYR CA  C    sing N N 326 
TYR CA  CB   sing N N 327 
TYR CA  HA   sing N N 328 
TYR C   O    doub N N 329 
TYR C   OXT  sing N N 330 
TYR CB  CG   sing N N 331 
TYR CB  HB2  sing N N 332 
TYR CB  HB3  sing N N 333 
TYR CG  CD1  doub Y N 334 
TYR CG  CD2  sing Y N 335 
TYR CD1 CE1  sing Y N 336 
TYR CD1 HD1  sing N N 337 
TYR CD2 CE2  doub Y N 338 
TYR CD2 HD2  sing N N 339 
TYR CE1 CZ   doub Y N 340 
TYR CE1 HE1  sing N N 341 
TYR CE2 CZ   sing Y N 342 
TYR CE2 HE2  sing N N 343 
TYR CZ  OH   sing N N 344 
TYR OH  HH   sing N N 345 
TYR OXT HXT  sing N N 346 
VAL N   CA   sing N N 347 
VAL N   H    sing N N 348 
VAL N   H2   sing N N 349 
VAL CA  C    sing N N 350 
VAL CA  CB   sing N N 351 
VAL CA  HA   sing N N 352 
VAL C   O    doub N N 353 
VAL C   OXT  sing N N 354 
VAL CB  CG1  sing N N 355 
VAL CB  CG2  sing N N 356 
VAL CB  HB   sing N N 357 
VAL CG1 HG11 sing N N 358 
VAL CG1 HG12 sing N N 359 
VAL CG1 HG13 sing N N 360 
VAL CG2 HG21 sing N N 361 
VAL CG2 HG22 sing N N 362 
VAL CG2 HG23 sing N N 363 
VAL OXT HXT  sing N N 364 
# 
_pdbx_audit_support.funding_organization   'National Natural Science Foundation of China' 
_pdbx_audit_support.country                China 
_pdbx_audit_support.grant_number           'NSFC 31230041' 
_pdbx_audit_support.ordinal                1 
# 
_atom_sites.entry_id                    5Z9Z 
_atom_sites.fract_transf_matrix[1][1]   -0.02223293 
_atom_sites.fract_transf_matrix[1][2]   -0.00979254 
_atom_sites.fract_transf_matrix[1][3]   -0.00093612 
_atom_sites.fract_transf_matrix[2][1]   -0.00580967 
_atom_sites.fract_transf_matrix[2][2]   0.01355666 
_atom_sites.fract_transf_matrix[2][3]   -0.00383300 
_atom_sites.fract_transf_matrix[3][1]   0.00181413 
_atom_sites.fract_transf_matrix[3][2]   -0.00288163 
_atom_sites.fract_transf_matrix[3][3]   -0.01294152 
_atom_sites.fract_transf_vector[1]      0.508384 
_atom_sites.fract_transf_vector[2]      0.283238 
_atom_sites.fract_transf_vector[3]      0.589049 
# 
loop_
_atom_type.symbol 
C  
H  
N  
O  
S  
SE 
# 
loop_
_atom_site.group_PDB 
_atom_site.id 
_atom_site.type_symbol 
_atom_site.label_atom_id 
_atom_site.label_alt_id 
_atom_site.label_comp_id 
_atom_site.label_asym_id 
_atom_site.label_entity_id 
_atom_site.label_seq_id 
_atom_site.pdbx_PDB_ins_code 
_atom_site.Cartn_x 
_atom_site.Cartn_y 
_atom_site.Cartn_z 
_atom_site.occupancy 
_atom_site.B_iso_or_equiv 
_atom_site.pdbx_formal_charge 
_atom_site.auth_seq_id 
_atom_site.auth_comp_id 
_atom_site.auth_asym_id 
_atom_site.auth_atom_id 
_atom_site.pdbx_PDB_model_num 
ATOM   1   N  N   . SER A 1 2   ? 14.716  17.441  2.268   1.00 55.43  ? 308 SER A N   1 
ATOM   2   C  CA  . SER A 1 2   ? 13.807  17.179  1.159   1.00 51.56  ? 308 SER A CA  1 
ATOM   3   C  C   . SER A 1 2   ? 13.561  15.684  0.995   1.00 38.48  ? 308 SER A C   1 
ATOM   4   O  O   . SER A 1 2   ? 12.675  15.269  0.242   1.00 27.92  ? 308 SER A O   1 
ATOM   5   C  CB  . SER A 1 2   ? 14.358  17.769  -0.140  1.00 64.40  ? 308 SER A CB  1 
ATOM   6   O  OG  . SER A 1 2   ? 13.406  17.668  -1.185  1.00 76.08  ? 308 SER A OG  1 
HETATM 7   N  N   . MSE A 1 3   ? 14.353  14.878  1.696   1.00 24.72  ? 309 MSE A N   1 
HETATM 8   C  CA  . MSE A 1 3   ? 14.118  13.441  1.747   1.00 30.13  ? 309 MSE A CA  1 
HETATM 9   C  C   . MSE A 1 3   ? 12.764  13.174  2.395   1.00 23.17  ? 309 MSE A C   1 
HETATM 10  O  O   . MSE A 1 3   ? 12.030  12.271  1.992   1.00 21.67  ? 309 MSE A O   1 
HETATM 11  C  CB  . MSE A 1 3   ? 15.225  12.728  2.525   1.00 30.45  ? 309 MSE A CB  1 
HETATM 12  C  CG  . MSE A 1 3   ? 15.269  11.227  2.291   1.00 63.77  ? 309 MSE A CG  1 
HETATM 13  SE SE  . MSE A 1 3   ? 15.789  10.207  3.874   1.00 87.88  ? 309 MSE A SE  1 
HETATM 14  C  CE  . MSE A 1 3   ? 14.140  10.369  4.899   1.00 82.14  ? 309 MSE A CE  1 
ATOM   15  N  N   . LEU A 1 4   ? 12.432  13.989  3.400   1.00 27.20  ? 310 LEU A N   1 
ATOM   16  C  CA  . LEU A 1 4   ? 11.186  13.793  4.132   1.00 28.53  ? 310 LEU A CA  1 
ATOM   17  C  C   . LEU A 1 4   ? 9.962   14.113  3.286   1.00 29.09  ? 310 LEU A C   1 
ATOM   18  O  O   . LEU A 1 4   ? 8.903   13.503  3.477   1.00 34.91  ? 310 LEU A O   1 
ATOM   19  C  CB  . LEU A 1 4   ? 11.182  14.649  5.393   1.00 27.59  ? 310 LEU A CB  1 
ATOM   20  C  CG  . LEU A 1 4   ? 10.155  14.231  6.438   1.00 27.06  ? 310 LEU A CG  1 
ATOM   21  C  CD1 . LEU A 1 4   ? 10.249  12.738  6.697   1.00 23.40  ? 310 LEU A CD1 1 
ATOM   22  C  CD2 . LEU A 1 4   ? 10.385  15.015  7.712   1.00 26.88  ? 310 LEU A CD2 1 
ATOM   23  N  N   . GLU A 1 5   ? 10.074  15.070  2.367   1.00 25.67  ? 311 GLU A N   1 
ATOM   24  C  CA  . GLU A 1 5   ? 8.934   15.421  1.528   1.00 34.11  ? 311 GLU A CA  1 
ATOM   25  C  C   . GLU A 1 5   ? 8.708   14.371  0.443   1.00 30.71  ? 311 GLU A C   1 
ATOM   26  O  O   . GLU A 1 5   ? 7.580   14.192  -0.031  1.00 26.40  ? 311 GLU A O   1 
ATOM   27  C  CB  . GLU A 1 5   ? 9.155   16.815  0.936   1.00 44.56  ? 311 GLU A CB  1 
ATOM   28  C  CG  . GLU A 1 5   ? 8.218   17.222  -0.178  1.00 68.23  ? 311 GLU A CG  1 
ATOM   29  C  CD  . GLU A 1 5   ? 8.728   16.706  -1.502  1.00 92.00  ? 311 GLU A CD  1 
ATOM   30  O  OE1 . GLU A 1 5   ? 9.925   16.896  -1.779  1.00 104.70 ? 311 GLU A OE1 1 
ATOM   31  O  OE2 . GLU A 1 5   ? 7.937   16.090  -2.236  1.00 96.14  ? 311 GLU A OE2 1 
ATOM   32  N  N   . VAL A 1 6   ? 9.768   13.672  0.026   1.00 21.06  ? 312 VAL A N   1 
ATOM   33  C  CA  . VAL A 1 6   ? 9.576   12.463  -0.769  1.00 21.04  ? 312 VAL A CA  1 
ATOM   34  C  C   . VAL A 1 6   ? 8.876   11.398  0.065   1.00 19.42  ? 312 VAL A C   1 
ATOM   35  O  O   . VAL A 1 6   ? 7.905   10.774  -0.380  1.00 14.84  ? 312 VAL A O   1 
ATOM   36  C  CB  . VAL A 1 6   ? 10.919  11.943  -1.317  1.00 23.51  ? 312 VAL A CB  1 
ATOM   37  C  CG1 . VAL A 1 6   ? 10.713  10.604  -2.027  1.00 21.31  ? 312 VAL A CG1 1 
ATOM   38  C  CG2 . VAL A 1 6   ? 11.554  12.958  -2.261  1.00 21.09  ? 312 VAL A CG2 1 
ATOM   39  N  N   . GLU A 1 7   ? 9.351   11.186  1.295   1.00 14.82  ? 313 GLU A N   1 
ATOM   40  C  CA  . GLU A 1 7   ? 8.784   10.143  2.144   1.00 14.65  ? 313 GLU A CA  1 
ATOM   41  C  C   . GLU A 1 7   ? 7.329   10.436  2.493   1.00 12.25  ? 313 GLU A C   1 
ATOM   42  O  O   . GLU A 1 7   ? 6.503   9.518   2.551   1.00 16.50  ? 313 GLU A O   1 
ATOM   43  C  CB  . GLU A 1 7   ? 9.622   9.989   3.412   1.00 15.74  ? 313 GLU A CB  1 
ATOM   44  C  CG  . GLU A 1 7   ? 11.000  9.404   3.160   1.00 16.06  ? 313 GLU A CG  1 
ATOM   45  C  CD  . GLU A 1 7   ? 10.931  8.051   2.480   1.00 32.43  ? 313 GLU A CD  1 
ATOM   46  O  OE1 . GLU A 1 7   ? 10.467  7.082   3.123   1.00 29.73  ? 313 GLU A OE1 1 
ATOM   47  O  OE2 . GLU A 1 7   ? 11.321  7.959   1.295   1.00 23.86  ? 313 GLU A OE2 1 
ATOM   48  N  N   . LYS A 1 8   ? 6.994   11.708  2.728   1.00 9.89   ? 314 LYS A N   1 
ATOM   49  C  CA  . LYS A 1 8   ? 5.614   12.069  3.029   1.00 12.16  ? 314 LYS A CA  1 
ATOM   50  C  C   . LYS A 1 8   ? 4.693   11.877  1.833   1.00 12.46  ? 314 LYS A C   1 
ATOM   51  O  O   . LYS A 1 8   ? 3.468   11.856  2.001   1.00 14.08  ? 314 LYS A O   1 
ATOM   52  C  CB  . LYS A 1 8   ? 5.543   13.518  3.511   1.00 17.67  ? 314 LYS A CB  1 
ATOM   53  C  CG  . LYS A 1 8   ? 6.079   13.736  4.917   1.00 19.13  ? 314 LYS A CG  1 
ATOM   54  C  CD  . LYS A 1 8   ? 6.046   15.213  5.272   1.00 33.12  ? 314 LYS A CD  1 
ATOM   55  C  CE  . LYS A 1 8   ? 6.348   15.448  6.740   1.00 42.01  ? 314 LYS A CE  1 
ATOM   56  N  NZ  . LYS A 1 8   ? 6.297   16.900  7.065   1.00 50.29  ? 314 LYS A NZ  1 
ATOM   57  N  N   . ALA A 1 9   ? 5.251   11.744  0.634   1.00 14.06  ? 315 ALA A N   1 
ATOM   58  C  CA  . ALA A 1 9   ? 4.477   11.469  -0.565  1.00 11.64  ? 315 ALA A CA  1 
ATOM   59  C  C   . ALA A 1 9   ? 4.323   9.978   -0.835  1.00 16.65  ? 315 ALA A C   1 
ATOM   60  O  O   . ALA A 1 9   ? 3.870   9.601   -1.920  1.00 12.85  ? 315 ALA A O   1 
ATOM   61  C  CB  . ALA A 1 9   ? 5.123   12.151  -1.775  1.00 14.42  ? 315 ALA A CB  1 
ATOM   62  N  N   . LYS A 1 10  ? 4.679   9.123   0.120   1.00 12.67  ? 316 LYS A N   1 
ATOM   63  C  CA  . LYS A 1 10  ? 4.653   7.682   -0.083  1.00 10.63  ? 316 LYS A CA  1 
ATOM   64  C  C   . LYS A 1 10  ? 3.533   7.032   0.718   1.00 18.74  ? 316 LYS A C   1 
ATOM   65  O  O   . LYS A 1 10  ? 3.268   7.412   1.863   1.00 14.99  ? 316 LYS A O   1 
ATOM   66  C  CB  . LYS A 1 10  ? 5.989   7.044   0.306   1.00 10.52  ? 316 LYS A CB  1 
ATOM   67  C  CG  . LYS A 1 10  ? 7.087   7.217   -0.730  1.00 15.55  ? 316 LYS A CG  1 
ATOM   68  C  CD  . LYS A 1 10  ? 8.367   6.529   -0.282  1.00 21.03  ? 316 LYS A CD  1 
ATOM   69  C  CE  . LYS A 1 10  ? 9.494   6.732   -1.287  1.00 22.50  ? 316 LYS A CE  1 
ATOM   70  N  NZ  . LYS A 1 10  ? 10.800  6.276   -0.736  1.00 21.43  ? 316 LYS A NZ  1 
ATOM   71  N  N   . LEU A 1 11  ? 2.881   6.053   0.097   1.00 10.84  ? 317 LEU A N   1 
ATOM   72  C  CA  . LEU A 1 11  ? 1.990   5.125   0.773   1.00 14.62  ? 317 LEU A CA  1 
ATOM   73  C  C   . LEU A 1 11  ? 2.682   3.772   0.876   1.00 14.47  ? 317 LEU A C   1 
ATOM   74  O  O   . LEU A 1 11  ? 3.403   3.360   -0.039  1.00 13.38  ? 317 LEU A O   1 
ATOM   75  C  CB  . LEU A 1 11  ? 0.659   4.981   0.025   1.00 11.62  ? 317 LEU A CB  1 
ATOM   76  C  CG  . LEU A 1 11  ? -0.189  6.247   -0.127  1.00 15.73  ? 317 LEU A CG  1 
ATOM   77  C  CD1 . LEU A 1 11  ? -1.579  5.911   -0.668  1.00 13.69  ? 317 LEU A CD1 1 
ATOM   78  C  CD2 . LEU A 1 11  ? -0.283  6.997   1.200   1.00 10.75  ? 317 LEU A CD2 1 
ATOM   79  N  N   . PHE A 1 12  ? 2.470   3.093   1.998   1.00 8.18   ? 318 PHE A N   1 
ATOM   80  C  CA  . PHE A 1 12  ? 3.092   1.805   2.286   1.00 11.01  ? 318 PHE A CA  1 
ATOM   81  C  C   . PHE A 1 12  ? 2.030   0.729   2.126   1.00 15.06  ? 318 PHE A C   1 
ATOM   82  O  O   . PHE A 1 12  ? 1.053   0.703   2.878   1.00 13.29  ? 318 PHE A O   1 
ATOM   83  C  CB  . PHE A 1 12  ? 3.675   1.785   3.699   1.00 11.47  ? 318 PHE A CB  1 
ATOM   84  C  CG  . PHE A 1 12  ? 4.416   0.518   4.042   1.00 14.31  ? 318 PHE A CG  1 
ATOM   85  C  CD1 . PHE A 1 12  ? 5.348   -0.016  3.169   1.00 15.90  ? 318 PHE A CD1 1 
ATOM   86  C  CD2 . PHE A 1 12  ? 4.215   -0.110  5.262   1.00 17.41  ? 318 PHE A CD2 1 
ATOM   87  C  CE1 . PHE A 1 12  ? 6.040   -1.176  3.488   1.00 12.60  ? 318 PHE A CE1 1 
ATOM   88  C  CE2 . PHE A 1 12  ? 4.907   -1.266  5.589   1.00 17.78  ? 318 PHE A CE2 1 
ATOM   89  C  CZ  . PHE A 1 12  ? 5.822   -1.798  4.698   1.00 15.88  ? 318 PHE A CZ  1 
ATOM   90  N  N   . LEU A 1 13  ? 2.221   -0.153  1.152   1.00 8.30   ? 319 LEU A N   1 
ATOM   91  C  CA  . LEU A 1 13  ? 1.338   -1.289  0.929   1.00 7.85   ? 319 LEU A CA  1 
ATOM   92  C  C   . LEU A 1 13  ? 2.072   -2.552  1.352   1.00 12.70  ? 319 LEU A C   1 
ATOM   93  O  O   . LEU A 1 13  ? 3.181   -2.812  0.877   1.00 14.54  ? 319 LEU A O   1 
ATOM   94  C  CB  . LEU A 1 13  ? 0.910   -1.376  -0.538  1.00 7.58   ? 319 LEU A CB  1 
ATOM   95  C  CG  . LEU A 1 13  ? 0.085   -0.223  -1.130  1.00 13.49  ? 319 LEU A CG  1 
ATOM   96  C  CD1 . LEU A 1 13  ? 0.928   0.998   -1.483  1.00 15.65  ? 319 LEU A CD1 1 
ATOM   97  C  CD2 . LEU A 1 13  ? -0.686  -0.704  -2.351  1.00 18.13  ? 319 LEU A CD2 1 
ATOM   98  N  N   . HIS A 1 14  ? 1.472   -3.328  2.253   1.00 13.18  ? 320 HIS A N   1 
ATOM   99  C  CA  . HIS A 1 14  ? 2.190   -4.454  2.835   1.00 11.97  ? 320 HIS A CA  1 
ATOM   100 C  C   . HIS A 1 14  ? 1.215   -5.562  3.212   1.00 14.59  ? 320 HIS A C   1 
ATOM   101 O  O   . HIS A 1 14  ? -0.004  -5.429  3.067   1.00 12.18  ? 320 HIS A O   1 
ATOM   102 C  CB  . HIS A 1 14  ? 3.034   -4.015  4.042   1.00 10.62  ? 320 HIS A CB  1 
ATOM   103 C  CG  . HIS A 1 14  ? 2.246   -3.397  5.157   1.00 18.53  ? 320 HIS A CG  1 
ATOM   104 N  ND1 . HIS A 1 14  ? 2.512   -3.658  6.484   1.00 18.26  ? 320 HIS A ND1 1 
ATOM   105 C  CD2 . HIS A 1 14  ? 1.231   -2.500  5.149   1.00 15.24  ? 320 HIS A CD2 1 
ATOM   106 C  CE1 . HIS A 1 14  ? 1.680   -2.969  7.243   1.00 16.32  ? 320 HIS A CE1 1 
ATOM   107 N  NE2 . HIS A 1 14  ? 0.894   -2.254  6.458   1.00 16.54  ? 320 HIS A NE2 1 
ATOM   108 N  N   . LYS A 1 15  ? 1.782   -6.670  3.701   1.00 9.85   ? 321 LYS A N   1 
ATOM   109 C  CA  . LYS A 1 15  ? 1.063   -7.928  3.904   1.00 11.03  ? 321 LYS A CA  1 
ATOM   110 C  C   . LYS A 1 15  ? 0.441   -8.430  2.603   1.00 11.27  ? 321 LYS A C   1 
ATOM   111 O  O   . LYS A 1 15  ? -0.632  -9.032  2.609   1.00 9.21   ? 321 LYS A O   1 
ATOM   112 C  CB  . LYS A 1 15  ? -0.012  -7.801  4.990   1.00 8.31   ? 321 LYS A CB  1 
ATOM   113 C  CG  . LYS A 1 15  ? 0.434   -7.054  6.235   1.00 14.41  ? 321 LYS A CG  1 
ATOM   114 C  CD  . LYS A 1 15  ? 1.696   -7.660  6.821   1.00 9.67   ? 321 LYS A CD  1 
ATOM   115 C  CE  . LYS A 1 15  ? 2.104   -6.932  8.095   1.00 17.18  ? 321 LYS A CE  1 
ATOM   116 N  NZ  . LYS A 1 15  ? 3.454   -7.362  8.536   1.00 17.79  ? 321 LYS A NZ  1 
ATOM   117 N  N   . ILE A 1 16  ? 1.106   -8.189  1.477   1.00 11.85  ? 322 ILE A N   1 
ATOM   118 C  CA  . ILE A 1 16  ? 0.589   -8.595  0.170   1.00 11.30  ? 322 ILE A CA  1 
ATOM   119 C  C   . ILE A 1 16  ? 0.961   -10.049 -0.090  1.00 13.54  ? 322 ILE A C   1 
ATOM   120 O  O   . ILE A 1 16  ? 2.156   -10.367 -0.172  1.00 11.24  ? 322 ILE A O   1 
ATOM   121 C  CB  . ILE A 1 16  ? 1.135   -7.699  -0.952  1.00 14.91  ? 322 ILE A CB  1 
ATOM   122 C  CG1 . ILE A 1 16  ? 0.982   -6.223  -0.585  1.00 11.66  ? 322 ILE A CG1 1 
ATOM   123 C  CG2 . ILE A 1 16  ? 0.444   -8.020  -2.277  1.00 11.95  ? 322 ILE A CG2 1 
ATOM   124 C  CD1 . ILE A 1 16  ? 1.749   -5.298  -1.502  1.00 9.12   ? 322 ILE A CD1 1 
ATOM   125 N  N   . PRO A 1 17  ? -0.008  -10.952 -0.245  1.00 13.68  ? 323 PRO A N   1 
ATOM   126 C  CA  . PRO A 1 17  ? 0.332   -12.343 -0.569  1.00 12.76  ? 323 PRO A CA  1 
ATOM   127 C  C   . PRO A 1 17  ? 1.102   -12.423 -1.878  1.00 15.14  ? 323 PRO A C   1 
ATOM   128 O  O   . PRO A 1 17  ? 0.920   -11.606 -2.783  1.00 14.28  ? 323 PRO A O   1 
ATOM   129 C  CB  . PRO A 1 17  ? -1.035  -13.030 -0.676  1.00 15.66  ? 323 PRO A CB  1 
ATOM   130 C  CG  . PRO A 1 17  ? -1.975  -12.145 0.084   1.00 15.25  ? 323 PRO A CG  1 
ATOM   131 C  CD  . PRO A 1 17  ? -1.461  -10.749 -0.124  1.00 9.68   ? 323 PRO A CD  1 
ATOM   132 N  N   . ASN A 1 18  ? 1.984   -13.423 -1.967  1.00 19.12  ? 324 ASN A N   1 
ATOM   133 C  CA  . ASN A 1 18  ? 2.883   -13.525 -3.111  1.00 19.18  ? 324 ASN A CA  1 
ATOM   134 C  C   . ASN A 1 18  ? 2.159   -13.872 -4.406  1.00 23.49  ? 324 ASN A C   1 
ATOM   135 O  O   . ASN A 1 18  ? 2.712   -13.645 -5.487  1.00 25.33  ? 324 ASN A O   1 
ATOM   136 C  CB  . ASN A 1 18  ? 3.977   -14.557 -2.830  1.00 28.88  ? 324 ASN A CB  1 
ATOM   137 C  CG  . ASN A 1 18  ? 5.146   -13.970 -2.055  1.00 39.24  ? 324 ASN A CG  1 
ATOM   138 O  OD1 . ASN A 1 18  ? 5.396   -12.766 -2.105  1.00 31.99  ? 324 ASN A OD1 1 
ATOM   139 N  ND2 . ASN A 1 18  ? 5.876   -14.823 -1.345  1.00 39.02  ? 324 ASN A ND2 1 
ATOM   140 N  N   . ASN A 1 19  ? 0.939   -14.405 -4.333  1.00 23.96  ? 325 ASN A N   1 
ATOM   141 C  CA  . ASN A 1 19  ? 0.183   -14.695 -5.546  1.00 29.01  ? 325 ASN A CA  1 
ATOM   142 C  C   . ASN A 1 19  ? -0.437  -13.449 -6.168  1.00 26.64  ? 325 ASN A C   1 
ATOM   143 O  O   . ASN A 1 19  ? -1.017  -13.542 -7.254  1.00 25.67  ? 325 ASN A O   1 
ATOM   144 C  CB  . ASN A 1 19  ? -0.912  -15.730 -5.258  1.00 25.38  ? 325 ASN A CB  1 
ATOM   145 C  CG  . ASN A 1 19  ? -2.072  -15.154 -4.471  1.00 36.77  ? 325 ASN A CG  1 
ATOM   146 O  OD1 . ASN A 1 19  ? -1.892  -14.288 -3.615  1.00 33.41  ? 325 ASN A OD1 1 
ATOM   147 N  ND2 . ASN A 1 19  ? -3.276  -15.635 -4.758  1.00 46.56  ? 325 ASN A ND2 1 
ATOM   148 N  N   . VAL A 1 20  ? -0.324  -12.295 -5.518  1.00 19.32  ? 326 VAL A N   1 
ATOM   149 C  CA  . VAL A 1 20  ? -0.834  -11.036 -6.055  1.00 17.55  ? 326 VAL A CA  1 
ATOM   150 C  C   . VAL A 1 20  ? 0.202   -10.439 -7.000  1.00 22.48  ? 326 VAL A C   1 
ATOM   151 O  O   . VAL A 1 20  ? 1.317   -10.116 -6.564  1.00 20.06  ? 326 VAL A O   1 
ATOM   152 C  CB  . VAL A 1 20  ? -1.174  -10.049 -4.928  1.00 17.35  ? 326 VAL A CB  1 
ATOM   153 C  CG1 . VAL A 1 20  ? -1.693  -8.734  -5.498  1.00 14.94  ? 326 VAL A CG1 1 
ATOM   154 C  CG2 . VAL A 1 20  ? -2.181  -10.662 -3.971  1.00 17.47  ? 326 VAL A CG2 1 
ATOM   155 N  N   . PRO A 1 21  ? -0.103  -10.279 -8.288  1.00 22.93  ? 327 PRO A N   1 
ATOM   156 C  CA  . PRO A 1 21  ? 0.825   -9.558  -9.173  1.00 22.85  ? 327 PRO A CA  1 
ATOM   157 C  C   . PRO A 1 21  ? 0.884   -8.093  -8.770  1.00 15.93  ? 327 PRO A C   1 
ATOM   158 O  O   . PRO A 1 21  ? -0.151  -7.451  -8.572  1.00 19.11  ? 327 PRO A O   1 
ATOM   159 C  CB  . PRO A 1 21  ? 0.212   -9.742  -10.569 1.00 18.71  ? 327 PRO A CB  1 
ATOM   160 C  CG  . PRO A 1 21  ? -0.811  -10.833 -10.424 1.00 26.12  ? 327 PRO A CG  1 
ATOM   161 C  CD  . PRO A 1 21  ? -1.297  -10.748 -9.007  1.00 23.56  ? 327 PRO A CD  1 
ATOM   162 N  N   . SER A 1 22  ? 2.103   -7.565  -8.637  1.00 19.69  ? 328 SER A N   1 
ATOM   163 C  CA  . SER A 1 22  ? 2.251   -6.216  -8.103  1.00 14.22  ? 328 SER A CA  1 
ATOM   164 C  C   . SER A 1 22  ? 1.627   -5.159  -9.009  1.00 14.96  ? 328 SER A C   1 
ATOM   165 O  O   . SER A 1 22  ? 1.270   -4.080  -8.524  1.00 15.45  ? 328 SER A O   1 
ATOM   166 C  CB  . SER A 1 22  ? 3.730   -5.902  -7.840  1.00 10.24  ? 328 SER A CB  1 
ATOM   167 O  OG  . SER A 1 22  ? 4.538   -6.078  -8.989  1.00 16.47  ? 328 SER A OG  1 
ATOM   168 N  N   . ALA A 1 23  ? 1.463   -5.446  -10.303 1.00 15.42  ? 329 ALA A N   1 
ATOM   169 C  CA  . ALA A 1 23  ? 0.782   -4.496  -11.178 1.00 20.00  ? 329 ALA A CA  1 
ATOM   170 C  C   . ALA A 1 23  ? -0.675  -4.307  -10.775 1.00 23.87  ? 329 ALA A C   1 
ATOM   171 O  O   . ALA A 1 23  ? -1.241  -3.231  -10.991 1.00 26.15  ? 329 ALA A O   1 
ATOM   172 C  CB  . ALA A 1 23  ? 0.873   -4.950  -12.634 1.00 20.16  ? 329 ALA A CB  1 
ATOM   173 N  N   . ALA A 1 24  ? -1.294  -5.331  -10.182 1.00 15.78  ? 330 ALA A N   1 
ATOM   174 C  CA  . ALA A 1 24  ? -2.672  -5.213  -9.726  1.00 20.98  ? 330 ALA A CA  1 
ATOM   175 C  C   . ALA A 1 24  ? -2.827  -4.266  -8.544  1.00 24.38  ? 330 ALA A C   1 
ATOM   176 O  O   . ALA A 1 24  ? -3.956  -3.881  -8.230  1.00 20.28  ? 330 ALA A O   1 
ATOM   177 C  CB  . ALA A 1 24  ? -3.227  -6.592  -9.358  1.00 19.59  ? 330 ALA A CB  1 
ATOM   178 N  N   . LEU A 1 25  ? -1.733  -3.883  -7.882  1.00 14.33  ? 331 LEU A N   1 
ATOM   179 C  CA  . LEU A 1 25  ? -1.846  -2.951  -6.767  1.00 14.16  ? 331 LEU A CA  1 
ATOM   180 C  C   . LEU A 1 25  ? -2.313  -1.577  -7.230  1.00 21.40  ? 331 LEU A C   1 
ATOM   181 O  O   . LEU A 1 25  ? -2.978  -0.861  -6.471  1.00 15.17  ? 331 LEU A O   1 
ATOM   182 C  CB  . LEU A 1 25  ? -0.508  -2.843  -6.035  1.00 15.71  ? 331 LEU A CB  1 
ATOM   183 C  CG  . LEU A 1 25  ? 0.041   -4.147  -5.452  1.00 13.59  ? 331 LEU A CG  1 
ATOM   184 C  CD1 . LEU A 1 25  ? 1.451   -3.938  -4.927  1.00 12.48  ? 331 LEU A CD1 1 
ATOM   185 C  CD2 . LEU A 1 25  ? -0.871  -4.678  -4.348  1.00 15.80  ? 331 LEU A CD2 1 
ATOM   186 N  N   . ALA A 1 26  ? -1.996  -1.197  -8.471  1.00 17.99  ? 332 ALA A N   1 
ATOM   187 C  CA  . ALA A 1 26  ? -2.417  0.103   -8.980  1.00 25.06  ? 332 ALA A CA  1 
ATOM   188 C  C   . ALA A 1 26  ? -3.934  0.243   -9.045  1.00 25.77  ? 332 ALA A C   1 
ATOM   189 O  O   . ALA A 1 26  ? -4.440  1.371   -9.059  1.00 32.83  ? 332 ALA A O   1 
ATOM   190 C  CB  . ALA A 1 26  ? -1.815  0.341   -10.366 1.00 31.03  ? 332 ALA A CB  1 
ATOM   191 N  N   . GLN A 1 27  ? -4.673  -0.869  -9.070  1.00 22.76  ? 333 GLN A N   1 
ATOM   192 C  CA  . GLN A 1 27  ? -6.122  -0.799  -9.226  1.00 34.46  ? 333 GLN A CA  1 
ATOM   193 C  C   . GLN A 1 27  ? -6.821  -0.244  -7.989  1.00 35.55  ? 333 GLN A C   1 
ATOM   194 O  O   . GLN A 1 27  ? -7.958  0.226   -8.101  1.00 37.95  ? 333 GLN A O   1 
ATOM   195 C  CB  . GLN A 1 27  ? -6.688  -2.183  -9.564  1.00 46.62  ? 333 GLN A CB  1 
ATOM   196 C  CG  . GLN A 1 27  ? -6.906  -3.086  -8.357  1.00 59.59  ? 333 GLN A CG  1 
ATOM   197 C  CD  . GLN A 1 27  ? -6.975  -4.560  -8.721  1.00 65.85  ? 333 GLN A CD  1 
ATOM   198 O  OE1 . GLN A 1 27  ? -7.298  -5.401  -7.883  1.00 67.19  ? 333 GLN A OE1 1 
ATOM   199 N  NE2 . GLN A 1 27  ? -6.663  -4.877  -9.971  1.00 68.89  ? 333 GLN A NE2 1 
ATOM   200 N  N   . VAL A 1 28  ? -6.180  -0.288  -6.817  1.00 23.72  ? 334 VAL A N   1 
ATOM   201 C  CA  . VAL A 1 28  ? -6.802  0.216   -5.598  1.00 30.24  ? 334 VAL A CA  1 
ATOM   202 C  C   . VAL A 1 28  ? -6.332  1.614   -5.241  1.00 26.11  ? 334 VAL A C   1 
ATOM   203 O  O   . VAL A 1 28  ? -6.795  2.178   -4.241  1.00 29.44  ? 334 VAL A O   1 
ATOM   204 C  CB  . VAL A 1 28  ? -6.570  -0.742  -4.413  1.00 39.49  ? 334 VAL A CB  1 
ATOM   205 C  CG1 . VAL A 1 28  ? -7.175  -2.101  -4.719  1.00 44.22  ? 334 VAL A CG1 1 
ATOM   206 C  CG2 . VAL A 1 28  ? -5.086  -0.854  -4.087  1.00 31.03  ? 334 VAL A CG2 1 
ATOM   207 N  N   . LEU A 1 29  ? -5.434  2.194   -6.029  1.00 18.06  ? 335 LEU A N   1 
ATOM   208 C  CA  . LEU A 1 29  ? -4.962  3.552   -5.825  1.00 21.66  ? 335 LEU A CA  1 
ATOM   209 C  C   . LEU A 1 29  ? -5.430  4.442   -6.968  1.00 27.59  ? 335 LEU A C   1 
ATOM   210 O  O   . LEU A 1 29  ? -5.537  4.004   -8.115  1.00 35.52  ? 335 LEU A O   1 
ATOM   211 C  CB  . LEU A 1 29  ? -3.434  3.595   -5.735  1.00 27.24  ? 335 LEU A CB  1 
ATOM   212 C  CG  . LEU A 1 29  ? -2.769  2.812   -4.605  1.00 27.76  ? 335 LEU A CG  1 
ATOM   213 C  CD1 . LEU A 1 29  ? -1.265  2.859   -4.763  1.00 22.29  ? 335 LEU A CD1 1 
ATOM   214 C  CD2 . LEU A 1 29  ? -3.185  3.369   -3.253  1.00 22.22  ? 335 LEU A CD2 1 
ATOM   215 N  N   . SER A 1 30  ? -5.705  5.699   -6.644  1.00 32.49  ? 336 SER A N   1 
ATOM   216 C  CA  . SER A 1 30  ? -6.045  6.712   -7.631  1.00 23.76  ? 336 SER A CA  1 
ATOM   217 C  C   . SER A 1 30  ? -4.920  7.737   -7.719  1.00 30.14  ? 336 SER A C   1 
ATOM   218 O  O   . SER A 1 30  ? -3.993  7.752   -6.906  1.00 28.19  ? 336 SER A O   1 
ATOM   219 C  CB  . SER A 1 30  ? -7.372  7.392   -7.274  1.00 22.25  ? 336 SER A CB  1 
ATOM   220 O  OG  . SER A 1 30  ? -7.285  8.053   -6.025  1.00 24.81  ? 336 SER A OG  1 
ATOM   221 N  N   . GLY A 1 31  ? -5.010  8.599   -8.724  1.00 26.85  ? 337 GLY A N   1 
ATOM   222 C  CA  . GLY A 1 31  ? -4.021  9.643   -8.907  1.00 27.88  ? 337 GLY A CA  1 
ATOM   223 C  C   . GLY A 1 31  ? -2.828  9.183   -9.722  1.00 30.74  ? 337 GLY A C   1 
ATOM   224 O  O   . GLY A 1 31  ? -2.860  8.167   -10.423 1.00 27.10  ? 337 GLY A O   1 
ATOM   225 N  N   . LYS A 1 32  ? -1.746  9.956   -9.615  1.00 21.32  ? 338 LYS A N   1 
ATOM   226 C  CA  . LYS A 1 32  ? -0.524  9.734   -10.383 1.00 15.41  ? 338 LYS A CA  1 
ATOM   227 C  C   . LYS A 1 32  ? 0.581   9.307   -9.426  1.00 19.34  ? 338 LYS A C   1 
ATOM   228 O  O   . LYS A 1 32  ? 1.014   10.092  -8.574  1.00 18.62  ? 338 LYS A O   1 
ATOM   229 C  CB  . LYS A 1 32  ? -0.124  10.993  -11.150 1.00 21.25  ? 338 LYS A CB  1 
ATOM   230 C  CG  . LYS A 1 32  ? -1.081  11.373  -12.271 1.00 41.20  ? 338 LYS A CG  1 
ATOM   231 C  CD  . LYS A 1 32  ? -1.000  12.859  -12.591 1.00 40.77  ? 338 LYS A CD  1 
ATOM   232 C  CE  . LYS A 1 32  ? -1.624  13.168  -13.946 1.00 45.70  ? 338 LYS A CE  1 
ATOM   233 N  NZ  . LYS A 1 32  ? -1.282  14.536  -14.428 1.00 45.03  ? 338 LYS A NZ  1 
ATOM   234 N  N   . PHE A 1 33  ? 1.050   8.073   -9.581  1.00 18.58  ? 339 PHE A N   1 
ATOM   235 C  CA  . PHE A 1 33  ? 2.035   7.506   -8.675  1.00 16.51  ? 339 PHE A CA  1 
ATOM   236 C  C   . PHE A 1 33  ? 2.878   6.495   -9.434  1.00 18.61  ? 339 PHE A C   1 
ATOM   237 O  O   . PHE A 1 33  ? 2.525   6.056   -10.531 1.00 20.91  ? 339 PHE A O   1 
ATOM   238 C  CB  . PHE A 1 33  ? 1.358   6.839   -7.472  1.00 14.35  ? 339 PHE A CB  1 
ATOM   239 C  CG  . PHE A 1 33  ? 0.419   5.735   -7.857  1.00 18.59  ? 339 PHE A CG  1 
ATOM   240 C  CD1 . PHE A 1 33  ? -0.905  6.010   -8.157  1.00 22.12  ? 339 PHE A CD1 1 
ATOM   241 C  CD2 . PHE A 1 33  ? 0.863   4.425   -7.941  1.00 17.83  ? 339 PHE A CD2 1 
ATOM   242 C  CE1 . PHE A 1 33  ? -1.771  5.000   -8.524  1.00 21.16  ? 339 PHE A CE1 1 
ATOM   243 C  CE2 . PHE A 1 33  ? -0.001  3.410   -8.309  1.00 23.11  ? 339 PHE A CE2 1 
ATOM   244 C  CZ  . PHE A 1 33  ? -1.321  3.701   -8.600  1.00 21.35  ? 339 PHE A CZ  1 
ATOM   245 N  N   . THR A 1 34  ? 4.001   6.121   -8.830  1.00 18.55  ? 340 THR A N   1 
ATOM   246 C  CA  . THR A 1 34  ? 4.807   5.002   -9.293  1.00 17.73  ? 340 THR A CA  1 
ATOM   247 C  C   . THR A 1 34  ? 4.948   4.004   -8.154  1.00 20.22  ? 340 THR A C   1 
ATOM   248 O  O   . THR A 1 34  ? 5.040   4.393   -6.986  1.00 22.30  ? 340 THR A O   1 
ATOM   249 C  CB  . THR A 1 34  ? 6.188   5.458   -9.781  1.00 28.19  ? 340 THR A CB  1 
ATOM   250 O  OG1 . THR A 1 34  ? 6.860   6.170   -8.736  1.00 25.18  ? 340 THR A OG1 1 
ATOM   251 C  CG2 . THR A 1 34  ? 6.050   6.366   -10.997 1.00 24.99  ? 340 THR A CG2 1 
ATOM   252 N  N   . LEU A 1 35  ? 4.946   2.720   -8.495  1.00 14.22  ? 341 LEU A N   1 
ATOM   253 C  CA  . LEU A 1 35  ? 5.009   1.646   -7.514  1.00 21.53  ? 341 LEU A CA  1 
ATOM   254 C  C   . LEU A 1 35  ? 6.403   1.036   -7.497  1.00 24.57  ? 341 LEU A C   1 
ATOM   255 O  O   . LEU A 1 35  ? 6.922   0.629   -8.542  1.00 28.10  ? 341 LEU A O   1 
ATOM   256 C  CB  . LEU A 1 35  ? 3.969   0.567   -7.818  1.00 21.17  ? 341 LEU A CB  1 
ATOM   257 C  CG  . LEU A 1 35  ? 2.592   0.723   -7.179  1.00 23.56  ? 341 LEU A CG  1 
ATOM   258 C  CD1 . LEU A 1 35  ? 1.616   -0.267  -7.797  1.00 33.82  ? 341 LEU A CD1 1 
ATOM   259 C  CD2 . LEU A 1 35  ? 2.680   0.520   -5.672  1.00 21.56  ? 341 LEU A CD2 1 
ATOM   260 N  N   . ASP A 1 36  ? 6.997   0.971   -6.311  1.00 14.82  ? 342 ASP A N   1 
ATOM   261 C  CA  . ASP A 1 36  ? 8.304   0.358   -6.099  1.00 19.30  ? 342 ASP A CA  1 
ATOM   262 C  C   . ASP A 1 36  ? 8.086   -0.890  -5.254  1.00 19.91  ? 342 ASP A C   1 
ATOM   263 O  O   . ASP A 1 36  ? 7.693   -0.795  -4.087  1.00 16.32  ? 342 ASP A O   1 
ATOM   264 C  CB  . ASP A 1 36  ? 9.263   1.335   -5.421  1.00 26.52  ? 342 ASP A CB  1 
ATOM   265 C  CG  . ASP A 1 36  ? 10.621  0.722   -5.137  1.00 47.65  ? 342 ASP A CG  1 
ATOM   266 O  OD1 . ASP A 1 36  ? 11.033  -0.193  -5.881  1.00 45.47  ? 342 ASP A OD1 1 
ATOM   267 O  OD2 . ASP A 1 36  ? 11.280  1.159   -4.167  1.00 52.30  ? 342 ASP A OD2 1 
ATOM   268 N  N   . VAL A 1 37  ? 8.335   -2.055  -5.841  1.00 18.68  ? 343 VAL A N   1 
ATOM   269 C  CA  . VAL A 1 37  ? 8.026   -3.336  -5.217  1.00 24.25  ? 343 VAL A CA  1 
ATOM   270 C  C   . VAL A 1 37  ? 9.286   -3.895  -4.576  1.00 32.02  ? 343 VAL A C   1 
ATOM   271 O  O   . VAL A 1 37  ? 10.359  -3.899  -5.192  1.00 32.96  ? 343 VAL A O   1 
ATOM   272 C  CB  . VAL A 1 37  ? 7.449   -4.323  -6.246  1.00 26.04  ? 343 VAL A CB  1 
ATOM   273 C  CG1 . VAL A 1 37  ? 7.018   -5.613  -5.567  1.00 25.48  ? 343 VAL A CG1 1 
ATOM   274 C  CG2 . VAL A 1 37  ? 6.293   -3.680  -6.977  1.00 23.91  ? 343 VAL A CG2 1 
ATOM   275 N  N   . LYS A 1 38  ? 9.158   -4.365  -3.340  1.00 29.96  ? 344 LYS A N   1 
ATOM   276 C  CA  . LYS A 1 38  ? 10.255  -5.025  -2.651  1.00 42.39  ? 344 LYS A CA  1 
ATOM   277 C  C   . LYS A 1 38  ? 10.131  -6.533  -2.822  1.00 50.22  ? 344 LYS A C   1 
ATOM   278 O  O   . LYS A 1 38  ? 9.024   -7.077  -2.862  1.00 49.21  ? 344 LYS A O   1 
ATOM   279 C  CB  . LYS A 1 38  ? 10.264  -4.657  -1.165  1.00 47.37  ? 344 LYS A CB  1 
ATOM   280 C  CG  . LYS A 1 38  ? 11.645  -4.319  -0.622  1.00 52.77  ? 344 LYS A CG  1 
ATOM   281 C  CD  . LYS A 1 38  ? 11.572  -3.744  0.786   1.00 55.77  ? 344 LYS A CD  1 
ATOM   282 C  CE  . LYS A 1 38  ? 11.394  -4.835  1.829   1.00 59.22  ? 344 LYS A CE  1 
ATOM   283 N  NZ  . LYS A 1 38  ? 11.421  -4.291  3.218   1.00 60.39  ? 344 LYS A NZ  1 
ATOM   284 N  N   . GLN A 1 39  ? 11.274  -7.202  -2.935  1.00 51.83  ? 345 GLN A N   1 
ATOM   285 C  CA  . GLN A 1 39  ? 11.276  -8.650  -3.079  1.00 57.44  ? 345 GLN A CA  1 
ATOM   286 C  C   . GLN A 1 39  ? 10.858  -9.312  -1.770  1.00 59.95  ? 345 GLN A C   1 
ATOM   287 O  O   . GLN A 1 39  ? 11.181  -8.831  -0.681  1.00 59.51  ? 345 GLN A O   1 
ATOM   288 C  CB  . GLN A 1 39  ? 12.663  -9.140  -3.496  1.00 49.37  ? 345 GLN A CB  1 
ATOM   289 C  CG  . GLN A 1 39  ? 12.739  -10.632 -3.783  1.00 59.68  ? 345 GLN A CG  1 
ATOM   290 C  CD  . GLN A 1 39  ? 14.005  -11.267 -3.240  1.00 65.96  ? 345 GLN A CD  1 
ATOM   291 O  OE1 . GLN A 1 39  ? 14.353  -11.082 -2.073  1.00 72.90  ? 345 GLN A OE1 1 
ATOM   292 N  NE2 . GLN A 1 39  ? 14.700  -12.021 -4.084  1.00 58.12  ? 345 GLN A NE2 1 
ATOM   293 N  N   . ALA A 1 40  ? 10.123  -10.414 -1.882  1.00 53.35  ? 346 ALA A N   1 
ATOM   294 C  CA  . ALA A 1 40  ? 9.788   -11.203 -0.706  1.00 52.30  ? 346 ALA A CA  1 
ATOM   295 C  C   . ALA A 1 40  ? 11.046  -11.846 -0.134  1.00 54.58  ? 346 ALA A C   1 
ATOM   296 O  O   . ALA A 1 40  ? 11.957  -12.229 -0.875  1.00 49.81  ? 346 ALA A O   1 
ATOM   297 C  CB  . ALA A 1 40  ? 8.757   -12.277 -1.057  1.00 47.00  ? 346 ALA A CB  1 
ATOM   298 N  N   . LYS A 1 41  ? 11.100  -11.950 1.192   1.00 53.09  ? 347 LYS A N   1 
ATOM   299 C  CA  . LYS A 1 41  ? 12.237  -12.593 1.834   1.00 51.89  ? 347 LYS A CA  1 
ATOM   300 C  C   . LYS A 1 41  ? 12.300  -14.063 1.432   1.00 56.55  ? 347 LYS A C   1 
ATOM   301 O  O   . LYS A 1 41  ? 11.317  -14.653 0.975   1.00 49.89  ? 347 LYS A O   1 
ATOM   302 C  CB  . LYS A 1 41  ? 12.147  -12.458 3.356   1.00 48.64  ? 347 LYS A CB  1 
ATOM   303 C  CG  . LYS A 1 41  ? 11.010  -13.243 3.996   1.00 55.44  ? 347 LYS A CG  1 
ATOM   304 C  CD  . LYS A 1 41  ? 10.926  -12.978 5.496   1.00 58.95  ? 347 LYS A CD  1 
ATOM   305 C  CE  . LYS A 1 41  ? 9.826   -13.804 6.148   1.00 52.73  ? 347 LYS A CE  1 
ATOM   306 N  NZ  . LYS A 1 41  ? 9.675   -13.496 7.598   1.00 46.72  ? 347 LYS A NZ  1 
ATOM   307 N  N   . THR A 1 42  ? 13.484  -14.652 1.595   1.00 69.83  ? 348 THR A N   1 
ATOM   308 C  CA  . THR A 1 42  ? 13.682  -16.046 1.213   1.00 82.65  ? 348 THR A CA  1 
ATOM   309 C  C   . THR A 1 42  ? 12.723  -16.947 1.983   1.00 84.55  ? 348 THR A C   1 
ATOM   310 O  O   . THR A 1 42  ? 12.600  -16.846 3.208   1.00 82.71  ? 348 THR A O   1 
ATOM   311 C  CB  . THR A 1 42  ? 15.136  -16.463 1.454   1.00 87.89  ? 348 THR A CB  1 
ATOM   312 O  OG1 . THR A 1 42  ? 15.265  -17.883 1.306   1.00 89.47  ? 348 THR A OG1 1 
ATOM   313 C  CG2 . THR A 1 42  ? 15.606  -16.044 2.844   1.00 89.53  ? 348 THR A CG2 1 
ATOM   314 N  N   . GLN A 1 43  ? 12.022  -17.814 1.246   1.00 82.47  ? 349 GLN A N   1 
ATOM   315 C  CA  . GLN A 1 43  ? 10.946  -18.647 1.789   1.00 80.23  ? 349 GLN A CA  1 
ATOM   316 C  C   . GLN A 1 43  ? 9.838   -17.798 2.411   1.00 74.35  ? 349 GLN A C   1 
ATOM   317 O  O   . GLN A 1 43  ? 9.140   -18.243 3.326   1.00 70.71  ? 349 GLN A O   1 
ATOM   318 C  CB  . GLN A 1 43  ? 11.478  -19.666 2.803   1.00 77.21  ? 349 GLN A CB  1 
ATOM   319 N  N   . GLY A 1 44  ? 9.668   -16.572 1.915   1.00 66.53  ? 350 GLY A N   1 
ATOM   320 C  CA  . GLY A 1 44  ? 8.657   -15.675 2.435   1.00 55.10  ? 350 GLY A CA  1 
ATOM   321 C  C   . GLY A 1 44  ? 7.371   -15.738 1.632   1.00 43.06  ? 350 GLY A C   1 
ATOM   322 O  O   . GLY A 1 44  ? 7.362   -16.110 0.463   1.00 44.50  ? 350 GLY A O   1 
ATOM   323 N  N   . ARG A 1 45  ? 6.273   -15.356 2.281   1.00 31.97  ? 351 ARG A N   1 
ATOM   324 C  CA  . ARG A 1 45  ? 4.943   -15.504 1.708   1.00 27.10  ? 351 ARG A CA  1 
ATOM   325 C  C   . ARG A 1 45  ? 4.267   -14.187 1.376   1.00 22.61  ? 351 ARG A C   1 
ATOM   326 O  O   . ARG A 1 45  ? 3.235   -14.194 0.692   1.00 14.73  ? 351 ARG A O   1 
ATOM   327 C  CB  . ARG A 1 45  ? 4.037   -16.287 2.666   1.00 26.34  ? 351 ARG A CB  1 
ATOM   328 C  CG  . ARG A 1 45  ? 4.646   -17.572 3.157   1.00 31.93  ? 351 ARG A CG  1 
ATOM   329 C  CD  . ARG A 1 45  ? 3.591   -18.613 3.433   1.00 47.72  ? 351 ARG A CD  1 
ATOM   330 N  NE  . ARG A 1 45  ? 4.144   -19.952 3.313   1.00 58.74  ? 351 ARG A NE  1 
ATOM   331 C  CZ  . ARG A 1 45  ? 3.514   -20.985 2.779   1.00 69.44  ? 351 ARG A CZ  1 
ATOM   332 N  NH1 . ARG A 1 45  ? 2.281   -20.840 2.350   1.00 68.27  ? 351 ARG A NH1 1 
ATOM   333 N  NH2 . ARG A 1 45  ? 4.121   -22.162 2.693   1.00 74.40  ? 351 ARG A NH2 1 
ATOM   334 N  N   . TYR A 1 46  ? 4.806   -13.072 1.847   1.00 16.07  ? 352 TYR A N   1 
ATOM   335 C  CA  . TYR A 1 46  ? 4.210   -11.771 1.626   1.00 19.18  ? 352 TYR A CA  1 
ATOM   336 C  C   . TYR A 1 46  ? 5.300   -10.824 1.152   1.00 16.67  ? 352 TYR A C   1 
ATOM   337 O  O   . TYR A 1 46  ? 6.494   -11.080 1.327   1.00 20.53  ? 352 TYR A O   1 
ATOM   338 C  CB  . TYR A 1 46  ? 3.522   -11.257 2.900   1.00 21.14  ? 352 TYR A CB  1 
ATOM   339 C  CG  . TYR A 1 46  ? 2.494   -12.225 3.466   1.00 19.10  ? 352 TYR A CG  1 
ATOM   340 C  CD1 . TYR A 1 46  ? 1.174   -12.200 3.029   1.00 18.24  ? 352 TYR A CD1 1 
ATOM   341 C  CD2 . TYR A 1 46  ? 2.847   -13.168 4.424   1.00 15.39  ? 352 TYR A CD2 1 
ATOM   342 C  CE1 . TYR A 1 46  ? 0.233   -13.085 3.534   1.00 16.60  ? 352 TYR A CE1 1 
ATOM   343 C  CE2 . TYR A 1 46  ? 1.912   -14.058 4.936   1.00 22.32  ? 352 TYR A CE2 1 
ATOM   344 C  CZ  . TYR A 1 46  ? 0.607   -14.011 4.484   1.00 19.76  ? 352 TYR A CZ  1 
ATOM   345 O  OH  . TYR A 1 46  ? -0.327  -14.887 4.985   1.00 25.41  ? 352 TYR A OH  1 
ATOM   346 N  N   . TYR A 1 47  ? 4.882   -9.739  0.516   1.00 11.77  ? 353 TYR A N   1 
ATOM   347 C  CA  . TYR A 1 47  ? 5.810   -8.708  0.085   1.00 12.92  ? 353 TYR A CA  1 
ATOM   348 C  C   . TYR A 1 47  ? 5.146   -7.361  0.300   1.00 12.99  ? 353 TYR A C   1 
ATOM   349 O  O   . TYR A 1 47  ? 3.958   -7.274  0.620   1.00 13.36  ? 353 TYR A O   1 
ATOM   350 C  CB  . TYR A 1 47  ? 6.243   -8.900  -1.377  1.00 13.99  ? 353 TYR A CB  1 
ATOM   351 C  CG  . TYR A 1 47  ? 5.170   -8.642  -2.416  1.00 10.65  ? 353 TYR A CG  1 
ATOM   352 C  CD1 . TYR A 1 47  ? 4.308   -9.651  -2.824  1.00 10.51  ? 353 TYR A CD1 1 
ATOM   353 C  CD2 . TYR A 1 47  ? 5.040   -7.392  -3.010  1.00 16.08  ? 353 TYR A CD2 1 
ATOM   354 C  CE1 . TYR A 1 47  ? 3.332   -9.416  -3.787  1.00 10.75  ? 353 TYR A CE1 1 
ATOM   355 C  CE2 . TYR A 1 47  ? 4.071   -7.147  -3.970  1.00 12.12  ? 353 TYR A CE2 1 
ATOM   356 C  CZ  . TYR A 1 47  ? 3.222   -8.162  -4.356  1.00 14.05  ? 353 TYR A CZ  1 
ATOM   357 O  OH  . TYR A 1 47  ? 2.256   -7.916  -5.310  1.00 11.37  ? 353 TYR A OH  1 
ATOM   358 N  N   . CYS A 1 48  ? 5.929   -6.300  0.140   1.00 7.96   ? 354 CYS A N   1 
ATOM   359 C  CA  . CYS A 1 48  ? 5.427   -4.952  0.337   1.00 8.78   ? 354 CYS A CA  1 
ATOM   360 C  C   . CYS A 1 48  ? 5.858   -4.076  -0.827  1.00 12.65  ? 354 CYS A C   1 
ATOM   361 O  O   . CYS A 1 48  ? 6.692   -4.458  -1.653  1.00 12.85  ? 354 CYS A O   1 
ATOM   362 C  CB  . CYS A 1 48  ? 5.904   -4.368  1.672   1.00 13.46  ? 354 CYS A CB  1 
ATOM   363 S  SG  . CYS A 1 48  ? 7.684   -4.125  1.781   1.00 19.19  ? 354 CYS A SG  1 
ATOM   364 N  N   . ALA A 1 49  ? 5.263   -2.889  -0.889  1.00 13.91  ? 355 ALA A N   1 
ATOM   365 C  CA  . ALA A 1 49  ? 5.517   -1.963  -1.981  1.00 17.18  ? 355 ALA A CA  1 
ATOM   366 C  C   . ALA A 1 49  ? 5.277   -0.542  -1.494  1.00 17.38  ? 355 ALA A C   1 
ATOM   367 O  O   . ALA A 1 49  ? 4.549   -0.308  -0.526  1.00 15.04  ? 355 ALA A O   1 
ATOM   368 C  CB  . ALA A 1 49  ? 4.632   -2.270  -3.196  1.00 10.93  ? 355 ALA A CB  1 
ATOM   369 N  N   . PHE A 1 50  ? 5.902   0.407   -2.185  1.00 14.17  ? 356 PHE A N   1 
ATOM   370 C  CA  . PHE A 1 50  ? 5.774   1.825   -1.883  1.00 13.22  ? 356 PHE A CA  1 
ATOM   371 C  C   . PHE A 1 50  ? 5.175   2.535   -3.088  1.00 12.89  ? 356 PHE A C   1 
ATOM   372 O  O   . PHE A 1 50  ? 5.662   2.374   -4.213  1.00 13.32  ? 356 PHE A O   1 
ATOM   373 C  CB  . PHE A 1 50  ? 7.135   2.437   -1.529  1.00 17.44  ? 356 PHE A CB  1 
ATOM   374 C  CG  . PHE A 1 50  ? 7.914   1.645   -0.512  1.00 18.21  ? 356 PHE A CG  1 
ATOM   375 C  CD1 . PHE A 1 50  ? 7.689   1.824   0.834   1.00 24.31  ? 356 PHE A CD1 1 
ATOM   376 C  CD2 . PHE A 1 50  ? 8.872   0.728   -0.904  1.00 31.34  ? 356 PHE A CD2 1 
ATOM   377 C  CE1 . PHE A 1 50  ? 8.394   1.106   1.781   1.00 31.67  ? 356 PHE A CE1 1 
ATOM   378 C  CE2 . PHE A 1 50  ? 9.584   0.005   0.040   1.00 41.62  ? 356 PHE A CE2 1 
ATOM   379 C  CZ  . PHE A 1 50  ? 9.344   0.196   1.385   1.00 36.65  ? 356 PHE A CZ  1 
ATOM   380 N  N   . ALA A 1 51  ? 4.121   3.309   -2.854  1.00 11.43  ? 357 ALA A N   1 
ATOM   381 C  CA  . ALA A 1 51  ? 3.496   4.119   -3.893  1.00 14.71  ? 357 ALA A CA  1 
ATOM   382 C  C   . ALA A 1 51  ? 3.919   5.566   -3.685  1.00 12.92  ? 357 ALA A C   1 
ATOM   383 O  O   . ALA A 1 51  ? 3.539   6.193   -2.693  1.00 20.19  ? 357 ALA A O   1 
ATOM   384 C  CB  . ALA A 1 51  ? 1.976   3.980   -3.858  1.00 10.07  ? 357 ALA A CB  1 
ATOM   385 N  N   . LEU A 1 52  ? 4.700   6.096   -4.619  1.00 13.16  ? 358 LEU A N   1 
ATOM   386 C  CA  . LEU A 1 52  ? 5.234   7.448   -4.524  1.00 11.19  ? 358 LEU A CA  1 
ATOM   387 C  C   . LEU A 1 52  ? 4.396   8.389   -5.380  1.00 20.13  ? 358 LEU A C   1 
ATOM   388 O  O   . LEU A 1 52  ? 4.298   8.208   -6.598  1.00 16.33  ? 358 LEU A O   1 
ATOM   389 C  CB  . LEU A 1 52  ? 6.697   7.485   -4.965  1.00 13.84  ? 358 LEU A CB  1 
ATOM   390 C  CG  . LEU A 1 52  ? 7.333   8.875   -5.034  1.00 23.88  ? 358 LEU A CG  1 
ATOM   391 C  CD1 . LEU A 1 52  ? 7.301   9.539   -3.664  1.00 15.52  ? 358 LEU A CD1 1 
ATOM   392 C  CD2 . LEU A 1 52  ? 8.759   8.793   -5.575  1.00 23.81  ? 358 LEU A CD2 1 
ATOM   393 N  N   . PHE A 1 53  ? 3.808   9.400   -4.745  1.00 9.38   ? 359 PHE A N   1 
ATOM   394 C  CA  . PHE A 1 53  ? 3.036   10.415  -5.439  1.00 13.14  ? 359 PHE A CA  1 
ATOM   395 C  C   . PHE A 1 53  ? 3.895   11.663  -5.643  1.00 15.35  ? 359 PHE A C   1 
ATOM   396 O  O   . PHE A 1 53  ? 5.065   11.714  -5.264  1.00 17.92  ? 359 PHE A O   1 
ATOM   397 C  CB  . PHE A 1 53  ? 1.752   10.723  -4.665  1.00 18.52  ? 359 PHE A CB  1 
ATOM   398 C  CG  . PHE A 1 53  ? 0.794   9.565   -4.612  1.00 16.58  ? 359 PHE A CG  1 
ATOM   399 C  CD1 . PHE A 1 53  ? 1.016   8.499   -3.752  1.00 17.57  ? 359 PHE A CD1 1 
ATOM   400 C  CD2 . PHE A 1 53  ? -0.323  9.540   -5.430  1.00 15.08  ? 359 PHE A CD2 1 
ATOM   401 C  CE1 . PHE A 1 53  ? 0.145   7.429   -3.710  1.00 14.13  ? 359 PHE A CE1 1 
ATOM   402 C  CE2 . PHE A 1 53  ? -1.202  8.472   -5.391  1.00 10.33  ? 359 PHE A CE2 1 
ATOM   403 C  CZ  . PHE A 1 53  ? -0.967  7.417   -4.532  1.00 14.19  ? 359 PHE A CZ  1 
ATOM   404 N  N   . HIS A 1 54  ? 3.303   12.683  -6.261  1.00 17.78  ? 360 HIS A N   1 
ATOM   405 C  CA  . HIS A 1 54  ? 4.042   13.907  -6.547  1.00 17.97  ? 360 HIS A CA  1 
ATOM   406 C  C   . HIS A 1 54  ? 4.162   14.816  -5.331  1.00 20.66  ? 360 HIS A C   1 
ATOM   407 O  O   . HIS A 1 54  ? 5.041   15.685  -5.308  1.00 20.15  ? 360 HIS A O   1 
ATOM   408 C  CB  . HIS A 1 54  ? 3.382   14.671  -7.703  1.00 32.07  ? 360 HIS A CB  1 
ATOM   409 C  CG  . HIS A 1 54  ? 4.213   15.793  -8.243  1.00 61.97  ? 360 HIS A CG  1 
ATOM   410 N  ND1 . HIS A 1 54  ? 3.762   17.093  -8.294  1.00 74.90  ? 360 HIS A ND1 1 
ATOM   411 C  CD2 . HIS A 1 54  ? 5.466   15.806  -8.757  1.00 73.45  ? 360 HIS A CD2 1 
ATOM   412 C  CE1 . HIS A 1 54  ? 4.702   17.861  -8.817  1.00 74.88  ? 360 HIS A CE1 1 
ATOM   413 N  NE2 . HIS A 1 54  ? 5.746   17.105  -9.105  1.00 76.06  ? 360 HIS A NE2 1 
ATOM   414 N  N   . SER A 1 55  ? 3.313   14.632  -4.322  1.00 18.27  ? 361 SER A N   1 
ATOM   415 C  CA  . SER A 1 55  ? 3.390   15.421  -3.100  1.00 23.11  ? 361 SER A CA  1 
ATOM   416 C  C   . SER A 1 55  ? 2.655   14.676  -1.997  1.00 23.01  ? 361 SER A C   1 
ATOM   417 O  O   . SER A 1 55  ? 1.906   13.727  -2.250  1.00 17.14  ? 361 SER A O   1 
ATOM   418 C  CB  . SER A 1 55  ? 2.794   16.818  -3.295  1.00 29.42  ? 361 SER A CB  1 
ATOM   419 O  OG  . SER A 1 55  ? 1.388   16.745  -3.468  1.00 25.10  ? 361 SER A OG  1 
ATOM   420 N  N   . SER A 1 56  ? 2.879   15.124  -0.762  1.00 14.78  ? 362 SER A N   1 
ATOM   421 C  CA  . SER A 1 56  ? 2.136   14.565  0.361   1.00 24.21  ? 362 SER A CA  1 
ATOM   422 C  C   . SER A 1 56  ? 0.641   14.827  0.226   1.00 24.13  ? 362 SER A C   1 
ATOM   423 O  O   . SER A 1 56  ? -0.172  14.004  0.660   1.00 27.13  ? 362 SER A O   1 
ATOM   424 C  CB  . SER A 1 56  ? 2.661   15.135  1.679   1.00 24.13  ? 362 SER A CB  1 
ATOM   425 O  OG  . SER A 1 56  ? 2.553   16.547  1.696   1.00 27.23  ? 362 SER A OG  1 
ATOM   426 N  N   . GLU A 1 57  ? 0.259   15.955  -0.380  1.00 24.41  ? 363 GLU A N   1 
ATOM   427 C  CA  . GLU A 1 57  ? -1.159  16.245  -0.579  1.00 26.12  ? 363 GLU A CA  1 
ATOM   428 C  C   . GLU A 1 57  ? -1.808  15.207  -1.487  1.00 22.01  ? 363 GLU A C   1 
ATOM   429 O  O   . GLU A 1 57  ? -2.901  14.708  -1.198  1.00 19.30  ? 363 GLU A O   1 
ATOM   430 C  CB  . GLU A 1 57  ? -1.341  17.650  -1.161  1.00 35.78  ? 363 GLU A CB  1 
ATOM   431 C  CG  . GLU A 1 57  ? -1.054  18.790  -0.191  1.00 46.98  ? 363 GLU A CG  1 
ATOM   432 C  CD  . GLU A 1 57  ? 0.425   18.951  0.106   1.00 55.37  ? 363 GLU A CD  1 
ATOM   433 O  OE1 . GLU A 1 57  ? 0.761   19.424  1.212   1.00 58.89  ? 363 GLU A OE1 1 
ATOM   434 O  OE2 . GLU A 1 57  ? 1.251   18.603  -0.764  1.00 51.98  ? 363 GLU A OE2 1 
ATOM   435 N  N   . ASP A 1 58  ? -1.144  14.870  -2.596  1.00 20.03  ? 364 ASP A N   1 
ATOM   436 C  CA  . ASP A 1 58  ? -1.669  13.842  -3.487  1.00 21.04  ? 364 ASP A CA  1 
ATOM   437 C  C   . ASP A 1 58  ? -1.696  12.481  -2.803  1.00 14.50  ? 364 ASP A C   1 
ATOM   438 O  O   . ASP A 1 58  ? -2.641  11.703  -2.988  1.00 16.27  ? 364 ASP A O   1 
ATOM   439 C  CB  . ASP A 1 58  ? -0.838  13.785  -4.768  1.00 18.70  ? 364 ASP A CB  1 
ATOM   440 C  CG  . ASP A 1 58  ? -1.031  15.009  -5.640  1.00 32.34  ? 364 ASP A CG  1 
ATOM   441 O  OD1 . ASP A 1 58  ? -2.191  15.440  -5.812  1.00 38.85  ? 364 ASP A OD1 1 
ATOM   442 O  OD2 . ASP A 1 58  ? -0.024  15.541  -6.153  1.00 47.94  ? 364 ASP A OD2 1 
ATOM   443 N  N   . ALA A 1 59  ? -0.668  12.173  -2.009  1.00 16.53  ? 365 ALA A N   1 
ATOM   444 C  CA  . ALA A 1 59  ? -0.667  10.922  -1.258  1.00 19.36  ? 365 ALA A CA  1 
ATOM   445 C  C   . ALA A 1 59  ? -1.813  10.879  -0.252  1.00 20.06  ? 365 ALA A C   1 
ATOM   446 O  O   . ALA A 1 59  ? -2.490  9.854   -0.120  1.00 18.07  ? 365 ALA A O   1 
ATOM   447 C  CB  . ALA A 1 59  ? 0.676   10.731  -0.554  1.00 12.99  ? 365 ALA A CB  1 
ATOM   448 N  N   . ASP A 1 60  ? -2.040  11.980  0.471   1.00 18.76  ? 366 ASP A N   1 
ATOM   449 C  CA  . ASP A 1 60  ? -3.152  12.028  1.415   1.00 20.35  ? 366 ASP A CA  1 
ATOM   450 C  C   . ASP A 1 60  ? -4.487  11.920  0.694   1.00 18.54  ? 366 ASP A C   1 
ATOM   451 O  O   . ASP A 1 60  ? -5.405  11.240  1.168   1.00 18.78  ? 366 ASP A O   1 
ATOM   452 C  CB  . ASP A 1 60  ? -3.102  13.319  2.235   1.00 20.45  ? 366 ASP A CB  1 
ATOM   453 C  CG  . ASP A 1 60  ? -1.817  13.467  3.031   1.00 35.77  ? 366 ASP A CG  1 
ATOM   454 O  OD1 . ASP A 1 60  ? -1.123  12.452  3.243   1.00 45.00  ? 366 ASP A OD1 1 
ATOM   455 O  OD2 . ASP A 1 60  ? -1.512  14.604  3.452   1.00 38.86  ? 366 ASP A OD2 1 
ATOM   456 N  N   . GLN A 1 61  ? -4.613  12.591  -0.454  1.00 16.56  ? 367 GLN A N   1 
ATOM   457 C  CA  . GLN A 1 61  ? -5.832  12.502  -1.247  1.00 20.30  ? 367 GLN A CA  1 
ATOM   458 C  C   . GLN A 1 61  ? -6.095  11.071  -1.696  1.00 21.97  ? 367 GLN A C   1 
ATOM   459 O  O   . GLN A 1 61  ? -7.229  10.584  -1.622  1.00 23.12  ? 367 GLN A O   1 
ATOM   460 C  CB  . GLN A 1 61  ? -5.725  13.436  -2.452  1.00 26.57  ? 367 GLN A CB  1 
ATOM   461 C  CG  . GLN A 1 61  ? -6.947  13.471  -3.351  1.00 40.31  ? 367 GLN A CG  1 
ATOM   462 C  CD  . GLN A 1 61  ? -6.835  14.542  -4.418  1.00 53.69  ? 367 GLN A CD  1 
ATOM   463 O  OE1 . GLN A 1 61  ? -7.537  15.552  -4.379  1.00 62.19  ? 367 GLN A OE1 1 
ATOM   464 N  NE2 . GLN A 1 61  ? -5.937  14.330  -5.376  1.00 51.98  ? 367 GLN A NE2 1 
ATOM   465 N  N   . ALA A 1 62  ? -5.054  10.378  -2.163  1.00 29.21  ? 368 ALA A N   1 
ATOM   466 C  CA  . ALA A 1 62  ? -5.227  9.004   -2.616  1.00 24.25  ? 368 ALA A CA  1 
ATOM   467 C  C   . ALA A 1 62  ? -5.584  8.078   -1.460  1.00 19.05  ? 368 ALA A C   1 
ATOM   468 O  O   . ALA A 1 62  ? -6.442  7.201   -1.606  1.00 19.00  ? 368 ALA A O   1 
ATOM   469 C  CB  . ALA A 1 62  ? -3.961  8.520   -3.313  1.00 21.73  ? 368 ALA A CB  1 
ATOM   470 N  N   . PHE A 1 63  ? -4.935  8.254   -0.305  1.00 14.99  ? 369 PHE A N   1 
ATOM   471 C  CA  . PHE A 1 63  ? -5.237  7.403   0.842   1.00 19.58  ? 369 PHE A CA  1 
ATOM   472 C  C   . PHE A 1 63  ? -6.692  7.551   1.273   1.00 18.51  ? 369 PHE A C   1 
ATOM   473 O  O   . PHE A 1 63  ? -7.345  6.564   1.629   1.00 19.02  ? 369 PHE A O   1 
ATOM   474 C  CB  . PHE A 1 63  ? -4.299  7.722   2.004   1.00 13.77  ? 369 PHE A CB  1 
ATOM   475 C  CG  . PHE A 1 63  ? -4.471  6.811   3.183   1.00 16.40  ? 369 PHE A CG  1 
ATOM   476 C  CD1 . PHE A 1 63  ? -3.996  5.509   3.140   1.00 19.94  ? 369 PHE A CD1 1 
ATOM   477 C  CD2 . PHE A 1 63  ? -5.107  7.250   4.333   1.00 18.96  ? 369 PHE A CD2 1 
ATOM   478 C  CE1 . PHE A 1 63  ? -4.153  4.664   4.222   1.00 16.32  ? 369 PHE A CE1 1 
ATOM   479 C  CE2 . PHE A 1 63  ? -5.266  6.409   5.420   1.00 20.52  ? 369 PHE A CE2 1 
ATOM   480 C  CZ  . PHE A 1 63  ? -4.787  5.114   5.364   1.00 20.67  ? 369 PHE A CZ  1 
ATOM   481 N  N   . GLU A 1 64  ? -7.221  8.777   1.243   1.00 18.05  ? 370 GLU A N   1 
ATOM   482 C  CA  . GLU A 1 64  ? -8.623  8.966   1.599   1.00 29.08  ? 370 GLU A CA  1 
ATOM   483 C  C   . GLU A 1 64  ? -9.555  8.307   0.590   1.00 26.83  ? 370 GLU A C   1 
ATOM   484 O  O   . GLU A 1 64  ? -10.619 7.809   0.972   1.00 18.60  ? 370 GLU A O   1 
ATOM   485 C  CB  . GLU A 1 64  ? -8.945  10.458  1.725   1.00 38.65  ? 370 GLU A CB  1 
ATOM   486 C  CG  . GLU A 1 64  ? -8.255  11.178  2.889   1.00 57.00  ? 370 GLU A CG  1 
ATOM   487 C  CD  . GLU A 1 64  ? -8.711  10.720  4.278   1.00 73.48  ? 370 GLU A CD  1 
ATOM   488 O  OE1 . GLU A 1 64  ? -9.472  9.735   4.393   1.00 74.88  ? 370 GLU A OE1 1 
ATOM   489 O  OE2 . GLU A 1 64  ? -8.299  11.362  5.271   1.00 71.64  ? 370 GLU A OE2 1 
ATOM   490 N  N   . HIS A 1 65  ? -9.173  8.282   -0.690  1.00 28.38  ? 371 HIS A N   1 
ATOM   491 C  CA  . HIS A 1 65  ? -10.004 7.683   -1.730  1.00 30.50  ? 371 HIS A CA  1 
ATOM   492 C  C   . HIS A 1 65  ? -10.015 6.161   -1.688  1.00 30.20  ? 371 HIS A C   1 
ATOM   493 O  O   . HIS A 1 65  ? -10.852 5.551   -2.361  1.00 21.34  ? 371 HIS A O   1 
ATOM   494 C  CB  . HIS A 1 65  ? -9.531  8.131   -3.116  1.00 38.93  ? 371 HIS A CB  1 
ATOM   495 C  CG  . HIS A 1 65  ? -10.101 9.440   -3.559  1.00 55.43  ? 371 HIS A CG  1 
ATOM   496 N  ND1 . HIS A 1 65  ? -9.396  10.622  -3.489  1.00 68.26  ? 371 HIS A ND1 1 
ATOM   497 C  CD2 . HIS A 1 65  ? -11.306 9.754   -4.093  1.00 60.53  ? 371 HIS A CD2 1 
ATOM   498 C  CE1 . HIS A 1 65  ? -10.141 11.607  -3.953  1.00 67.46  ? 371 HIS A CE1 1 
ATOM   499 N  NE2 . HIS A 1 65  ? -11.306 11.107  -4.327  1.00 67.45  ? 371 HIS A NE2 1 
ATOM   500 N  N   . ILE A 1 66  ? -9.114  5.536   -0.931  1.00 23.41  ? 372 ILE A N   1 
ATOM   501 C  CA  . ILE A 1 66  ? -8.998  4.083   -0.943  1.00 22.66  ? 372 ILE A CA  1 
ATOM   502 C  C   . ILE A 1 66  ? -10.267 3.458   -0.379  1.00 28.17  ? 372 ILE A C   1 
ATOM   503 O  O   . ILE A 1 66  ? -10.738 3.832   0.703   1.00 22.96  ? 372 ILE A O   1 
ATOM   504 C  CB  . ILE A 1 66  ? -7.759  3.633   -0.156  1.00 22.36  ? 372 ILE A CB  1 
ATOM   505 C  CG1 . ILE A 1 66  ? -6.485  4.063   -0.885  1.00 18.50  ? 372 ILE A CG1 1 
ATOM   506 C  CG2 . ILE A 1 66  ? -7.779  2.127   0.048   1.00 20.65  ? 372 ILE A CG2 1 
ATOM   507 C  CD1 . ILE A 1 66  ? -5.213  3.671   -0.168  1.00 22.23  ? 372 ILE A CD1 1 
ATOM   508 N  N   . ASP A 1 67  ? -10.825 2.502   -1.118  1.00 23.41  ? 373 ASP A N   1 
ATOM   509 C  CA  . ASP A 1 67  ? -12.019 1.773   -0.692  1.00 23.08  ? 373 ASP A CA  1 
ATOM   510 C  C   . ASP A 1 67  ? -11.573 0.614   0.188   1.00 33.54  ? 373 ASP A C   1 
ATOM   511 O  O   . ASP A 1 67  ? -11.159 -0.436  -0.308  1.00 35.63  ? 373 ASP A O   1 
ATOM   512 C  CB  . ASP A 1 67  ? -12.806 1.286   -1.903  1.00 25.54  ? 373 ASP A CB  1 
ATOM   513 C  CG  . ASP A 1 67  ? -14.168 0.734   -1.531  1.00 44.97  ? 373 ASP A CG  1 
ATOM   514 O  OD1 . ASP A 1 67  ? -14.798 1.277   -0.599  1.00 50.43  ? 373 ASP A OD1 1 
ATOM   515 O  OD2 . ASP A 1 67  ? -14.612 -0.241  -2.176  1.00 54.29  ? 373 ASP A OD2 1 
ATOM   516 N  N   . GLY A 1 68  ? -11.645 0.802   1.502   1.00 32.69  ? 374 GLY A N   1 
ATOM   517 C  CA  . GLY A 1 68  ? -11.176 -0.221  2.420   1.00 29.08  ? 374 GLY A CA  1 
ATOM   518 C  C   . GLY A 1 68  ? -11.587 0.095   3.840   1.00 29.68  ? 374 GLY A C   1 
ATOM   519 O  O   . GLY A 1 68  ? -12.002 1.213   4.159   1.00 34.73  ? 374 GLY A O   1 
ATOM   520 N  N   . ILE A 1 69  ? -11.454 -0.917  4.693   1.00 21.42  ? 375 ILE A N   1 
ATOM   521 C  CA  . ILE A 1 69  ? -11.852 -0.818  6.094   1.00 15.04  ? 375 ILE A CA  1 
ATOM   522 C  C   . ILE A 1 69  ? -10.780 -0.061  6.867   1.00 21.96  ? 375 ILE A C   1 
ATOM   523 O  O   . ILE A 1 69  ? -9.605  -0.442  6.853   1.00 14.13  ? 375 ILE A O   1 
ATOM   524 C  CB  . ILE A 1 69  ? -12.077 -2.211  6.701   1.00 16.20  ? 375 ILE A CB  1 
ATOM   525 C  CG1 . ILE A 1 69  ? -13.100 -2.999  5.875   1.00 23.79  ? 375 ILE A CG1 1 
ATOM   526 C  CG2 . ILE A 1 69  ? -12.496 -2.095  8.163   1.00 17.33  ? 375 ILE A CG2 1 
ATOM   527 C  CD1 . ILE A 1 69  ? -14.405 -2.261  5.645   1.00 31.04  ? 375 ILE A CD1 1 
ATOM   528 N  N   . GLU A 1 70  ? -11.180 1.006   7.555   1.00 18.37  ? 376 GLU A N   1 
ATOM   529 C  CA  . GLU A 1 70  ? -10.252 1.766   8.383   1.00 20.09  ? 376 GLU A CA  1 
ATOM   530 C  C   . GLU A 1 70  ? -10.059 1.070   9.723   1.00 19.85  ? 376 GLU A C   1 
ATOM   531 O  O   . GLU A 1 70  ? -11.032 0.762   10.417  1.00 21.59  ? 376 GLU A O   1 
ATOM   532 C  CB  . GLU A 1 70  ? -10.765 3.186   8.610   1.00 26.59  ? 376 GLU A CB  1 
ATOM   533 C  CG  . GLU A 1 70  ? -10.828 4.050   7.368   1.00 37.38  ? 376 GLU A CG  1 
ATOM   534 C  CD  . GLU A 1 70  ? -11.421 5.417   7.651   1.00 54.42  ? 376 GLU A CD  1 
ATOM   535 O  OE1 . GLU A 1 70  ? -12.612 5.623   7.336   1.00 61.29  ? 376 GLU A OE1 1 
ATOM   536 O  OE2 . GLU A 1 70  ? -10.700 6.280   8.198   1.00 55.24  ? 376 GLU A OE2 1 
HETATM 537 N  N   . MSE A 1 71  ? -8.806  0.822   10.085  1.00 16.80  ? 377 MSE A N   1 
HETATM 538 C  CA  . MSE A 1 71  ? -8.502  0.208   11.373  1.00 19.25  ? 377 MSE A CA  1 
HETATM 539 C  C   . MSE A 1 71  ? -7.264  0.834   12.005  1.00 22.49  ? 377 MSE A C   1 
HETATM 540 O  O   . MSE A 1 71  ? -6.569  1.637   11.378  1.00 21.78  ? 377 MSE A O   1 
HETATM 541 C  CB  . MSE A 1 71  ? -8.312  -1.305  11.221  1.00 23.95  ? 377 MSE A CB  1 
HETATM 542 C  CG  . MSE A 1 71  ? -7.224  -1.727  10.234  1.00 45.51  ? 377 MSE A CG  1 
HETATM 543 SE SE  . MSE A 1 71  ? -5.400  -1.673  10.953  1.00 63.87  ? 377 MSE A SE  1 
HETATM 544 C  CE  . MSE A 1 71  ? -5.538  -3.128  12.243  1.00 62.69  ? 377 MSE A CE  1 
ATOM   545 N  N   . THR A 1 72  ? -6.997  0.450   13.251  1.00 26.70  ? 378 THR A N   1 
ATOM   546 C  CA  . THR A 1 72  ? -5.842  0.923   14.003  1.00 29.66  ? 378 THR A CA  1 
ATOM   547 C  C   . THR A 1 72  ? -5.064  -0.290  14.492  1.00 28.29  ? 378 THR A C   1 
ATOM   548 O  O   . THR A 1 72  ? -5.625  -1.149  15.179  1.00 30.72  ? 378 THR A O   1 
ATOM   549 C  CB  . THR A 1 72  ? -6.277  1.796   15.186  1.00 36.55  ? 378 THR A CB  1 
ATOM   550 O  OG1 . THR A 1 72  ? -6.867  3.007   14.700  1.00 46.97  ? 378 THR A OG1 1 
ATOM   551 C  CG2 . THR A 1 72  ? -5.091  2.135   16.067  1.00 43.07  ? 378 THR A CG2 1 
ATOM   552 N  N   . ASP A 1 73  ? -3.782  -0.364  14.140  1.00 28.43  ? 379 ASP A N   1 
ATOM   553 C  CA  . ASP A 1 73  ? -2.958  -1.480  14.581  1.00 36.15  ? 379 ASP A CA  1 
ATOM   554 C  C   . ASP A 1 73  ? -2.531  -1.284  16.035  1.00 32.62  ? 379 ASP A C   1 
ATOM   555 O  O   . ASP A 1 73  ? -2.904  -0.311  16.697  1.00 24.99  ? 379 ASP A O   1 
ATOM   556 C  CB  . ASP A 1 73  ? -1.753  -1.661  13.656  1.00 33.44  ? 379 ASP A CB  1 
ATOM   557 C  CG  . ASP A 1 73  ? -0.883  -0.416  13.550  1.00 32.73  ? 379 ASP A CG  1 
ATOM   558 O  OD1 . ASP A 1 73  ? -0.762  0.349   14.532  1.00 28.74  ? 379 ASP A OD1 1 
ATOM   559 O  OD2 . ASP A 1 73  ? -0.302  -0.208  12.464  1.00 31.19  ? 379 ASP A OD2 1 
ATOM   560 N  N   . SER A 1 74  ? -1.728  -2.226  16.539  1.00 35.26  ? 380 SER A N   1 
ATOM   561 C  CA  . SER A 1 74  ? -1.316  -2.175  17.939  1.00 38.73  ? 380 SER A CA  1 
ATOM   562 C  C   . SER A 1 74  ? -0.420  -0.977  18.223  1.00 42.27  ? 380 SER A C   1 
ATOM   563 O  O   . SER A 1 74  ? -0.393  -0.481  19.356  1.00 46.40  ? 380 SER A O   1 
ATOM   564 C  CB  . SER A 1 74  ? -0.609  -3.473  18.328  1.00 41.03  ? 380 SER A CB  1 
ATOM   565 O  OG  . SER A 1 74  ? 0.481   -3.739  17.465  1.00 54.35  ? 380 SER A OG  1 
ATOM   566 N  N   . LEU A 1 75  ? 0.312   -0.497  17.220  1.00 42.80  ? 381 LEU A N   1 
ATOM   567 C  CA  . LEU A 1 75  ? 1.135   0.694   17.377  1.00 40.12  ? 381 LEU A CA  1 
ATOM   568 C  C   . LEU A 1 75  ? 0.327   1.983   17.346  1.00 37.03  ? 381 LEU A C   1 
ATOM   569 O  O   . LEU A 1 75  ? 0.906   3.062   17.512  1.00 38.60  ? 381 LEU A O   1 
ATOM   570 C  CB  . LEU A 1 75  ? 2.209   0.741   16.285  1.00 35.35  ? 381 LEU A CB  1 
ATOM   571 C  CG  . LEU A 1 75  ? 3.341   -0.283  16.386  1.00 46.49  ? 381 LEU A CG  1 
ATOM   572 C  CD1 . LEU A 1 75  ? 4.245   -0.213  15.161  1.00 45.41  ? 381 LEU A CD1 1 
ATOM   573 C  CD2 . LEU A 1 75  ? 4.142   -0.063  17.660  1.00 48.67  ? 381 LEU A CD2 1 
ATOM   574 N  N   . GLY A 1 76  ? -0.986  1.905   17.139  1.00 33.67  ? 382 GLY A N   1 
ATOM   575 C  CA  . GLY A 1 76  ? -1.798  3.097   17.030  1.00 34.45  ? 382 GLY A CA  1 
ATOM   576 C  C   . GLY A 1 76  ? -1.808  3.744   15.664  1.00 27.80  ? 382 GLY A C   1 
ATOM   577 O  O   . GLY A 1 76  ? -2.271  4.883   15.541  1.00 34.68  ? 382 GLY A O   1 
ATOM   578 N  N   . LEU A 1 77  ? -1.313  3.052   14.625  1.00 21.67  ? 383 LEU A N   1 
ATOM   579 C  CA  . LEU A 1 77  ? -1.267  3.612   13.278  1.00 24.36  ? 383 LEU A CA  1 
ATOM   580 C  C   . LEU A 1 77  ? -2.597  3.385   12.574  1.00 23.05  ? 383 LEU A C   1 
ATOM   581 O  O   . LEU A 1 77  ? -3.122  2.267   12.607  1.00 19.18  ? 383 LEU A O   1 
ATOM   582 C  CB  . LEU A 1 77  ? -0.153  2.977   12.454  1.00 22.52  ? 383 LEU A CB  1 
ATOM   583 C  CG  . LEU A 1 77  ? 1.246   2.858   13.062  1.00 31.15  ? 383 LEU A CG  1 
ATOM   584 C  CD1 . LEU A 1 77  ? 2.265   2.472   11.990  1.00 33.29  ? 383 LEU A CD1 1 
ATOM   585 C  CD2 . LEU A 1 77  ? 1.652   4.139   13.762  1.00 31.44  ? 383 LEU A CD2 1 
ATOM   586 N  N   . PRO A 1 78  ? -3.165  4.400   11.928  1.00 14.40  ? 384 PRO A N   1 
ATOM   587 C  CA  . PRO A 1 78  ? -4.344  4.165   11.085  1.00 14.05  ? 384 PRO A CA  1 
ATOM   588 C  C   . PRO A 1 78  ? -3.938  3.477   9.789   1.00 25.72  ? 384 PRO A C   1 
ATOM   589 O  O   . PRO A 1 78  ? -3.006  3.907   9.106   1.00 17.91  ? 384 PRO A O   1 
ATOM   590 C  CB  . PRO A 1 78  ? -4.892  5.573   10.834  1.00 19.79  ? 384 PRO A CB  1 
ATOM   591 C  CG  . PRO A 1 78  ? -3.697  6.462   10.960  1.00 21.56  ? 384 PRO A CG  1 
ATOM   592 C  CD  . PRO A 1 78  ? -2.790  5.825   11.979  1.00 18.67  ? 384 PRO A CD  1 
ATOM   593 N  N   . GLN A 1 79  ? -4.632  2.389   9.465   1.00 13.11  ? 385 GLN A N   1 
ATOM   594 C  CA  . GLN A 1 79  ? -4.367  1.637   8.250   1.00 19.51  ? 385 GLN A CA  1 
ATOM   595 C  C   . GLN A 1 79  ? -5.690  1.240   7.615   1.00 18.93  ? 385 GLN A C   1 
ATOM   596 O  O   . GLN A 1 79  ? -6.715  1.121   8.290   1.00 18.45  ? 385 GLN A O   1 
ATOM   597 C  CB  . GLN A 1 79  ? -3.523  0.381   8.519   1.00 15.11  ? 385 GLN A CB  1 
ATOM   598 C  CG  . GLN A 1 79  ? -2.204  0.632   9.231   1.00 20.03  ? 385 GLN A CG  1 
ATOM   599 C  CD  . GLN A 1 79  ? -1.154  -0.399  8.870   1.00 22.78  ? 385 GLN A CD  1 
ATOM   600 O  OE1 . GLN A 1 79  ? -1.045  -0.806  7.714   1.00 20.59  ? 385 GLN A OE1 1 
ATOM   601 N  NE2 . GLN A 1 79  ? -0.374  -0.828  9.855   1.00 19.63  ? 385 GLN A NE2 1 
ATOM   602 N  N   . LYS A 1 80  ? -5.657  1.028   6.305   1.00 12.05  ? 386 LYS A N   1 
ATOM   603 C  CA  . LYS A 1 80  ? -6.819  0.581   5.552   1.00 15.85  ? 386 LYS A CA  1 
ATOM   604 C  C   . LYS A 1 80  ? -6.576  -0.828  5.032   1.00 21.41  ? 386 LYS A C   1 
ATOM   605 O  O   . LYS A 1 80  ? -5.504  -1.116  4.488   1.00 18.65  ? 386 LYS A O   1 
ATOM   606 C  CB  . LYS A 1 80  ? -7.125  1.532   4.395   1.00 15.01  ? 386 LYS A CB  1 
ATOM   607 C  CG  . LYS A 1 80  ? -7.838  2.807   4.817   1.00 19.21  ? 386 LYS A CG  1 
ATOM   608 C  CD  . LYS A 1 80  ? -8.288  3.606   3.605   1.00 24.40  ? 386 LYS A CD  1 
ATOM   609 C  CE  . LYS A 1 80  ? -9.117  4.815   4.007   1.00 24.82  ? 386 LYS A CE  1 
ATOM   610 N  NZ  . LYS A 1 80  ? -9.631  5.540   2.810   1.00 27.50  ? 386 LYS A NZ  1 
ATOM   611 N  N   . VAL A 1 81  ? -7.562  -1.701  5.217   1.00 16.95  ? 387 VAL A N   1 
ATOM   612 C  CA  . VAL A 1 81  ? -7.544  -3.054  4.671   1.00 15.94  ? 387 VAL A CA  1 
ATOM   613 C  C   . VAL A 1 81  ? -8.380  -3.044  3.400   1.00 17.40  ? 387 VAL A C   1 
ATOM   614 O  O   . VAL A 1 81  ? -9.583  -2.763  3.446   1.00 15.62  ? 387 VAL A O   1 
ATOM   615 C  CB  . VAL A 1 81  ? -8.097  -4.075  5.678   1.00 19.91  ? 387 VAL A CB  1 
ATOM   616 C  CG1 . VAL A 1 81  ? -7.611  -5.480  5.337   1.00 20.60  ? 387 VAL A CG1 1 
ATOM   617 C  CG2 . VAL A 1 81  ? -7.719  -3.685  7.091   1.00 27.91  ? 387 VAL A CG2 1 
ATOM   618 N  N   . VAL A 1 82  ? -7.758  -3.356  2.267   1.00 12.91  ? 388 VAL A N   1 
ATOM   619 C  CA  . VAL A 1 82  ? -8.413  -3.252  0.969   1.00 12.24  ? 388 VAL A CA  1 
ATOM   620 C  C   . VAL A 1 82  ? -8.323  -4.594  0.254   1.00 21.07  ? 388 VAL A C   1 
ATOM   621 O  O   . VAL A 1 82  ? -7.312  -5.298  0.353   1.00 25.21  ? 388 VAL A O   1 
ATOM   622 C  CB  . VAL A 1 82  ? -7.794  -2.116  0.125   1.00 26.67  ? 388 VAL A CB  1 
ATOM   623 C  CG1 . VAL A 1 82  ? -6.294  -2.256  0.060   1.00 33.91  ? 388 VAL A CG1 1 
ATOM   624 C  CG2 . VAL A 1 82  ? -8.397  -2.074  -1.274  1.00 24.64  ? 388 VAL A CG2 1 
ATOM   625 N  N   . ILE A 1 83  ? -9.390  -4.943  -0.464  1.00 12.91  ? 389 ILE A N   1 
ATOM   626 C  CA  . ILE A 1 83  ? -9.500  -6.224  -1.151  1.00 13.97  ? 389 ILE A CA  1 
ATOM   627 C  C   . ILE A 1 83  ? -8.981  -6.084  -2.573  1.00 17.94  ? 389 ILE A C   1 
ATOM   628 O  O   . ILE A 1 83  ? -9.337  -5.139  -3.289  1.00 19.61  ? 389 ILE A O   1 
ATOM   629 C  CB  . ILE A 1 83  ? -10.956 -6.720  -1.148  1.00 17.43  ? 389 ILE A CB  1 
ATOM   630 C  CG1 . ILE A 1 83  ? -11.395 -7.070  0.275   1.00 18.41  ? 389 ILE A CG1 1 
ATOM   631 C  CG2 . ILE A 1 83  ? -11.114 -7.912  -2.077  1.00 28.10  ? 389 ILE A CG2 1 
ATOM   632 C  CD1 . ILE A 1 83  ? -10.605 -8.208  0.885   1.00 22.12  ? 389 ILE A CD1 1 
ATOM   633 N  N   . ILE A 1 84  ? -8.140  -7.029  -2.983  1.00 18.90  ? 390 ILE A N   1 
ATOM   634 C  CA  . ILE A 1 84  ? -7.629  -7.108  -4.346  1.00 19.31  ? 390 ILE A CA  1 
ATOM   635 C  C   . ILE A 1 84  ? -8.396  -8.205  -5.066  1.00 31.46  ? 390 ILE A C   1 
ATOM   636 O  O   . ILE A 1 84  ? -8.365  -9.366  -4.644  1.00 22.65  ? 390 ILE A O   1 
ATOM   637 C  CB  . ILE A 1 84  ? -6.124  -7.404  -4.368  1.00 19.11  ? 390 ILE A CB  1 
ATOM   638 C  CG1 . ILE A 1 84  ? -5.353  -6.332  -3.599  1.00 34.08  ? 390 ILE A CG1 1 
ATOM   639 C  CG2 . ILE A 1 84  ? -5.630  -7.527  -5.806  1.00 25.25  ? 390 ILE A CG2 1 
ATOM   640 C  CD1 . ILE A 1 84  ? -5.227  -5.037  -4.348  1.00 35.69  ? 390 ILE A CD1 1 
ATOM   641 N  N   . LYS A 1 85  ? -9.077  -7.847  -6.154  1.00 39.90  ? 391 LYS A N   1 
ATOM   642 C  CA  . LYS A 1 85  ? -9.772  -8.845  -6.957  1.00 43.00  ? 391 LYS A CA  1 
ATOM   643 C  C   . LYS A 1 85  ? -8.785  -9.485  -7.924  1.00 39.44  ? 391 LYS A C   1 
ATOM   644 O  O   . LYS A 1 85  ? -8.256  -8.813  -8.817  1.00 46.68  ? 391 LYS A O   1 
ATOM   645 C  CB  . LYS A 1 85  ? -10.944 -8.215  -7.702  1.00 50.53  ? 391 LYS A CB  1 
ATOM   646 C  CG  . LYS A 1 85  ? -12.255 -8.208  -6.930  1.00 57.12  ? 391 LYS A CG  1 
ATOM   647 C  CD  . LYS A 1 85  ? -12.489 -9.535  -6.226  1.00 66.37  ? 391 LYS A CD  1 
ATOM   648 C  CE  . LYS A 1 85  ? -12.802 -10.653 -7.220  1.00 67.30  ? 391 LYS A CE  1 
ATOM   649 N  NZ  . LYS A 1 85  ? -14.131 -10.535 -7.882  1.00 66.85  ? 391 LYS A NZ  1 
ATOM   650 N  N   . LEU A 1 86  ? -8.545  -10.781 -7.745  1.00 24.85  ? 392 LEU A N   1 
ATOM   651 C  CA  . LEU A 1 86  ? -7.585  -11.512 -8.556  1.00 41.52  ? 392 LEU A CA  1 
ATOM   652 C  C   . LEU A 1 86  ? -8.283  -12.185 -9.730  1.00 58.14  ? 392 LEU A C   1 
ATOM   653 O  O   . LEU A 1 86  ? -9.431  -12.618 -9.617  1.00 44.92  ? 392 LEU A O   1 
ATOM   654 C  CB  . LEU A 1 86  ? -6.846  -12.547 -7.709  1.00 42.93  ? 392 LEU A CB  1 
ATOM   655 C  CG  . LEU A 1 86  ? -5.821  -11.953 -6.741  1.00 42.08  ? 392 LEU A CG  1 
ATOM   656 C  CD1 . LEU A 1 86  ? -5.113  -13.041 -5.948  1.00 46.84  ? 392 LEU A CD1 1 
ATOM   657 C  CD2 . LEU A 1 86  ? -4.816  -11.086 -7.490  1.00 38.45  ? 392 LEU A CD2 1 
ATOM   658 N  N   . SER A 1 87  ? -7.571  -12.272 -10.859 1.00 75.17  ? 393 SER A N   1 
ATOM   659 C  CA  . SER A 1 87  ? -8.139  -12.850 -12.071 1.00 84.51  ? 393 SER A CA  1 
ATOM   660 C  C   . SER A 1 87  ? -8.547  -14.304 -11.886 1.00 84.81  ? 393 SER A C   1 
ATOM   661 O  O   . SER A 1 87  ? -9.342  -14.815 -12.680 1.00 84.10  ? 393 SER A O   1 
ATOM   662 C  CB  . SER A 1 87  ? -7.134  -12.726 -13.216 1.00 89.45  ? 393 SER A CB  1 
ATOM   663 O  OG  . SER A 1 87  ? -5.926  -13.397 -12.902 1.00 92.71  ? 393 SER A OG  1 
ATOM   664 N  N   . SER A 1 88  ? -8.032  -14.975 -10.860 1.00 83.22  ? 394 SER A N   1 
ATOM   665 C  CA  . SER A 1 88  ? -8.378  -16.361 -10.580 1.00 78.83  ? 394 SER A CA  1 
ATOM   666 C  C   . SER A 1 88  ? -9.695  -16.499 -9.830  1.00 75.98  ? 394 SER A C   1 
ATOM   667 O  O   . SER A 1 88  ? -9.990  -17.587 -9.325  1.00 76.71  ? 394 SER A O   1 
ATOM   668 C  CB  . SER A 1 88  ? -7.260  -17.023 -9.771  1.00 77.98  ? 394 SER A CB  1 
ATOM   669 O  OG  . SER A 1 88  ? -5.984  -16.559 -10.180 1.00 76.10  ? 394 SER A OG  1 
ATOM   670 N  N   . GLY A 1 89  ? -10.489 -15.431 -9.739  1.00 72.01  ? 395 GLY A N   1 
ATOM   671 C  CA  . GLY A 1 89  ? -11.634 -15.407 -8.856  1.00 64.73  ? 395 GLY A CA  1 
ATOM   672 C  C   . GLY A 1 89  ? -11.288 -15.373 -7.386  1.00 63.66  ? 395 GLY A C   1 
ATOM   673 O  O   . GLY A 1 89  ? -12.172 -15.098 -6.564  1.00 64.41  ? 395 GLY A O   1 
ATOM   674 N  N   . SER A 1 90  ? -10.035 -15.647 -7.026  1.00 59.24  ? 396 SER A N   1 
ATOM   675 C  CA  . SER A 1 90  ? -9.556  -15.551 -5.660  1.00 47.01  ? 396 SER A CA  1 
ATOM   676 C  C   . SER A 1 90  ? -9.382  -14.079 -5.281  1.00 32.85  ? 396 SER A C   1 
ATOM   677 O  O   . SER A 1 90  ? -9.613  -13.171 -6.087  1.00 27.02  ? 396 SER A O   1 
ATOM   678 C  CB  . SER A 1 90  ? -8.255  -16.338 -5.511  1.00 51.48  ? 396 SER A CB  1 
ATOM   679 O  OG  . SER A 1 90  ? -8.005  -16.687 -4.162  1.00 64.25  ? 396 SER A OG  1 
ATOM   680 N  N   . ARG A 1 91  ? -8.976  -13.840 -4.032  1.00 30.26  ? 397 ARG A N   1 
ATOM   681 C  CA  . ARG A 1 91  ? -8.865  -12.490 -3.498  1.00 23.85  ? 397 ARG A CA  1 
ATOM   682 C  C   . ARG A 1 91  ? -7.697  -12.416 -2.533  1.00 23.19  ? 397 ARG A C   1 
ATOM   683 O  O   . ARG A 1 91  ? -7.133  -13.434 -2.124  1.00 27.69  ? 397 ARG A O   1 
ATOM   684 C  CB  . ARG A 1 91  ? -10.123 -12.056 -2.746  1.00 24.29  ? 397 ARG A CB  1 
ATOM   685 C  CG  . ARG A 1 91  ? -10.300 -12.822 -1.452  1.00 47.20  ? 397 ARG A CG  1 
ATOM   686 C  CD  . ARG A 1 91  ? -11.741 -13.121 -1.143  1.00 63.36  ? 397 ARG A CD  1 
ATOM   687 N  NE  . ARG A 1 91  ? -11.904 -14.305 -0.311  1.00 70.77  ? 397 ARG A NE  1 
ATOM   688 C  CZ  . ARG A 1 91  ? -12.599 -15.374 -0.680  1.00 75.43  ? 397 ARG A CZ  1 
ATOM   689 N  NH1 . ARG A 1 91  ? -13.202 -15.381 -1.851  1.00 74.48  ? 397 ARG A NH1 1 
ATOM   690 N  NH2 . ARG A 1 91  ? -12.700 -16.434 0.114   1.00 81.29  ? 397 ARG A NH2 1 
ATOM   691 N  N   . ALA A 1 92  ? -7.365  -11.188 -2.147  1.00 18.18  ? 398 ALA A N   1 
ATOM   692 C  CA  . ALA A 1 92  ? -6.355  -10.956 -1.130  1.00 15.46  ? 398 ALA A CA  1 
ATOM   693 C  C   . ALA A 1 92  ? -6.718  -9.705  -0.343  1.00 20.75  ? 398 ALA A C   1 
ATOM   694 O  O   . ALA A 1 92  ? -7.300  -8.764  -0.890  1.00 15.78  ? 398 ALA A O   1 
ATOM   695 C  CB  . ALA A 1 92  ? -4.963  -10.815 -1.749  1.00 20.13  ? 398 ALA A CB  1 
ATOM   696 N  N   . SER A 1 93  ? -6.388  -9.712  0.941   1.00 15.87  ? 399 SER A N   1 
ATOM   697 C  CA  . SER A 1 93  ? -6.453  -8.514  1.766   1.00 14.15  ? 399 SER A CA  1 
ATOM   698 C  C   . SER A 1 93  ? -5.045  -7.956  1.916   1.00 18.79  ? 399 SER A C   1 
ATOM   699 O  O   . SER A 1 93  ? -4.129  -8.674  2.331   1.00 35.45  ? 399 SER A O   1 
ATOM   700 C  CB  . SER A 1 93  ? -7.052  -8.809  3.142   1.00 16.46  ? 399 SER A CB  1 
ATOM   701 O  OG  . SER A 1 93  ? -8.341  -9.387  3.040   1.00 18.60  ? 399 SER A OG  1 
ATOM   702 N  N   . ILE A 1 94  ? -4.869  -6.687  1.563   1.00 12.56  ? 400 ILE A N   1 
ATOM   703 C  CA  . ILE A 1 94  ? -3.597  -6.013  1.764   1.00 15.84  ? 400 ILE A CA  1 
ATOM   704 C  C   . ILE A 1 94  ? -3.842  -4.785  2.629   1.00 18.99  ? 400 ILE A C   1 
ATOM   705 O  O   . ILE A 1 94  ? -4.958  -4.268  2.724   1.00 21.93  ? 400 ILE A O   1 
ATOM   706 C  CB  . ILE A 1 94  ? -2.910  -5.624  0.439   1.00 18.01  ? 400 ILE A CB  1 
ATOM   707 C  CG1 . ILE A 1 94  ? -3.650  -4.474  -0.235  1.00 15.15  ? 400 ILE A CG1 1 
ATOM   708 C  CG2 . ILE A 1 94  ? -2.831  -6.824  -0.498  1.00 20.44  ? 400 ILE A CG2 1 
ATOM   709 C  CD1 . ILE A 1 94  ? -2.776  -3.632  -1.138  1.00 23.55  ? 400 ILE A CD1 1 
ATOM   710 N  N   . TYR A 1 95  ? -2.778  -4.326  3.273   1.00 10.62  ? 401 TYR A N   1 
ATOM   711 C  CA  . TYR A 1 95  ? -2.847  -3.222  4.215   1.00 12.26  ? 401 TYR A CA  1 
ATOM   712 C  C   . TYR A 1 95  ? -2.117  -2.020  3.641   1.00 14.19  ? 401 TYR A C   1 
ATOM   713 O  O   . TYR A 1 95  ? -1.038  -2.156  3.057   1.00 11.20  ? 401 TYR A O   1 
ATOM   714 C  CB  . TYR A 1 95  ? -2.260  -3.633  5.569   1.00 16.28  ? 401 TYR A CB  1 
ATOM   715 C  CG  . TYR A 1 95  ? -3.189  -4.554  6.325   1.00 13.77  ? 401 TYR A CG  1 
ATOM   716 C  CD1 . TYR A 1 95  ? -3.408  -5.858  5.894   1.00 22.29  ? 401 TYR A CD1 1 
ATOM   717 C  CD2 . TYR A 1 95  ? -3.876  -4.109  7.446   1.00 18.08  ? 401 TYR A CD2 1 
ATOM   718 C  CE1 . TYR A 1 95  ? -4.277  -6.698  6.568   1.00 20.37  ? 401 TYR A CE1 1 
ATOM   719 C  CE2 . TYR A 1 95  ? -4.736  -4.941  8.133   1.00 25.88  ? 401 TYR A CE2 1 
ATOM   720 C  CZ  . TYR A 1 95  ? -4.938  -6.233  7.687   1.00 31.02  ? 401 TYR A CZ  1 
ATOM   721 O  OH  . TYR A 1 95  ? -5.804  -7.061  8.362   1.00 26.43  ? 401 TYR A OH  1 
ATOM   722 N  N   . VAL A 1 96  ? -2.728  -0.845  3.779   1.00 8.56   ? 402 VAL A N   1 
ATOM   723 C  CA  . VAL A 1 96  ? -2.184  0.391   3.235   1.00 15.18  ? 402 VAL A CA  1 
ATOM   724 C  C   . VAL A 1 96  ? -2.167  1.434   4.341   1.00 14.70  ? 402 VAL A C   1 
ATOM   725 O  O   . VAL A 1 96  ? -3.151  1.591   5.071   1.00 10.08  ? 402 VAL A O   1 
ATOM   726 C  CB  . VAL A 1 96  ? -2.992  0.906   2.026   1.00 11.24  ? 402 VAL A CB  1 
ATOM   727 C  CG1 . VAL A 1 96  ? -2.286  2.101   1.396   1.00 11.71  ? 402 VAL A CG1 1 
ATOM   728 C  CG2 . VAL A 1 96  ? -3.197  -0.201  0.996   1.00 9.03   ? 402 VAL A CG2 1 
ATOM   729 N  N   . ARG A 1 97  ? -1.052  2.146   4.459   1.00 10.49  ? 403 ARG A N   1 
ATOM   730 C  CA  . ARG A 1 97  ? -0.963  3.268   5.379   1.00 17.00  ? 403 ARG A CA  1 
ATOM   731 C  C   . ARG A 1 97  ? 0.029   4.280   4.826   1.00 15.91  ? 403 ARG A C   1 
ATOM   732 O  O   . ARG A 1 97  ? 0.785   3.998   3.894   1.00 15.40  ? 403 ARG A O   1 
ATOM   733 C  CB  . ARG A 1 97  ? -0.550  2.819   6.782   1.00 12.50  ? 403 ARG A CB  1 
ATOM   734 C  CG  . ARG A 1 97  ? 0.876   2.303   6.899   1.00 9.79   ? 403 ARG A CG  1 
ATOM   735 C  CD  . ARG A 1 97  ? 1.274   2.277   8.366   1.00 13.85  ? 403 ARG A CD  1 
ATOM   736 N  NE  . ARG A 1 97  ? 2.570   1.656   8.631   1.00 10.83  ? 403 ARG A NE  1 
ATOM   737 C  CZ  . ARG A 1 97  ? 3.721   2.320   8.692   1.00 18.91  ? 403 ARG A CZ  1 
ATOM   738 N  NH1 . ARG A 1 97  ? 3.750   3.628   8.476   1.00 18.25  ? 403 ARG A NH1 1 
ATOM   739 N  NH2 . ARG A 1 97  ? 4.846   1.674   8.959   1.00 21.71  ? 403 ARG A NH2 1 
ATOM   740 N  N   . LYS A 1 98  ? 0.001   5.477   5.402   1.00 13.99  ? 404 LYS A N   1 
ATOM   741 C  CA  . LYS A 1 98  ? 0.992   6.485   5.065   1.00 17.18  ? 404 LYS A CA  1 
ATOM   742 C  C   . LYS A 1 98  ? 2.359   6.051   5.573   1.00 19.66  ? 404 LYS A C   1 
ATOM   743 O  O   . LYS A 1 98  ? 2.485   5.461   6.650   1.00 10.83  ? 404 LYS A O   1 
ATOM   744 C  CB  . LYS A 1 98  ? 0.608   7.840   5.660   1.00 15.02  ? 404 LYS A CB  1 
ATOM   745 C  CG  . LYS A 1 98  ? -0.826  8.251   5.353   1.00 26.11  ? 404 LYS A CG  1 
ATOM   746 C  CD  . LYS A 1 98  ? -1.019  9.756   5.435   1.00 37.94  ? 404 LYS A CD  1 
ATOM   747 C  CE  . LYS A 1 98  ? -2.397  10.147  4.926   1.00 43.79  ? 404 LYS A CE  1 
ATOM   748 N  NZ  . LYS A 1 98  ? -3.295  10.617  6.011   1.00 45.24  ? 404 LYS A NZ  1 
HETATM 749 N  N   . MSE A 1 99  ? 3.381   6.339   4.782   1.00 13.36  ? 405 MSE A N   1 
HETATM 750 C  CA  . MSE A 1 99  ? 4.747   5.986   5.132   1.00 13.71  ? 405 MSE A CA  1 
HETATM 751 C  C   . MSE A 1 99  ? 5.222   6.730   6.377   1.00 13.02  ? 405 MSE A C   1 
HETATM 752 O  O   . MSE A 1 99  ? 5.881   6.160   7.248   1.00 19.71  ? 405 MSE A O   1 
HETATM 753 C  CB  . MSE A 1 99  ? 5.685   6.286   3.965   1.00 14.18  ? 405 MSE A CB  1 
HETATM 754 C  CG  . MSE A 1 99  ? 7.149   6.121   4.308   1.00 41.11  ? 405 MSE A CG  1 
HETATM 755 SE SE  . MSE A 1 99  ? 7.503   4.222   4.594   1.00 64.31  ? 405 MSE A SE  1 
HETATM 756 C  CE  . MSE A 1 99  ? 6.387   3.539   3.215   1.00 64.71  ? 405 MSE A CE  1 
ATOM   757 N  N   . VAL A 1 100 ? 4.882   8.013   6.447   1.00 13.08  ? 406 VAL A N   1 
ATOM   758 C  CA  . VAL A 1 100 ? 5.295   8.889   7.534   1.00 16.20  ? 406 VAL A CA  1 
ATOM   759 C  C   . VAL A 1 100 ? 4.091   9.148   8.424   1.00 21.69  ? 406 VAL A C   1 
ATOM   760 O  O   . VAL A 1 100 ? 3.034   9.575   7.943   1.00 15.14  ? 406 VAL A O   1 
ATOM   761 C  CB  . VAL A 1 100 ? 5.884   10.207  7.007   1.00 14.14  ? 406 VAL A CB  1 
ATOM   762 C  CG1 . VAL A 1 100 ? 6.344   11.075  8.174   1.00 14.09  ? 406 VAL A CG1 1 
ATOM   763 C  CG2 . VAL A 1 100 ? 7.031   9.923   6.049   1.00 15.06  ? 406 VAL A CG2 1 
ATOM   764 N  N   . GLN A 1 101 ? 4.254   8.895   9.715   1.00 16.73  ? 407 GLN A N   1 
ATOM   765 C  CA  . GLN A 1 101 ? 3.191   9.029   10.705  1.00 16.74  ? 407 GLN A CA  1 
ATOM   766 C  C   . GLN A 1 101 ? 3.610   10.080  11.732  1.00 29.93  ? 407 GLN A C   1 
ATOM   767 O  O   . GLN A 1 101 ? 3.877   9.754   12.890  1.00 33.07  ? 407 GLN A O   1 
ATOM   768 C  CB  . GLN A 1 101 ? 2.912   7.672   11.371  1.00 19.96  ? 407 GLN A CB  1 
ATOM   769 C  CG  . GLN A 1 101 ? 2.524   6.564   10.404  1.00 27.76  ? 407 GLN A CG  1 
ATOM   770 C  CD  . GLN A 1 101 ? 1.064   6.624   10.014  1.00 24.73  ? 407 GLN A CD  1 
ATOM   771 O  OE1 . GLN A 1 101 ? 0.231   7.130   10.768  1.00 24.29  ? 407 GLN A OE1 1 
ATOM   772 N  NE2 . GLN A 1 101 ? 0.743   6.110   8.833   1.00 21.33  ? 407 GLN A NE2 1 
ATOM   773 N  N   . ASP A 1 102 ? 3.672   11.339  11.311  1.00 24.56  ? 408 ASP A N   1 
ATOM   774 C  CA  . ASP A 1 102 ? 4.054   12.411  12.226  1.00 24.89  ? 408 ASP A CA  1 
ATOM   775 C  C   . ASP A 1 102 ? 2.829   13.181  12.721  1.00 36.21  ? 408 ASP A C   1 
ATOM   776 O  O   . ASP A 1 102 ? 2.182   13.899  11.959  1.00 35.22  ? 408 ASP A O   1 
ATOM   777 C  CB  . ASP A 1 102 ? 5.051   13.369  11.562  1.00 20.48  ? 408 ASP A CB  1 
ATOM   778 C  CG  . ASP A 1 102 ? 6.421   12.739  11.362  1.00 28.86  ? 408 ASP A CG  1 
ATOM   779 O  OD1 . ASP A 1 102 ? 6.704   11.708  12.012  1.00 18.19  ? 408 ASP A OD1 1 
ATOM   780 O  OD2 . ASP A 1 102 ? 7.223   13.280  10.565  1.00 26.46  ? 408 ASP A OD2 1 
HETATM 781 C  CAC . FLC B 2 .   ? 5.986   -5.440  6.655   1.00 27.29  ? 501 FLC A CAC 1 
HETATM 782 C  CA  . FLC B 2 .   ? 6.740   -5.795  5.370   1.00 23.16  ? 501 FLC A CA  1 
HETATM 783 C  CB  . FLC B 2 .   ? 6.611   -7.287  5.041   1.00 30.11  ? 501 FLC A CB  1 
HETATM 784 C  CBC . FLC B 2 .   ? 5.167   -7.614  4.680   1.00 20.85  ? 501 FLC A CBC 1 
HETATM 785 C  CG  . FLC B 2 .   ? 7.463   -7.646  3.823   1.00 21.55  ? 501 FLC A CG  1 
HETATM 786 C  CGC . FLC B 2 .   ? 8.956   -7.409  4.059   1.00 35.02  ? 501 FLC A CGC 1 
HETATM 787 O  OA1 . FLC B 2 .   ? 6.596   -4.919  7.625   1.00 38.46  ? 501 FLC A OA1 1 
HETATM 788 O  OA2 . FLC B 2 .   ? 4.751   -5.659  6.758   1.00 26.87  ? 501 FLC A OA2 1 
HETATM 789 O  OB1 . FLC B 2 .   ? 4.575   -8.557  5.264   1.00 23.63  ? 501 FLC A OB1 1 
HETATM 790 O  OB2 . FLC B 2 .   ? 4.579   -6.936  3.800   1.00 13.59  ? 501 FLC A OB2 1 
HETATM 791 O  OG1 . FLC B 2 .   ? 9.432   -7.356  5.225   1.00 33.65  ? 501 FLC A OG1 1 
HETATM 792 O  OG2 . FLC B 2 .   ? 9.717   -7.273  3.067   1.00 39.52  ? 501 FLC A OG2 1 
HETATM 793 O  OHB . FLC B 2 .   ? 6.975   -8.067  6.146   1.00 23.64  ? 501 FLC A OHB 1 
HETATM 794 C  CAC . FLC C 2 .   ? 7.314   -10.821 9.078   1.00 51.24  ? 502 FLC A CAC 1 
HETATM 795 C  CA  . FLC C 2 .   ? 5.887   -11.335 8.877   1.00 40.22  ? 502 FLC A CA  1 
HETATM 796 C  CB  . FLC C 2 .   ? 5.234   -10.716 7.638   1.00 27.36  ? 502 FLC A CB  1 
HETATM 797 C  CBC . FLC C 2 .   ? 5.920   -11.259 6.388   1.00 24.58  ? 502 FLC A CBC 1 
HETATM 798 C  CG  . FLC C 2 .   ? 3.751   -11.085 7.604   1.00 26.70  ? 502 FLC A CG  1 
HETATM 799 C  CGC . FLC C 2 .   ? 3.115   -10.937 8.989   1.00 41.51  ? 502 FLC A CGC 1 
HETATM 800 O  OA1 . FLC C 2 .   ? 7.625   -10.252 10.157  1.00 55.89  ? 502 FLC A OA1 1 
HETATM 801 O  OA2 . FLC C 2 .   ? 8.186   -10.973 8.181   1.00 50.99  ? 502 FLC A OA2 1 
HETATM 802 O  OB1 . FLC C 2 .   ? 5.958   -12.500 6.175   1.00 25.99  ? 502 FLC A OB1 1 
HETATM 803 O  OB2 . FLC C 2 .   ? 6.456   -10.460 5.578   1.00 32.60  ? 502 FLC A OB2 1 
HETATM 804 O  OG1 . FLC C 2 .   ? 2.849   -9.796  9.453   1.00 40.98  ? 502 FLC A OG1 1 
HETATM 805 O  OG2 . FLC C 2 .   ? 2.847   -11.962 9.671   1.00 44.44  ? 502 FLC A OG2 1 
HETATM 806 O  OHB . FLC C 2 .   ? 5.376   -9.321  7.646   1.00 24.63  ? 502 FLC A OHB 1 
HETATM 807 O  O   . HOH D 3 .   ? 8.946   -4.675  8.156   1.00 32.00  ? 601 HOH A O   1 
HETATM 808 O  O   . HOH D 3 .   ? 1.467   -15.840 0.483   1.00 34.12  ? 602 HOH A O   1 
HETATM 809 O  O   . HOH D 3 .   ? -2.776  -10.151 3.737   1.00 12.76  ? 603 HOH A O   1 
HETATM 810 O  O   . HOH D 3 .   ? -14.192 -15.107 -4.092  1.00 99.82  ? 604 HOH A O   1 
HETATM 811 O  O   . HOH D 3 .   ? 13.431  8.578   0.169   1.00 30.63  ? 605 HOH A O   1 
HETATM 812 O  O   . HOH D 3 .   ? -4.348  3.489   -10.442 1.00 27.83  ? 606 HOH A O   1 
HETATM 813 O  O   . HOH D 3 .   ? 7.041   -12.793 3.905   1.00 21.91  ? 607 HOH A O   1 
HETATM 814 O  O   . HOH D 3 .   ? -1.370  8.889   9.883   1.00 34.70  ? 608 HOH A O   1 
HETATM 815 O  O   . HOH D 3 .   ? 0.747   12.397  -7.537  1.00 23.50  ? 609 HOH A O   1 
HETATM 816 O  O   . HOH D 3 .   ? -5.752  -1.919  17.668  1.00 57.43  ? 610 HOH A O   1 
HETATM 817 O  O   . HOH D 3 .   ? -12.552 -18.380 1.858   1.00 50.02  ? 611 HOH A O   1 
HETATM 818 O  O   . HOH D 3 .   ? 13.271  16.250  -3.392  1.00 40.65  ? 612 HOH A O   1 
HETATM 819 O  O   . HOH D 3 .   ? 9.501   -8.383  7.653   1.00 51.79  ? 613 HOH A O   1 
HETATM 820 O  O   . HOH D 3 .   ? 8.632   -11.306 2.896   1.00 36.45  ? 614 HOH A O   1 
HETATM 821 O  O   . HOH D 3 .   ? 8.762   -7.310  0.580   1.00 17.50  ? 615 HOH A O   1 
HETATM 822 O  O   . HOH D 3 .   ? -2.677  -15.040 -8.714  1.00 28.46  ? 616 HOH A O   1 
HETATM 823 O  O   . HOH D 3 .   ? -1.884  5.903   7.724   1.00 18.59  ? 617 HOH A O   1 
HETATM 824 O  O   . HOH D 3 .   ? 3.907   -11.628 -6.777  1.00 32.75  ? 618 HOH A O   1 
HETATM 825 O  O   . HOH D 3 .   ? -3.835  11.629  -5.400  1.00 25.74  ? 619 HOH A O   1 
HETATM 826 O  O   . HOH D 3 .   ? 3.437   -14.590 9.874   1.00 55.88  ? 620 HOH A O   1 
HETATM 827 O  O   . HOH D 3 .   ? -11.209 -3.190  -3.378  1.00 42.14  ? 621 HOH A O   1 
HETATM 828 O  O   . HOH D 3 .   ? 2.449   11.593  6.219   1.00 38.44  ? 622 HOH A O   1 
HETATM 829 O  O   . HOH D 3 .   ? -7.035  6.070   -4.012  1.00 24.41  ? 623 HOH A O   1 
HETATM 830 O  O   . HOH D 3 .   ? -11.716 -3.103  -0.252  1.00 23.80  ? 624 HOH A O   1 
HETATM 831 O  O   . HOH D 3 .   ? 16.792  15.801  2.977   1.00 38.07  ? 625 HOH A O   1 
HETATM 832 O  O   . HOH D 3 .   ? 4.722   2.136   -11.162 1.00 29.44  ? 626 HOH A O   1 
HETATM 833 O  O   . HOH D 3 .   ? 6.492   5.045   9.686   1.00 19.20  ? 627 HOH A O   1 
HETATM 834 O  O   . HOH D 3 .   ? -4.804  16.154  0.168   1.00 32.72  ? 628 HOH A O   1 
HETATM 835 O  O   . HOH D 3 .   ? -9.658  1.539   -3.431  1.00 21.29  ? 629 HOH A O   1 
HETATM 836 O  O   . HOH D 3 .   ? 7.379   13.058  -4.531  1.00 37.15  ? 630 HOH A O   1 
HETATM 837 O  O   . HOH D 3 .   ? -4.415  -11.769 -11.226 1.00 36.68  ? 631 HOH A O   1 
HETATM 838 O  O   . HOH D 3 .   ? -2.030  12.073  -7.815  1.00 22.22  ? 632 HOH A O   1 
HETATM 839 O  O   . HOH D 3 .   ? 1.564   12.094  4.042   1.00 30.71  ? 633 HOH A O   1 
HETATM 840 O  O   . HOH D 3 .   ? -13.863 1.819   7.557   1.00 31.05  ? 634 HOH A O   1 
HETATM 841 O  O   . HOH D 3 .   ? 0.083   16.908  3.126   0.50 46.06  ? 635 HOH A O   1 
HETATM 842 O  O   . HOH D 3 .   ? 10.261  3.465   -2.882  1.00 24.75  ? 636 HOH A O   1 
HETATM 843 O  O   . HOH D 3 .   ? 5.326   -8.773  -8.544  1.00 45.99  ? 637 HOH A O   1 
HETATM 844 O  O   . HOH D 3 .   ? -4.556  6.006   -11.167 1.00 48.69  ? 638 HOH A O   1 
HETATM 845 O  O   . HOH D 3 .   ? -5.361  10.698  4.023   1.00 39.05  ? 639 HOH A O   1 
HETATM 846 O  O   . HOH D 3 .   ? 5.375   9.971   -8.610  1.00 38.58  ? 640 HOH A O   1 
HETATM 847 O  O   . HOH D 3 .   ? 3.585   9.229   4.082   1.00 15.63  ? 641 HOH A O   1 
HETATM 848 O  O   . HOH D 3 .   ? 9.991   4.320   2.423   1.00 27.01  ? 642 HOH A O   1 
HETATM 849 O  O   . HOH D 3 .   ? -3.399  8.429   7.899   1.00 30.43  ? 643 HOH A O   1 
HETATM 850 O  O   . HOH D 3 .   ? -6.289  10.760  -5.804  1.00 38.61  ? 644 HOH A O   1 
HETATM 851 O  O   . HOH D 3 .   ? 5.964   -12.147 -4.874  1.00 40.04  ? 645 HOH A O   1 
HETATM 852 O  O   . HOH D 3 .   ? -9.050  -0.948  14.747  1.00 22.61  ? 646 HOH A O   1 
HETATM 853 O  O   . HOH D 3 .   ? 10.495  3.476   0.025   1.00 32.71  ? 647 HOH A O   1 
HETATM 854 O  O   . HOH D 3 .   ? 5.332   18.580  -5.056  1.00 45.37  ? 648 HOH A O   1 
HETATM 855 O  O   . HOH D 3 .   ? -11.255 -5.176  3.359   1.00 18.85  ? 649 HOH A O   1 
HETATM 856 O  O   . HOH D 3 .   ? 4.723   -3.723  9.614   1.00 32.82  ? 650 HOH A O   1 
HETATM 857 O  O   . HOH D 3 .   ? 0.210   -1.161  -12.617 1.00 32.38  ? 651 HOH A O   1 
HETATM 858 O  O   . HOH D 3 .   ? 7.883   4.409   -4.515  1.00 45.02  ? 652 HOH A O   1 
HETATM 859 O  O   . HOH D 3 .   ? -4.168  -14.342 -1.605  1.00 33.69  ? 653 HOH A O   1 
HETATM 860 O  O   . HOH D 3 .   ? 2.535   7.910   -12.999 1.00 52.12  ? 654 HOH A O   1 
HETATM 861 O  O   . HOH D 3 .   ? 13.238  7.105   -2.443  1.00 38.12  ? 655 HOH A O   1 
HETATM 862 O  O   . HOH D 3 .   ? 8.617   -1.934  -8.993  1.00 31.78  ? 656 HOH A O   1 
HETATM 863 O  O   . HOH D 3 .   ? 0.081   -16.195 -1.938  1.00 31.65  ? 657 HOH A O   1 
HETATM 864 O  O   . HOH D 3 .   ? -8.907  4.602   -4.683  1.00 38.16  ? 658 HOH A O   1 
HETATM 865 O  O   . HOH D 3 .   ? 8.242   -10.092 -4.480  1.00 42.43  ? 659 HOH A O   1 
HETATM 866 O  O   . HOH D 3 .   ? 3.825   -5.291  11.032  1.00 40.57  ? 660 HOH A O   1 
HETATM 867 O  O   . HOH D 3 .   ? -7.560  4.149   9.296   1.00 40.10  ? 661 HOH A O   1 
HETATM 868 O  O   . HOH D 3 .   ? -10.035 1.885   14.413  1.00 53.54  ? 662 HOH A O   1 
HETATM 869 O  O   . HOH D 3 .   ? 3.609   12.218  -9.989  1.00 46.61  ? 663 HOH A O   1 
HETATM 870 O  O   . HOH D 3 .   ? -9.891  18.070  -3.182  1.00 42.35  ? 664 HOH A O   1 
HETATM 871 O  O   . HOH D 3 .   ? 6.751   0.261   11.748  1.00 36.63  ? 665 HOH A O   1 
HETATM 872 O  O   . HOH D 3 .   ? -2.467  -16.429 -0.700  1.00 45.92  ? 666 HOH A O   1 
HETATM 873 O  O   . HOH D 3 .   ? -5.580  1.851   -12.529 1.00 36.22  ? 667 HOH A O   1 
HETATM 874 O  O   . HOH D 3 .   ? 3.944   9.854   -11.097 1.00 36.75  ? 668 HOH A O   1 
HETATM 875 O  O   . HOH D 3 .   ? 7.346   11.075  -8.191  1.00 42.82  ? 669 HOH A O   1 
HETATM 876 O  O   . HOH D 3 .   ? 6.370   -14.674 -6.018  1.00 46.21  ? 670 HOH A O   1 
HETATM 877 O  O   . HOH D 3 .   ? -10.501 -1.163  -4.233  1.00 43.06  ? 671 HOH A O   1 
HETATM 878 O  O   . HOH D 3 .   ? 4.128   -13.018 -9.404  1.00 48.62  ? 672 HOH A O   1 
HETATM 879 O  O   . HOH D 3 .   ? 11.912  7.871   -4.748  1.00 49.64  ? 673 HOH A O   1 
HETATM 880 O  O   . HOH D 3 .   ? 6.496   -9.774  -6.199  1.00 36.67  ? 674 HOH A O   1 
# 
loop_
_atom_site_anisotrop.id 
_atom_site_anisotrop.type_symbol 
_atom_site_anisotrop.pdbx_label_atom_id 
_atom_site_anisotrop.pdbx_label_alt_id 
_atom_site_anisotrop.pdbx_label_comp_id 
_atom_site_anisotrop.pdbx_label_asym_id 
_atom_site_anisotrop.pdbx_label_seq_id 
_atom_site_anisotrop.pdbx_PDB_ins_code 
_atom_site_anisotrop.U[1][1] 
_atom_site_anisotrop.U[2][2] 
_atom_site_anisotrop.U[3][3] 
_atom_site_anisotrop.U[1][2] 
_atom_site_anisotrop.U[1][3] 
_atom_site_anisotrop.U[2][3] 
_atom_site_anisotrop.pdbx_auth_seq_id 
_atom_site_anisotrop.pdbx_auth_comp_id 
_atom_site_anisotrop.pdbx_auth_asym_id 
_atom_site_anisotrop.pdbx_auth_atom_id 
1   N  N   . SER A 2   ? 0.7181 0.6749 0.7132 -0.0896 0.0187  0.0273  308 SER A N   
2   C  CA  . SER A 2   ? 0.6716 0.6225 0.6651 -0.0796 0.0226  0.0243  308 SER A CA  
3   C  C   . SER A 2   ? 0.5009 0.4613 0.5000 -0.0717 0.0232  0.0245  308 SER A C   
4   O  O   . SER A 2   ? 0.3689 0.3253 0.3664 -0.0624 0.0258  0.0211  308 SER A O   
5   C  CB  . SER A 2   ? 0.8333 0.7845 0.8291 -0.0770 0.0253  0.0295  308 SER A CB  
6   O  OG  . SER A 2   ? 0.9843 0.9287 0.9777 -0.0668 0.0287  0.0258  308 SER A OG  
7   N  N   . MSE A 3   ? 0.3205 0.2931 0.3257 -0.0753 0.0204  0.0288  309 MSE A N   
8   C  CA  . MSE A 3   ? 0.3852 0.3651 0.3946 -0.0689 0.0197  0.0287  309 MSE A CA  
9   C  C   . MSE A 3   ? 0.3023 0.2737 0.3044 -0.0679 0.0188  0.0209  309 MSE A C   
10  O  O   . MSE A 3   ? 0.2834 0.2545 0.2856 -0.0601 0.0196  0.0185  309 MSE A O   
11  C  CB  . MSE A 3   ? 0.3822 0.3757 0.3990 -0.0741 0.0161  0.0346  309 MSE A CB  
12  C  CG  . MSE A 3   ? 0.7996 0.8014 0.8222 -0.0662 0.0150  0.0364  309 MSE A CG  
13  SE SE  . MSE A 3   ? 1.1004 1.1119 1.1265 -0.0737 0.0087  0.0391  309 MSE A SE  
14  C  CE  . MSE A 3   ? 1.0359 1.0344 1.0506 -0.0776 0.0075  0.0296  309 MSE A CE  
15  N  N   . LEU A 4   ? 0.3576 0.3226 0.3533 -0.0760 0.0172  0.0168  310 LEU A N   
16  C  CA  . LEU A 4   ? 0.3787 0.3379 0.3675 -0.0760 0.0163  0.0094  310 LEU A CA  
17  C  C   . LEU A 4   ? 0.3912 0.3400 0.3742 -0.0678 0.0199  0.0034  310 LEU A C   
18  O  O   . LEU A 4   ? 0.4664 0.4139 0.4460 -0.0640 0.0197  -0.0013 310 LEU A O   
19  C  CB  . LEU A 4   ? 0.3699 0.3256 0.3529 -0.0859 0.0138  0.0060  310 LEU A CB  
20  C  CG  . LEU A 4   ? 0.3647 0.3208 0.3425 -0.0864 0.0116  -0.0003 310 LEU A CG  
21  C  CD1 . LEU A 4   ? 0.3132 0.2794 0.2964 -0.0852 0.0095  0.0031  310 LEU A CD1 
22  C  CD2 . LEU A 4   ? 0.3634 0.3205 0.3376 -0.0916 0.0085  -0.0024 310 LEU A CD2 
23  N  N   . GLU A 5   ? 0.3507 0.2924 0.3324 -0.0653 0.0227  0.0038  311 GLU A N   
24  C  CA  . GLU A 5   ? 0.4626 0.3945 0.4389 -0.0573 0.0258  -0.0016 311 GLU A CA  
25  C  C   . GLU A 5   ? 0.4166 0.3529 0.3974 -0.0474 0.0281  0.0005  311 GLU A C   
26  O  O   . GLU A 5   ? 0.3651 0.2961 0.3419 -0.0405 0.0300  -0.0044 311 GLU A O   
27  C  CB  . GLU A 5   ? 0.5995 0.5214 0.5723 -0.0586 0.0274  -0.0014 311 GLU A CB  
28  C  CG  . GLU A 5   ? 0.9039 0.8161 0.8725 -0.0498 0.0308  -0.0051 311 GLU A CG  
29  C  CD  . GLU A 5   ? 1.2006 1.1188 1.1760 -0.0432 0.0334  0.0009  311 GLU A CD  
30  O  OE1 . GLU A 5   ? 1.3577 1.2819 1.3384 -0.0468 0.0332  0.0078  311 GLU A OE1 
31  O  OE2 . GLU A 5   ? 1.2534 1.1710 1.2285 -0.0344 0.0357  -0.0013 311 GLU A OE2 
32  N  N   . VAL A 6   ? 0.2884 0.2347 0.2773 -0.0462 0.0277  0.0075  312 VAL A N   
33  C  CA  . VAL A 6   ? 0.2851 0.2364 0.2780 -0.0371 0.0287  0.0089  312 VAL A CA  
34  C  C   . VAL A 6   ? 0.2643 0.2179 0.2557 -0.0373 0.0258  0.0059  312 VAL A C   
35  O  O   . VAL A 6   ? 0.2083 0.1587 0.1970 -0.0307 0.0267  0.0026  312 VAL A O   
36  C  CB  . VAL A 6   ? 0.3095 0.2721 0.3116 -0.0355 0.0286  0.0167  312 VAL A CB  
37  C  CG1 . VAL A 6   ? 0.2790 0.2461 0.2847 -0.0259 0.0289  0.0175  312 VAL A CG1 
38  C  CG2 . VAL A 6   ? 0.2787 0.2405 0.2822 -0.0352 0.0317  0.0203  312 VAL A CG2 
39  N  N   . GLU A 7   ? 0.2038 0.1626 0.1964 -0.0455 0.0221  0.0073  313 GLU A N   
40  C  CA  . GLU A 7   ? 0.2012 0.1630 0.1924 -0.0469 0.0186  0.0054  313 GLU A CA  
41  C  C   . GLU A 7   ? 0.1761 0.1306 0.1587 -0.0468 0.0194  -0.0022 313 GLU A C   
42  O  O   . GLU A 7   ? 0.2304 0.1856 0.2110 -0.0436 0.0181  -0.0043 313 GLU A O   
43  C  CB  . GLU A 7   ? 0.2115 0.1808 0.2056 -0.0566 0.0144  0.0087  313 GLU A CB  
44  C  CG  . GLU A 7   ? 0.2093 0.1883 0.2125 -0.0560 0.0130  0.0165  313 GLU A CG  
45  C  CD  . GLU A 7   ? 0.4144 0.3964 0.4214 -0.0471 0.0121  0.0185  313 GLU A CD  
46  O  OE1 . GLU A 7   ? 0.3803 0.3635 0.3860 -0.0480 0.0084  0.0177  313 GLU A OE1 
47  O  OE2 . GLU A 7   ? 0.3041 0.2874 0.3149 -0.0393 0.0149  0.0210  313 GLU A OE2 
48  N  N   . LYS A 8   ? 0.1503 0.0980 0.1275 -0.0501 0.0211  -0.0066 314 LYS A N   
49  C  CA  . LYS A 8   ? 0.1837 0.1255 0.1528 -0.0490 0.0219  -0.0143 314 LYS A CA  
50  C  C   . LYS A 8   ? 0.1898 0.1265 0.1570 -0.0389 0.0253  -0.0168 314 LYS A C   
51  O  O   . LYS A 8   ? 0.2131 0.1474 0.1744 -0.0367 0.0258  -0.0227 314 LYS A O   
52  C  CB  . LYS A 8   ? 0.2578 0.1923 0.2213 -0.0539 0.0227  -0.0185 314 LYS A CB  
53  C  CG  . LYS A 8   ? 0.2752 0.2140 0.2379 -0.0645 0.0192  -0.0185 314 LYS A CG  
54  C  CD  . LYS A 8   ? 0.4574 0.3870 0.4138 -0.0687 0.0197  -0.0229 314 LYS A CD  
55  C  CE  . LYS A 8   ? 0.5698 0.5030 0.5236 -0.0789 0.0162  -0.0243 314 LYS A CE  
56  N  NZ  . LYS A 8   ? 0.6795 0.6041 0.6273 -0.0804 0.0161  -0.0284 314 LYS A NZ  
57  N  N   . ALA A 9   ? 0.2087 0.1449 0.1806 -0.0328 0.0274  -0.0125 315 ALA A N   
58  C  CA  . ALA A 9   ? 0.1799 0.1121 0.1504 -0.0231 0.0305  -0.0141 315 ALA A CA  
59  C  C   . ALA A 9   ? 0.2406 0.1781 0.2141 -0.0187 0.0288  -0.0119 315 ALA A C   
60  O  O   . ALA A 9   ? 0.1933 0.1283 0.1667 -0.0105 0.0309  -0.0122 315 ALA A O   
61  C  CB  . ALA A 9   ? 0.2152 0.1441 0.1888 -0.0188 0.0338  -0.0108 315 ALA A CB  
62  N  N   . LYS A 10  ? 0.1872 0.1313 0.1630 -0.0239 0.0246  -0.0097 316 LYS A N   
63  C  CA  . LYS A 10  ? 0.1592 0.1072 0.1374 -0.0202 0.0218  -0.0070 316 LYS A CA  
64  C  C   . LYS A 10  ? 0.2636 0.2121 0.2364 -0.0231 0.0189  -0.0107 316 LYS A C   
65  O  O   . LYS A 10  ? 0.2165 0.1672 0.1860 -0.0307 0.0172  -0.0132 316 LYS A O   
66  C  CB  . LYS A 10  ? 0.1529 0.1083 0.1384 -0.0233 0.0185  -0.0005 316 LYS A CB  
67  C  CG  . LYS A 10  ? 0.2137 0.1714 0.2056 -0.0181 0.0210  0.0042  316 LYS A CG  
68  C  CD  . LYS A 10  ? 0.2778 0.2443 0.2770 -0.0207 0.0175  0.0104  316 LYS A CD  
69  C  CE  . LYS A 10  ? 0.2925 0.2639 0.2986 -0.0157 0.0201  0.0151  316 LYS A CE  
70  N  NZ  . LYS A 10  ? 0.2732 0.2547 0.2865 -0.0192 0.0168  0.0211  316 LYS A NZ  
71  N  N   . LEU A 11  ? 0.1644 0.1116 0.1358 -0.0171 0.0180  -0.0109 317 LEU A N   
72  C  CA  . LEU A 11  ? 0.2132 0.1622 0.1802 -0.0201 0.0140  -0.0124 317 LEU A CA  
73  C  C   . LEU A 11  ? 0.2090 0.1609 0.1802 -0.0199 0.0090  -0.0069 317 LEU A C   
74  O  O   . LEU A 11  ? 0.1940 0.1447 0.1699 -0.0132 0.0096  -0.0035 317 LEU A O   
75  C  CB  . LEU A 11  ? 0.1783 0.1231 0.1399 -0.0140 0.0161  -0.0167 317 LEU A CB  
76  C  CG  . LEU A 11  ? 0.2331 0.1747 0.1898 -0.0129 0.0207  -0.0226 317 LEU A CG  
77  C  CD1 . LEU A 11  ? 0.2098 0.1494 0.1609 -0.0082 0.0217  -0.0265 317 LEU A CD1 
78  C  CD2 . LEU A 11  ? 0.1698 0.1149 0.1239 -0.0217 0.0199  -0.0257 317 LEU A CD2 
79  N  N   . PHE A 12  ? 0.1285 0.0845 0.0979 -0.0271 0.0038  -0.0061 318 PHE A N   
80  C  CA  . PHE A 12  ? 0.1626 0.1206 0.1351 -0.0280 -0.0022 -0.0008 318 PHE A CA  
81  C  C   . PHE A 12  ? 0.2168 0.1717 0.1839 -0.0265 -0.0057 -0.0017 318 PHE A C   
82  O  O   . PHE A 12  ? 0.1955 0.1525 0.1568 -0.0326 -0.0073 -0.0044 318 PHE A O   
83  C  CB  . PHE A 12  ? 0.1658 0.1303 0.1399 -0.0384 -0.0062 0.0017  318 PHE A CB  
84  C  CG  . PHE A 12  ? 0.1998 0.1663 0.1776 -0.0394 -0.0128 0.0075  318 PHE A CG  
85  C  CD1 . PHE A 12  ? 0.2185 0.1835 0.2022 -0.0315 -0.0132 0.0114  318 PHE A CD1 
86  C  CD2 . PHE A 12  ? 0.2385 0.2090 0.2140 -0.0484 -0.0188 0.0092  318 PHE A CD2 
87  C  CE1 . PHE A 12  ? 0.1751 0.1413 0.1622 -0.0315 -0.0196 0.0165  318 PHE A CE1 
88  C  CE2 . PHE A 12  ? 0.2419 0.2131 0.2205 -0.0493 -0.0254 0.0148  318 PHE A CE2 
89  C  CZ  . PHE A 12  ? 0.2168 0.1855 0.2013 -0.0405 -0.0259 0.0183  318 PHE A CZ  
90  N  N   . LEU A 13  ? 0.1323 0.0823 0.1007 -0.0184 -0.0070 0.0005  319 LEU A N   
91  C  CA  . LEU A 13  ? 0.1298 0.0755 0.0930 -0.0168 -0.0114 0.0004  319 LEU A CA  
92  C  C   . LEU A 13  ? 0.1906 0.1357 0.1562 -0.0182 -0.0189 0.0059  319 LEU A C   
93  O  O   . LEU A 13  ? 0.2121 0.1566 0.1837 -0.0126 -0.0193 0.0091  319 LEU A O   
94  C  CB  . LEU A 13  ? 0.1291 0.0682 0.0909 -0.0061 -0.0078 -0.0015 319 LEU A CB  
95  C  CG  . LEU A 13  ? 0.2052 0.1434 0.1640 -0.0033 -0.0008 -0.0067 319 LEU A CG  
96  C  CD1 . LEU A 13  ? 0.2303 0.1700 0.1944 -0.0010 0.0051  -0.0070 319 LEU A CD1 
97  C  CD2 . LEU A 13  ? 0.2674 0.1991 0.2224 0.0050  0.0004  -0.0085 319 LEU A CD2 
98  N  N   . HIS A 14  ? 0.1980 0.1439 0.1589 -0.0257 -0.0252 0.0071  320 HIS A N   
99  C  CA  . HIS A 14  ? 0.1822 0.1274 0.1451 -0.0284 -0.0331 0.0125  320 HIS A CA  
100 C  C   . HIS A 14  ? 0.2192 0.1605 0.1745 -0.0331 -0.0402 0.0135  320 HIS A C   
101 O  O   . HIS A 14  ? 0.1910 0.1320 0.1400 -0.0346 -0.0387 0.0101  320 HIS A O   
102 C  CB  . HIS A 14  ? 0.1609 0.1144 0.1282 -0.0370 -0.0343 0.0150  320 HIS A CB  
103 C  CG  . HIS A 14  ? 0.2603 0.2204 0.2232 -0.0477 -0.0337 0.0123  320 HIS A CG  
104 N  ND1 . HIS A 14  ? 0.2549 0.2212 0.2178 -0.0581 -0.0390 0.0153  320 HIS A ND1 
105 C  CD2 . HIS A 14  ? 0.2195 0.1819 0.1777 -0.0493 -0.0286 0.0068  320 HIS A CD2 
106 C  CE1 . HIS A 14  ? 0.2298 0.2021 0.1880 -0.0657 -0.0369 0.0115  320 HIS A CE1 
107 N  NE2 . HIS A 14  ? 0.2344 0.2044 0.1897 -0.0602 -0.0306 0.0062  320 HIS A NE2 
108 N  N   . LYS A 15  ? 0.1483 0.1020 0.1239 0.0117  -0.0116 -0.0018 321 LYS A N   
109 C  CA  . LYS A 15  ? 0.1683 0.1125 0.1385 0.0147  -0.0068 -0.0084 321 LYS A CA  
110 C  C   . LYS A 15  ? 0.1705 0.1180 0.1399 0.0179  -0.0008 -0.0145 321 LYS A C   
111 O  O   . LYS A 15  ? 0.1476 0.0894 0.1133 0.0169  0.0022  -0.0212 321 LYS A O   
112 C  CB  . LYS A 15  ? 0.1418 0.0711 0.1028 0.0106  -0.0081 -0.0128 321 LYS A CB  
113 C  CG  . LYS A 15  ? 0.2223 0.1455 0.1797 0.0061  -0.0147 -0.0076 321 LYS A CG  
114 C  CD  . LYS A 15  ? 0.1601 0.0861 0.1213 0.0084  -0.0177 -0.0010 321 LYS A CD  
115 C  CE  . LYS A 15  ? 0.2594 0.1783 0.2149 0.0030  -0.0256 0.0037  321 LYS A CE  
116 N  NZ  . LYS A 15  ? 0.2626 0.1885 0.2248 0.0050  -0.0306 0.0114  321 LYS A NZ  
117 N  N   . ILE A 16  ? 0.1722 0.1314 0.1467 0.0206  0.0010  -0.0115 322 ILE A N   
118 C  CA  . ILE A 16  ? 0.1655 0.1273 0.1367 0.0234  0.0059  -0.0172 322 ILE A CA  
119 C  C   . ILE A 16  ? 0.1952 0.1536 0.1655 0.0288  0.0124  -0.0196 322 ILE A C   
120 O  O   . ILE A 16  ? 0.1620 0.1264 0.1387 0.0330  0.0147  -0.0135 322 ILE A O   
121 C  CB  . ILE A 16  ? 0.2064 0.1797 0.1804 0.0242  0.0061  -0.0129 322 ILE A CB  
122 C  CG1 . ILE A 16  ? 0.1642 0.1395 0.1394 0.0190  0.0000  -0.0090 322 ILE A CG1 
123 C  CG2 . ILE A 16  ? 0.1713 0.1449 0.1380 0.0264  0.0099  -0.0192 322 ILE A CG2 
124 C  CD1 . ILE A 16  ? 0.1272 0.1130 0.1062 0.0193  0.0004  -0.0028 322 ILE A CD1 
125 N  N   . PRO A 17  ? 0.1995 0.1534 0.1671 0.0262  0.0146  -0.0264 323 PRO A N   
126 C  CA  . PRO A 17  ? 0.1873 0.1410 0.1566 0.0285  0.0195  -0.0277 323 PRO A CA  
127 C  C   . PRO A 17  ? 0.2163 0.1749 0.1839 0.0338  0.0244  -0.0266 323 PRO A C   
128 O  O   . PRO A 17  ? 0.2051 0.1683 0.1692 0.0338  0.0241  -0.0273 323 PRO A O   
129 C  CB  . PRO A 17  ? 0.2221 0.1783 0.1945 0.0220  0.0175  -0.0341 323 PRO A CB  
130 C  CG  . PRO A 17  ? 0.2152 0.1732 0.1911 0.0168  0.0129  -0.0344 323 PRO A CG  
131 C  CD  . PRO A 17  ? 0.1467 0.1037 0.1175 0.0184  0.0117  -0.0307 323 PRO A CD  
132 N  N   . ASN A 18  ? 0.2665 0.2240 0.2361 0.0389  0.0295  -0.0243 324 ASN A N   
133 C  CA  . ASN A 18  ? 0.2655 0.2282 0.2350 0.0444  0.0356  -0.0217 324 ASN A CA  
134 C  C   . ASN A 18  ? 0.3225 0.2851 0.2850 0.0408  0.0364  -0.0283 324 ASN A C   
135 O  O   . ASN A 18  ? 0.3454 0.3119 0.3051 0.0441  0.0407  -0.0267 324 ASN A O   
136 C  CB  . ASN A 18  ? 0.3868 0.3487 0.3617 0.0504  0.0408  -0.0170 324 ASN A CB  
137 C  CG  . ASN A 18  ? 0.5116 0.4811 0.4981 0.0568  0.0409  -0.0071 324 ASN A CG  
138 O  OD1 . ASN A 18  ? 0.4147 0.3941 0.4069 0.0558  0.0376  -0.0025 324 ASN A OD1 
139 N  ND2 . ASN A 18  ? 0.5073 0.4753 0.5000 0.0609  0.0424  -0.0026 324 ASN A ND2 
140 N  N   . ASN A 19  ? 0.3298 0.2896 0.2910 0.0344  0.0326  -0.0352 325 ASN A N   
141 C  CA  . ASN A 19  ? 0.3950 0.3563 0.3509 0.0315  0.0325  -0.0415 325 ASN A CA  
142 C  C   . ASN A 19  ? 0.3646 0.3305 0.3171 0.0285  0.0293  -0.0425 325 ASN A C   
143 O  O   . ASN A 19  ? 0.3540 0.3209 0.3007 0.0263  0.0293  -0.0470 325 ASN A O   
144 C  CB  . ASN A 19  ? 0.3490 0.3085 0.3067 0.0275  0.0290  -0.0479 325 ASN A CB  
145 C  CG  . ASN A 19  ? 0.4899 0.4535 0.4537 0.0226  0.0222  -0.0491 325 ASN A CG  
146 O  OD1 . ASN A 19  ? 0.4461 0.4101 0.4134 0.0217  0.0209  -0.0453 325 ASN A OD1 
147 N  ND2 . ASN A 19  ? 0.6149 0.5779 0.5764 0.0208  0.0183  -0.0529 325 ASN A ND2 
148 N  N   . VAL A 20  ? 0.2708 0.2382 0.2251 0.0287  0.0265  -0.0379 326 VAL A N   
149 C  CA  . VAL A 20  ? 0.2488 0.2196 0.1985 0.0273  0.0231  -0.0374 326 VAL A CA  
150 C  C   . VAL A 20  ? 0.3119 0.2866 0.2557 0.0337  0.0269  -0.0328 326 VAL A C   
151 O  O   . VAL A 20  ? 0.2788 0.2565 0.2267 0.0391  0.0302  -0.0264 326 VAL A O   
152 C  CB  . VAL A 20  ? 0.2450 0.2158 0.1985 0.0255  0.0178  -0.0348 326 VAL A CB  
153 C  CG1 . VAL A 20  ? 0.2147 0.1895 0.1633 0.0251  0.0133  -0.0341 326 VAL A CG1 
154 C  CG2 . VAL A 20  ? 0.2452 0.2131 0.2055 0.0189  0.0161  -0.0382 326 VAL A CG2 
155 N  N   . PRO A 21  ? 0.3202 0.2958 0.2554 0.0332  0.0274  -0.0350 327 PRO A N   
156 C  CA  . PRO A 21  ? 0.3193 0.2995 0.2492 0.0385  0.0317  -0.0294 327 PRO A CA  
157 C  C   . PRO A 21  ? 0.2296 0.2156 0.1603 0.0398  0.0281  -0.0243 327 PRO A C   
158 O  O   . PRO A 21  ? 0.2707 0.2562 0.1993 0.0361  0.0209  -0.0269 327 PRO A O   
159 C  CB  . PRO A 21  ? 0.2716 0.2494 0.1900 0.0364  0.0313  -0.0340 327 PRO A CB  
160 C  CG  . PRO A 21  ? 0.3665 0.3396 0.2863 0.0307  0.0289  -0.0419 327 PRO A CG  
161 C  CD  . PRO A 21  ? 0.3307 0.3038 0.2609 0.0276  0.0248  -0.0418 327 PRO A CD  
162 N  N   . SER A 22  ? 0.2717 0.2651 0.2112 0.0421  0.0317  -0.0153 328 SER A N   
163 C  CA  . SER A 22  ? 0.1975 0.1973 0.1455 0.0380  0.0260  -0.0083 328 SER A CA  
164 C  C   . SER A 22  ? 0.2100 0.2103 0.1480 0.0367  0.0229  -0.0080 328 SER A C   
165 O  O   . SER A 22  ? 0.2144 0.2162 0.1562 0.0329  0.0168  -0.0050 328 SER A O   
166 C  CB  . SER A 22  ? 0.1396 0.1483 0.1012 0.0391  0.0299  0.0015  328 SER A CB  
167 O  OG  . SER A 22  ? 0.2183 0.2308 0.1769 0.0440  0.0388  0.0046  328 SER A OG  
168 N  N   . ALA A 23  ? 0.2212 0.2192 0.1455 0.0402  0.0269  -0.0110 329 ALA A N   
169 C  CA  . ALA A 23  ? 0.2831 0.2808 0.1961 0.0395  0.0230  -0.0107 329 ALA A CA  
170 C  C   . ALA A 23  ? 0.3337 0.3285 0.2445 0.0363  0.0138  -0.0169 329 ALA A C   
171 O  O   . ALA A 23  ? 0.3631 0.3591 0.2712 0.0351  0.0086  -0.0144 329 ALA A O   
172 C  CB  . ALA A 23  ? 0.2918 0.2857 0.1887 0.0433  0.0285  -0.0132 329 ALA A CB  
173 N  N   . ALA A 24  ? 0.2319 0.2227 0.1449 0.0350  0.0123  -0.0245 330 ALA A N   
174 C  CA  . ALA A 24  ? 0.2969 0.2865 0.2139 0.0304  0.0045  -0.0292 330 ALA A CA  
175 C  C   . ALA A 24  ? 0.3366 0.3275 0.2622 0.0286  0.0004  -0.0257 330 ALA A C   
176 O  O   . ALA A 24  ? 0.2843 0.2747 0.2115 0.0265  -0.0053 -0.0287 330 ALA A O   
177 C  CB  . ALA A 24  ? 0.2787 0.2641 0.2015 0.0265  0.0054  -0.0355 330 ALA A CB  
178 N  N   . LEU A 25  ? 0.2060 0.1985 0.1401 0.0281  0.0030  -0.0186 331 LEU A N   
179 C  CA  . LEU A 25  ? 0.2013 0.1930 0.1437 0.0243  -0.0011 -0.0146 331 LEU A CA  
180 C  C   . LEU A 25  ? 0.2940 0.2866 0.2324 0.0240  -0.0048 -0.0107 331 LEU A C   
181 O  O   . LEU A 25  ? 0.2151 0.2045 0.1569 0.0216  -0.0089 -0.0104 331 LEU A O   
182 C  CB  . LEU A 25  ? 0.2172 0.2109 0.1686 0.0231  0.0014  -0.0078 331 LEU A CB  
183 C  CG  . LEU A 25  ? 0.1891 0.1817 0.1454 0.0243  0.0049  -0.0100 331 LEU A CG  
184 C  CD1 . LEU A 25  ? 0.1699 0.1678 0.1364 0.0238  0.0065  -0.0018 331 LEU A CD1 
185 C  CD2 . LEU A 25  ? 0.2193 0.2044 0.1767 0.0219  0.0017  -0.0160 331 LEU A CD2 
186 N  N   . ALA A 26  ? 0.2525 0.2481 0.1830 0.0268  -0.0028 -0.0075 332 ALA A N   
187 C  CA  . ALA A 26  ? 0.3438 0.3392 0.2691 0.0272  -0.0060 -0.0032 332 ALA A CA  
188 C  C   . ALA A 26  ? 0.3541 0.3484 0.2766 0.0279  -0.0122 -0.0085 332 ALA A C   
189 O  O   . ALA A 26  ? 0.4443 0.4372 0.3658 0.0283  -0.0155 -0.0047 332 ALA A O   
190 C  CB  . ALA A 26  ? 0.4222 0.4197 0.3370 0.0306  -0.0019 0.0009  332 ALA A CB  
191 N  N   . GLN A 27  ? 0.3160 0.3108 0.2379 0.0281  -0.0136 -0.0169 333 GLN A N   
192 C  CA  . GLN A 27  ? 0.4638 0.4601 0.3853 0.0285  -0.0199 -0.0220 333 GLN A CA  
193 C  C   . GLN A 27  ? 0.4749 0.4687 0.4071 0.0263  -0.0223 -0.0218 333 GLN A C   
194 O  O   . GLN A 27  ? 0.5039 0.5001 0.4379 0.0274  -0.0271 -0.0231 333 GLN A O   
195 C  CB  . GLN A 27  ? 0.6166 0.6140 0.5406 0.0262  -0.0192 -0.0294 333 GLN A CB  
196 C  CG  . GLN A 27  ? 0.7783 0.7728 0.7131 0.0225  -0.0171 -0.0336 333 GLN A CG  
197 C  CD  . GLN A 27  ? 0.8583 0.8510 0.7929 0.0199  -0.0138 -0.0385 333 GLN A CD  
198 O  OE1 . GLN A 27  ? 0.8738 0.8634 0.8157 0.0163  -0.0116 -0.0411 333 GLN A OE1 
199 N  NE2 . GLN A 27  ? 0.8999 0.8931 0.8243 0.0213  -0.0128 -0.0391 333 GLN A NE2 
200 N  N   . VAL A 28  ? 0.3244 0.3135 0.2632 0.0233  -0.0192 -0.0200 334 VAL A N   
201 C  CA  . VAL A 28  ? 0.4061 0.3904 0.3524 0.0210  -0.0205 -0.0201 334 VAL A CA  
202 C  C   . VAL A 28  ? 0.3557 0.3353 0.3013 0.0203  -0.0204 -0.0122 334 VAL A C   
203 O  O   . VAL A 28  ? 0.3988 0.3719 0.3480 0.0184  -0.0209 -0.0117 334 VAL A O   
204 C  CB  . VAL A 28  ? 0.5231 0.5026 0.4748 0.0178  -0.0178 -0.0239 334 VAL A CB  
205 C  CG1 . VAL A 28  ? 0.5814 0.5638 0.5350 0.0174  -0.0168 -0.0311 334 VAL A CG1 
206 C  CG2 . VAL A 28  ? 0.4166 0.3945 0.3681 0.0164  -0.0147 -0.0190 334 VAL A CG2 
207 N  N   . LEU A 29  ? 0.2548 0.2362 0.1951 0.0213  -0.0192 -0.0060 335 LEU A N   
208 C  CA  . LEU A 29  ? 0.3026 0.2789 0.2415 0.0200  -0.0188 0.0016  335 LEU A CA  
209 C  C   . LEU A 29  ? 0.3796 0.3573 0.3112 0.0242  -0.0206 0.0054  335 LEU A C   
210 O  O   . LEU A 29  ? 0.4801 0.4640 0.4056 0.0277  -0.0211 0.0040  335 LEU A O   
211 C  CB  . LEU A 29  ? 0.3726 0.3495 0.3127 0.0168  -0.0155 0.0070  335 LEU A CB  
212 C  CG  . LEU A 29  ? 0.3773 0.3529 0.3243 0.0130  -0.0146 0.0052  335 LEU A CG  
213 C  CD1 . LEU A 29  ? 0.3055 0.2856 0.2558 0.0108  -0.0117 0.0114  335 LEU A CD1 
214 C  CD2 . LEU A 29  ? 0.3098 0.2756 0.2587 0.0091  -0.0167 0.0048  335 LEU A CD2 
215 N  N   . SER A 30  ? 0.4445 0.4151 0.3750 0.0242  -0.0212 0.0102  336 SER A N   
216 C  CA  . SER A 30  ? 0.3367 0.3065 0.2597 0.0285  -0.0224 0.0154  336 SER A CA  
217 C  C   . SER A 30  ? 0.4210 0.3845 0.3397 0.0257  -0.0188 0.0237  336 SER A C   
218 O  O   . SER A 30  ? 0.3959 0.3561 0.3192 0.0200  -0.0165 0.0253  336 SER A O   
219 C  CB  . SER A 30  ? 0.3179 0.2841 0.2435 0.0318  -0.0255 0.0148  336 SER A CB  
220 O  OG  . SER A 30  ? 0.3530 0.3080 0.2818 0.0281  -0.0232 0.0163  336 SER A OG  
221 N  N   . GLY A 31  ? 0.3829 0.3447 0.2928 0.0296  -0.0187 0.0294  337 GLY A N   
222 C  CA  . GLY A 31  ? 0.3991 0.3546 0.3057 0.0264  -0.0146 0.0375  337 GLY A CA  
223 C  C   . GLY A 31  ? 0.4343 0.3958 0.3378 0.0254  -0.0104 0.0403  337 GLY A C   
224 O  O   . GLY A 31  ? 0.3864 0.3560 0.2871 0.0285  -0.0104 0.0365  337 GLY A O   
225 N  N   . LYS A 32  ? 0.3163 0.2733 0.2207 0.0204  -0.0061 0.0471  338 LYS A N   
226 C  CA  . LYS A 32  ? 0.2400 0.2025 0.1431 0.0192  -0.0003 0.0517  338 LYS A CA  
227 C  C   . LYS A 32  ? 0.2838 0.2506 0.2004 0.0122  0.0014  0.0518  338 LYS A C   
228 O  O   . LYS A 32  ? 0.2752 0.2356 0.1967 0.0057  0.0010  0.0550  338 LYS A O   
229 C  CB  . LYS A 32  ? 0.3173 0.2744 0.2158 0.0176  0.0031  0.0585  338 LYS A CB  
230 C  CG  . LYS A 32  ? 0.5735 0.5294 0.4626 0.0236  0.0011  0.0576  338 LYS A CG  
231 C  CD  . LYS A 32  ? 0.5723 0.5191 0.4578 0.0219  0.0028  0.0639  338 LYS A CD  
232 C  CE  . LYS A 32  ? 0.6385 0.5850 0.5131 0.0279  0.0021  0.0648  338 LYS A CE  
233 N  NZ  . LYS A 32  ? 0.6345 0.5723 0.5043 0.0263  0.0055  0.0718  338 LYS A NZ  
234 N  N   . PHE A 33  ? 0.2691 0.2461 0.1908 0.0134  0.0032  0.0482  339 PHE A N   
235 C  CA  . PHE A 33  ? 0.2363 0.2191 0.1720 0.0079  0.0039  0.0480  339 PHE A CA  
236 C  C   . PHE A 33  ? 0.2582 0.2519 0.1971 0.0109  0.0097  0.0483  339 PHE A C   
237 O  O   . PHE A 33  ? 0.2904 0.2853 0.2189 0.0170  0.0125  0.0464  339 PHE A O   
238 C  CB  . PHE A 33  ? 0.2079 0.1889 0.1486 0.0069  -0.0017 0.0407  339 PHE A CB  
239 C  CG  . PHE A 33  ? 0.2620 0.2461 0.1982 0.0129  -0.0031 0.0330  339 PHE A CG  
240 C  CD1 . PHE A 33  ? 0.3110 0.2905 0.2390 0.0168  -0.0067 0.0295  339 PHE A CD1 
241 C  CD2 . PHE A 33  ? 0.2482 0.2400 0.1891 0.0146  -0.0008 0.0293  339 PHE A CD2 
242 C  CE1 . PHE A 33  ? 0.2986 0.2818 0.2236 0.0212  -0.0086 0.0222  339 PHE A CE1 
243 C  CE2 . PHE A 33  ? 0.3164 0.3095 0.2522 0.0192  -0.0019 0.0217  339 PHE A CE2 
244 C  CZ  . PHE A 33  ? 0.2979 0.2872 0.2260 0.0219  -0.0062 0.0179  339 PHE A CZ  
245 N  N   . THR A 34  ? 0.2503 0.2512 0.2032 0.0067  0.0116  0.0508  340 THR A N   
246 C  CA  . THR A 34  ? 0.2345 0.2457 0.1934 0.0101  0.0174  0.0505  340 THR A CA  
247 C  C   . THR A 34  ? 0.2610 0.2762 0.2312 0.0088  0.0137  0.0461  340 THR A C   
248 O  O   . THR A 34  ? 0.2857 0.2986 0.2631 0.0029  0.0081  0.0469  340 THR A O   
249 C  CB  . THR A 34  ? 0.3614 0.3802 0.3293 0.0075  0.0248  0.0595  340 THR A CB  
250 O  OG1 . THR A 34  ? 0.3183 0.3386 0.2996 -0.0010 0.0211  0.0642  340 THR A OG1 
251 C  CG2 . THR A 34  ? 0.3274 0.3407 0.2816 0.0095  0.0298  0.0641  340 THR A CG2 
252 N  N   . LEU A 35  ? 0.1837 0.2032 0.1533 0.0143  0.0169  0.0415  341 LEU A N   
253 C  CA  . LEU A 35  ? 0.2727 0.2945 0.2509 0.0145  0.0142  0.0371  341 LEU A CA  
254 C  C   . LEU A 35  ? 0.3025 0.3357 0.2952 0.0153  0.0198  0.0423  341 LEU A C   
255 O  O   . LEU A 35  ? 0.3462 0.3842 0.3375 0.0202  0.0281  0.0440  341 LEU A O   
256 C  CB  . LEU A 35  ? 0.2732 0.2903 0.2409 0.0198  0.0141  0.0279  341 LEU A CB  
257 C  CG  . LEU A 35  ? 0.3085 0.3168 0.2698 0.0183  0.0068  0.0214  341 LEU A CG  
258 C  CD1 . LEU A 35  ? 0.4427 0.4482 0.3940 0.0230  0.0074  0.0129  341 LEU A CD1 
259 C  CD2 . LEU A 35  ? 0.2809 0.2869 0.2513 0.0140  0.0021  0.0206  341 LEU A CD2 
260 N  N   . ASP A 36  ? 0.1731 0.2103 0.1794 0.0110  0.0152  0.0448  342 ASP A N   
261 C  CA  . ASP A 36  ? 0.2200 0.2698 0.2434 0.0120  0.0187  0.0502  342 ASP A CA  
262 C  C   . ASP A 36  ? 0.2277 0.2756 0.2533 0.0151  0.0158  0.0450  342 ASP A C   
263 O  O   . ASP A 36  ? 0.1840 0.2264 0.2097 0.0109  0.0078  0.0429  342 ASP A O   
264 C  CB  . ASP A 36  ? 0.3042 0.3611 0.3425 0.0037  0.0146  0.0583  342 ASP A CB  
265 C  CG  . ASP A 36  ? 0.5596 0.6322 0.6188 0.0047  0.0168  0.0647  342 ASP A CG  
266 O  OD1 . ASP A 36  ? 0.5287 0.6077 0.5913 0.0125  0.0257  0.0650  342 ASP A OD1 
267 O  OD2 . ASP A 36  ? 0.6122 0.6905 0.6845 -0.0023 0.0098  0.0695  342 ASP A OD2 
268 N  N   . VAL A 37  ? 0.2109 0.2620 0.2369 0.0226  0.0233  0.0430  343 VAL A N   
269 C  CA  . VAL A 37  ? 0.2832 0.3300 0.3083 0.0267  0.0223  0.0375  343 VAL A CA  
270 C  C   . VAL A 37  ? 0.3715 0.4297 0.4156 0.0282  0.0230  0.0440  343 VAL A C   
271 O  O   . VAL A 37  ? 0.3753 0.4456 0.4314 0.0310  0.0298  0.0508  343 VAL A O   
272 C  CB  . VAL A 37  ? 0.3123 0.3528 0.3243 0.0339  0.0299  0.0304  343 VAL A CB  
273 C  CG1 . VAL A 37  ? 0.3084 0.3417 0.3179 0.0371  0.0291  0.0241  343 VAL A CG1 
274 C  CG2 . VAL A 37  ? 0.2938 0.3260 0.2888 0.0323  0.0283  0.0252  343 VAL A CG2 
275 N  N   . LYS A 38  ? 0.3455 0.4003 0.3926 0.0269  0.0160  0.0427  344 LYS A N   
276 C  CA  . LYS A 38  ? 0.4939 0.5587 0.5579 0.0294  0.0152  0.0488  344 LYS A CA  
277 C  C   . LYS A 38  ? 0.5960 0.6559 0.6564 0.0385  0.0220  0.0444  344 LYS A C   
278 O  O   . LYS A 38  ? 0.5931 0.6389 0.6375 0.0399  0.0226  0.0355  344 LYS A O   
279 C  CB  . LYS A 38  ? 0.5567 0.6191 0.6241 0.0225  0.0033  0.0505  344 LYS A CB  
280 C  CG  . LYS A 38  ? 0.6125 0.6913 0.7013 0.0195  -0.0012 0.0607  344 LYS A CG  
281 C  CD  . LYS A 38  ? 0.6525 0.7264 0.7402 0.0110  -0.0142 0.0618  344 LYS A CD  
282 C  CE  . LYS A 38  ? 0.6997 0.7663 0.7839 0.0148  -0.0184 0.0596  344 LYS A CE  
283 N  NZ  . LYS A 38  ? 0.7173 0.7784 0.7986 0.0065  -0.0311 0.0613  344 LYS A NZ  
284 N  N   . GLN A 39  ? 0.6072 0.6788 0.6833 0.0447  0.0274  0.0508  345 GLN A N   
285 C  CA  . GLN A 39  ? 0.6812 0.7470 0.7543 0.0540  0.0349  0.0475  345 GLN A CA  
286 C  C   . GLN A 39  ? 0.7172 0.7736 0.7870 0.0536  0.0274  0.0448  345 GLN A C   
287 O  O   . GLN A 39  ? 0.7076 0.7683 0.7853 0.0484  0.0172  0.0495  345 GLN A O   
288 C  CB  . GLN A 39  ? 0.5672 0.6486 0.6598 0.0617  0.0433  0.0561  345 GLN A CB  
289 C  CG  . GLN A 39  ? 0.7024 0.7753 0.7898 0.0714  0.0525  0.0526  345 GLN A CG  
290 C  CD  . GLN A 39  ? 0.7733 0.8554 0.8774 0.0746  0.0519  0.0602  345 GLN A CD  
291 O  OE1 . GLN A 39  ? 0.8551 0.9440 0.9707 0.0717  0.0419  0.0652  345 GLN A OE1 
292 N  NE2 . GLN A 39  ? 0.6741 0.7556 0.7785 0.0803  0.0622  0.0610  345 GLN A NE2 
293 N  N   . ALA A 40  ? 0.6430 0.6849 0.6993 0.0587  0.0323  0.0369  346 ALA A N   
294 C  CA  . ALA A 40  ? 0.6343 0.6659 0.6868 0.0595  0.0275  0.0348  346 ALA A CA  
295 C  C   . ALA A 40  ? 0.6539 0.6958 0.7240 0.0659  0.0278  0.0441  346 ALA A C   
296 O  O   . ALA A 40  ? 0.5861 0.6385 0.6678 0.0730  0.0363  0.0490  346 ALA A O   
297 C  CB  . ALA A 40  ? 0.5791 0.5926 0.6141 0.0631  0.0341  0.0245  346 ALA A CB  
298 N  N   . LYS A 41  ? 0.6354 0.6745 0.7073 0.0637  0.0182  0.0469  347 LYS A N   
299 C  CA  . LYS A 41  ? 0.6118 0.6603 0.6996 0.0698  0.0166  0.0559  347 LYS A CA  
300 C  C   . LYS A 41  ? 0.6765 0.7149 0.7574 0.0778  0.0272  0.0516  347 LYS A C   
301 O  O   . LYS A 41  ? 0.6032 0.6252 0.6672 0.0792  0.0338  0.0424  347 LYS A O   
302 C  CB  . LYS A 41  ? 0.5730 0.6166 0.6585 0.0652  0.0036  0.0585  347 LYS A CB  
303 C  CG  . LYS A 41  ? 0.6740 0.6939 0.7386 0.0655  0.0041  0.0502  347 LYS A CG  
304 C  CD  . LYS A 41  ? 0.7222 0.7358 0.7818 0.0601  -0.0086 0.0528  347 LYS A CD  
305 C  CE  . LYS A 41  ? 0.6583 0.6478 0.6975 0.0607  -0.0065 0.0451  347 LYS A CE  
306 N  NZ  . LYS A 41  ? 0.5879 0.5686 0.6187 0.0551  -0.0180 0.0473  347 LYS A NZ  
307 N  N   . THR A 42  ? 0.8372 0.8851 0.9310 0.0823  0.0284  0.0583  348 THR A N   
308 C  CA  . THR A 42  ? 1.0043 1.0432 1.0927 0.0898  0.0383  0.0556  348 THR A CA  
309 C  C   . THR A 42  ? 1.0411 1.0590 1.1125 0.0904  0.0371  0.0491  348 THR A C   
310 O  O   . THR A 42  ? 1.0190 1.0337 1.0897 0.0884  0.0276  0.0515  348 THR A O   
311 C  CB  . THR A 42  ? 1.0598 1.1130 1.1666 0.0947  0.0383  0.0651  348 THR A CB  
312 O  OG1 . THR A 42  ? 1.0859 1.1277 1.1861 0.1020  0.0467  0.0631  348 THR A OG1 
313 C  CG2 . THR A 42  ? 1.0744 1.1359 1.1913 0.0914  0.0243  0.0718  348 THR A CG2 
314 N  N   . GLN A 43  ? 1.0251 1.0275 1.0809 0.0919  0.0464  0.0405  349 GLN A N   
315 C  CA  . GLN A 43  ? 1.0096 0.9912 1.0478 0.0902  0.0466  0.0326  349 GLN A CA  
316 C  C   . GLN A 43  ? 0.9401 0.9150 0.9699 0.0832  0.0390  0.0281  349 GLN A C   
317 O  O   . GLN A 43  ? 0.9021 0.8629 0.9215 0.0808  0.0358  0.0247  349 GLN A O   
318 C  CB  . GLN A 43  ? 0.9722 0.9490 1.0125 0.0950  0.0450  0.0372  349 GLN A CB  
319 N  N   . GLY A 44  ? 0.8367 0.8208 0.8702 0.0797  0.0365  0.0284  350 GLY A N   
320 C  CA  . GLY A 44  ? 0.6966 0.6744 0.7224 0.0736  0.0297  0.0248  350 GLY A CA  
321 C  C   . GLY A 44  ? 0.5533 0.5194 0.5633 0.0689  0.0344  0.0129  350 GLY A C   
322 O  O   . GLY A 44  ? 0.5722 0.5395 0.5790 0.0695  0.0413  0.0090  350 GLY A O   
323 N  N   . ARG A 45  ? 0.4201 0.3751 0.4196 0.0629  0.0295  0.0075  351 ARG A N   
324 C  CA  . ARG A 45  ? 0.3654 0.3119 0.3523 0.0557  0.0313  -0.0036 351 ARG A CA  
325 C  C   . ARG A 45  ? 0.3086 0.2578 0.2928 0.0513  0.0275  -0.0063 351 ARG A C   
326 O  O   . ARG A 45  ? 0.2115 0.1592 0.1889 0.0452  0.0279  -0.0141 351 ARG A O   
327 C  CB  . ARG A 45  ? 0.3627 0.2967 0.3414 0.0502  0.0291  -0.0083 351 ARG A CB  
328 C  CG  . ARG A 45  ? 0.4349 0.3639 0.4143 0.0549  0.0323  -0.0053 351 ARG A CG  
329 C  CD  . ARG A 45  ? 0.6406 0.5605 0.6122 0.0489  0.0333  -0.0119 351 ARG A CD  
330 N  NE  . ARG A 45  ? 0.7819 0.6971 0.7527 0.0540  0.0389  -0.0104 351 ARG A NE  
331 C  CZ  . ARG A 45  ? 0.9207 0.8312 0.8866 0.0511  0.0423  -0.0159 351 ARG A CZ  
332 N  NH1 . ARG A 45  ? 0.9058 0.8182 0.8696 0.0435  0.0397  -0.0227 351 ARG A NH1 
333 N  NH2 . ARG A 45  ? 0.9859 0.8907 0.9504 0.0564  0.0479  -0.0140 351 ARG A NH2 
334 N  N   . TYR A 46  ? 0.2194 0.1794 0.2117 0.0478  0.0198  0.0008  352 TYR A N   
335 C  CA  . TYR A 46  ? 0.2580 0.2221 0.2484 0.0407  0.0146  -0.0009 352 TYR A CA  
336 C  C   . TYR A 46  ? 0.2166 0.1977 0.2191 0.0406  0.0124  0.0074  352 TYR A C   
337 O  O   . TYR A 46  ? 0.2586 0.2489 0.2727 0.0448  0.0127  0.0153  352 TYR A O   
338 C  CB  . TYR A 46  ? 0.2877 0.2427 0.2725 0.0343  0.0073  -0.0020 352 TYR A CB  
339 C  CG  . TYR A 46  ? 0.2712 0.2092 0.2453 0.0341  0.0104  -0.0095 352 TYR A CG  
340 C  CD1 . TYR A 46  ? 0.2630 0.1983 0.2319 0.0291  0.0121  -0.0176 352 TYR A CD1 
341 C  CD2 . TYR A 46  ? 0.2279 0.1568 0.2002 0.0373  0.0112  -0.0071 352 TYR A CD2 
342 C  CE1 . TYR A 46  ? 0.2418 0.1767 0.2121 0.0237  0.0128  -0.0215 352 TYR A CE1 
343 C  CE2 . TYR A 46  ? 0.3193 0.2419 0.2869 0.0326  0.0132  -0.0124 352 TYR A CE2 
344 C  CZ  . TYR A 46  ? 0.2847 0.2126 0.2534 0.0254  0.0136  -0.0191 352 TYR A CZ  
345 O  OH  . TYR A 46  ? 0.3559 0.2838 0.3257 0.0214  0.0142  -0.0221 352 TYR A OH  
346 N  N   . TYR A 47  ? 0.1538 0.1393 0.1541 0.0361  0.0105  0.0062  353 TYR A N   
347 C  CA  . TYR A 47  ? 0.1600 0.1601 0.1708 0.0345  0.0087  0.0139  353 TYR A CA  
348 C  C   . TYR A 47  ? 0.1631 0.1612 0.1692 0.0268  0.0021  0.0130  353 TYR A C   
349 O  O   . TYR A 47  ? 0.1750 0.1619 0.1707 0.0238  0.0002  0.0063  353 TYR A O   
350 C  CB  . TYR A 47  ? 0.1703 0.1782 0.1830 0.0397  0.0174  0.0143  353 TYR A CB  
351 C  CG  . TYR A 47  ? 0.1343 0.1366 0.1339 0.0387  0.0201  0.0067  353 TYR A CG  
352 C  CD1 . TYR A 47  ? 0.1399 0.1315 0.1281 0.0414  0.0246  -0.0022 353 TYR A CD1 
353 C  CD2 . TYR A 47  ? 0.2016 0.2093 0.2001 0.0348  0.0178  0.0088  353 TYR A CD2 
354 C  CE1 . TYR A 47  ? 0.1479 0.1359 0.1247 0.0401  0.0255  -0.0089 353 TYR A CE1 
355 C  CE2 . TYR A 47  ? 0.1570 0.1602 0.1433 0.0343  0.0192  0.0026  353 TYR A CE2 
356 C  CZ  . TYR A 47  ? 0.1878 0.1821 0.1637 0.0370  0.0225  -0.0061 353 TYR A CZ  
357 O  OH  . TYR A 47  ? 0.1589 0.1501 0.1232 0.0362  0.0225  -0.0121 353 TYR A OH  
358 N  N   . CYS A 48  ? 0.0931 0.1017 0.1077 0.0235  -0.0008 0.0201  354 CYS A N   
359 C  CA  . CYS A 48  ? 0.1059 0.1116 0.1159 0.0163  -0.0064 0.0202  354 CYS A CA  
360 C  C   . CYS A 48  ? 0.1504 0.1660 0.1643 0.0159  -0.0032 0.0242  354 CYS A C   
361 O  O   . CYS A 48  ? 0.1471 0.1727 0.1686 0.0205  0.0029  0.0279  354 CYS A O   
362 C  CB  . CYS A 48  ? 0.1646 0.1686 0.1784 0.0101  -0.0151 0.0250  354 CYS A CB  
363 S  SG  . CYS A 48  ? 0.2246 0.2466 0.2578 0.0091  -0.0177 0.0365  354 CYS A SG  
364 N  N   . ALA A 49  ? 0.1700 0.1811 0.1776 0.0107  -0.0067 0.0236  355 ALA A N   
365 C  CA  . ALA A 49  ? 0.2090 0.2265 0.2173 0.0100  -0.0036 0.0273  355 ALA A CA  
366 C  C   . ALA A 49  ? 0.2142 0.2264 0.2196 0.0025  -0.0095 0.0297  355 ALA A C   
367 O  O   . ALA A 49  ? 0.1904 0.1917 0.1893 -0.0009 -0.0146 0.0262  355 ALA A O   
368 C  CB  . ALA A 49  ? 0.1345 0.1490 0.1319 0.0150  0.0019  0.0213  355 ALA A CB  
369 N  N   . PHE A 50  ? 0.1701 0.1888 0.1795 0.0002  -0.0077 0.0357  356 PHE A N   
370 C  CA  . PHE A 50  ? 0.1611 0.1738 0.1673 -0.0069 -0.0119 0.0386  356 PHE A CA  
371 C  C   . PHE A 50  ? 0.1608 0.1711 0.1579 -0.0046 -0.0077 0.0382  356 PHE A C   
372 O  O   . PHE A 50  ? 0.1629 0.1813 0.1621 -0.0007 -0.0013 0.0409  356 PHE A O   
373 C  CB  . PHE A 50  ? 0.2071 0.2288 0.2268 -0.0133 -0.0143 0.0471  356 PHE A CB  
374 C  CG  . PHE A 50  ? 0.2110 0.2389 0.2418 -0.0143 -0.0188 0.0490  356 PHE A CG  
375 C  CD1 . PHE A 50  ? 0.2929 0.3112 0.3194 -0.0198 -0.0271 0.0474  356 PHE A CD1 
376 C  CD2 . PHE A 50  ? 0.3678 0.4104 0.4124 -0.0093 -0.0144 0.0527  356 PHE A CD2 
377 C  CE1 . PHE A 50  ? 0.3817 0.4050 0.4166 -0.0205 -0.0322 0.0496  356 PHE A CE1 
378 C  CE2 . PHE A 50  ? 0.4925 0.5411 0.5478 -0.0093 -0.0191 0.0552  356 PHE A CE2 
379 C  CZ  . PHE A 50  ? 0.4345 0.4735 0.4845 -0.0151 -0.0285 0.0538  356 PHE A CZ  
380 N  N   . ALA A 51  ? 0.1498 0.1482 0.1362 -0.0065 -0.0107 0.0351  357 ALA A N   
381 C  CA  . ALA A 51  ? 0.1957 0.1904 0.1728 -0.0043 -0.0080 0.0356  357 ALA A CA  
382 C  C   . ALA A 51  ? 0.1746 0.1644 0.1517 -0.0111 -0.0096 0.0419  357 ALA A C   
383 O  O   . ALA A 51  ? 0.2714 0.2505 0.2450 -0.0160 -0.0143 0.0409  357 ALA A O   
384 C  CB  . ALA A 51  ? 0.1433 0.1293 0.1100 -0.0007 -0.0100 0.0283  357 ALA A CB  
385 N  N   . LEU A 52  ? 0.1747 0.1708 0.1546 -0.0115 -0.0049 0.0484  358 LEU A N   
386 C  CA  . LEU A 52  ? 0.1511 0.1426 0.1318 -0.0186 -0.0053 0.0550  358 LEU A CA  
387 C  C   . LEU A 52  ? 0.2719 0.2538 0.2391 -0.0156 -0.0029 0.0557  358 LEU A C   
388 O  O   . LEU A 52  ? 0.2241 0.2102 0.1861 -0.0096 0.0023  0.0567  358 LEU A O   
389 C  CB  . LEU A 52  ? 0.1757 0.1803 0.1700 -0.0217 -0.0009 0.0624  358 LEU A CB  
390 C  CG  . LEU A 52  ? 0.3035 0.3042 0.2995 -0.0299 -0.0001 0.0697  358 LEU A CG  
391 C  CD1 . LEU A 52  ? 0.2012 0.1914 0.1971 -0.0389 -0.0082 0.0689  358 LEU A CD1 
392 C  CD2 . LEU A 52  ? 0.2921 0.3084 0.3041 -0.0323 0.0055  0.0772  358 LEU A CD2 
393 N  N   . PHE A 53  ? 0.1429 0.1106 0.1029 -0.0195 -0.0064 0.0555  359 PHE A N   
394 C  CA  . PHE A 53  ? 0.1981 0.1554 0.1458 -0.0165 -0.0044 0.0573  359 PHE A CA  
395 C  C   . PHE A 53  ? 0.2276 0.1799 0.1757 -0.0232 -0.0015 0.0651  359 PHE A C   
396 O  O   . PHE A 53  ? 0.2541 0.2129 0.2136 -0.0303 -0.0013 0.0683  359 PHE A O   
397 C  CB  . PHE A 53  ? 0.2734 0.2174 0.2129 -0.0151 -0.0086 0.0521  359 PHE A CB  
398 C  CG  . PHE A 53  ? 0.2472 0.1960 0.1865 -0.0084 -0.0104 0.0444  359 PHE A CG  
399 C  CD1 . PHE A 53  ? 0.2557 0.2096 0.2023 -0.0101 -0.0130 0.0398  359 PHE A CD1 
400 C  CD2 . PHE A 53  ? 0.2309 0.1794 0.1627 -0.0006 -0.0101 0.0420  359 PHE A CD2 
401 C  CE1 . PHE A 53  ? 0.2112 0.1684 0.1575 -0.0047 -0.0139 0.0328  359 PHE A CE1 
402 C  CE2 . PHE A 53  ? 0.1688 0.1223 0.1015 0.0044  -0.0121 0.0347  359 PHE A CE2 
403 C  CZ  . PHE A 53  ? 0.2140 0.1713 0.1539 0.0020  -0.0135 0.0300  359 PHE A CZ  
404 N  N   . HIS A 54  ? 0.2651 0.2076 0.2030 -0.0196 0.0014  0.0662  360 HIS A N   
405 C  CA  . HIS A 54  ? 0.2691 0.2062 0.2075 -0.0240 0.0059  0.0711  360 HIS A CA  
406 C  C   . HIS A 54  ? 0.3054 0.2329 0.2470 -0.0309 0.0030  0.0684  360 HIS A C   
407 O  O   . HIS A 54  ? 0.2985 0.2234 0.2437 -0.0372 0.0055  0.0719  360 HIS A O   
408 C  CB  . HIS A 54  ? 0.4540 0.3843 0.3804 -0.0166 0.0106  0.0743  360 HIS A CB  
409 C  CG  . HIS A 54  ? 0.8349 0.7595 0.7603 -0.0203 0.0168  0.0803  360 HIS A CG  
410 N  ND1 . HIS A 54  ? 1.0019 0.9185 0.9256 -0.0193 0.0179  0.0834  360 HIS A ND1 
411 C  CD2 . HIS A 54  ? 0.9775 0.9068 0.9066 -0.0262 0.0213  0.0845  360 HIS A CD2 
412 C  CE1 . HIS A 54  ? 1.0024 0.9161 0.9266 -0.0231 0.0240  0.0884  360 HIS A CE1 
413 N  NE2 . HIS A 54  ? 1.0161 0.9338 0.9402 -0.0283 0.0265  0.0884  360 HIS A NE2 
414 N  N   . SER A 55  ? 0.2774 0.1995 0.2172 -0.0299 -0.0018 0.0619  361 SER A N   
415 C  CA  . SER A 55  ? 0.3416 0.2545 0.2820 -0.0359 -0.0044 0.0583  361 SER A CA  
416 C  C   . SER A 55  ? 0.3410 0.2524 0.2807 -0.0349 -0.0095 0.0511  361 SER A C   
417 O  O   . SER A 55  ? 0.2658 0.1814 0.2042 -0.0289 -0.0102 0.0488  361 SER A O   
418 C  CB  . SER A 55  ? 0.4279 0.3285 0.3614 -0.0338 -0.0011 0.0595  361 SER A CB  
419 O  OG  . SER A 55  ? 0.3764 0.2735 0.3039 -0.0255 -0.0012 0.0568  361 SER A OG  
420 N  N   . SER A 56  ? 0.2271 0.1314 0.2030 -0.0122 -0.0414 0.0496  362 SER A N   
421 C  CA  . SER A 56  ? 0.3411 0.2560 0.3228 -0.0086 -0.0322 0.0416  362 SER A CA  
422 C  C   . SER A 56  ? 0.3332 0.2502 0.3334 0.0028  -0.0307 0.0372  362 SER A C   
423 O  O   . SER A 56  ? 0.3628 0.2953 0.3726 0.0062  -0.0245 0.0333  362 SER A O   
424 C  CB  . SER A 56  ? 0.3478 0.2525 0.3166 -0.0130 -0.0266 0.0338  362 SER A CB  
425 O  OG  . SER A 56  ? 0.3944 0.2787 0.3615 -0.0098 -0.0288 0.0304  362 SER A OG  
426 N  N   . GLU A 57  ? 0.3402 0.2417 0.3455 0.0088  -0.0365 0.0376  363 GLU A N   
427 C  CA  . GLU A 57  ? 0.3547 0.2585 0.3794 0.0206  -0.0362 0.0333  363 GLU A CA  
428 C  C   . GLU A 57  ? 0.2920 0.2142 0.3299 0.0237  -0.0387 0.0393  363 GLU A C   
429 O  O   . GLU A 57  ? 0.2480 0.1843 0.3009 0.0302  -0.0336 0.0342  363 GLU A O   
430 C  CB  . GLU A 57  ? 0.4838 0.3655 0.5100 0.0262  -0.0439 0.0339  363 GLU A CB  
431 C  CG  . GLU A 57  ? 0.6352 0.4979 0.6520 0.0258  -0.0406 0.0259  363 GLU A CG  
432 C  CD  . GLU A 57  ? 0.7520 0.6054 0.7465 0.0136  -0.0411 0.0289  363 GLU A CD  
433 O  OE1 . GLU A 57  ? 0.8024 0.6476 0.7874 0.0107  -0.0351 0.0215  363 GLU A OE1 
434 O  OE2 . GLU A 57  ? 0.7113 0.5661 0.6978 0.0067  -0.0472 0.0384  363 GLU A OE2 
435 N  N   . ASP A 58  ? 0.2685 0.1913 0.3011 0.0186  -0.0463 0.0498  364 ASP A N   
436 C  CA  . ASP A 58  ? 0.2720 0.2120 0.3155 0.0204  -0.0487 0.0560  364 ASP A CA  
437 C  C   . ASP A 58  ? 0.1823 0.1426 0.2258 0.0167  -0.0404 0.0538  364 ASP A C   
438 O  O   . ASP A 58  ? 0.1950 0.1711 0.2519 0.0213  -0.0381 0.0533  364 ASP A O   
439 C  CB  . ASP A 58  ? 0.2465 0.1819 0.2820 0.0143  -0.0579 0.0672  364 ASP A CB  
440 C  CG  . ASP A 58  ? 0.4254 0.3414 0.4621 0.0184  -0.0673 0.0705  364 ASP A CG  
441 O  OD1 . ASP A 58  ? 0.5033 0.4176 0.5551 0.0287  -0.0691 0.0676  364 ASP A OD1 
442 O  OD2 . ASP A 58  ? 0.6312 0.5374 0.6528 0.0106  -0.0700 0.0729  364 ASP A OD2 
443 N  N   . ALA A 59  ? 0.2134 0.1733 0.2415 0.0083  -0.0363 0.0525  365 ALA A N   
444 C  CA  . ALA A 59  ? 0.2445 0.2209 0.2703 0.0046  -0.0290 0.0502  365 ALA A CA  
445 C  C   . ALA A 59  ? 0.2480 0.2307 0.2836 0.0104  -0.0202 0.0400  365 ALA A C   
446 O  O   . ALA A 59  ? 0.2150 0.2139 0.2578 0.0115  -0.0157 0.0388  365 ALA A O   
447 C  CB  . ALA A 59  ? 0.1712 0.1438 0.1783 -0.0052 -0.0274 0.0503  365 ALA A CB  
448 N  N   . ASP A 60  ? 0.2359 0.2056 0.2714 0.0138  -0.0174 0.0320  366 ASP A N   
449 C  CA  . ASP A 60  ? 0.2506 0.2261 0.2963 0.0193  -0.0086 0.0211  366 ASP A CA  
450 C  C   . ASP A 60  ? 0.2171 0.2030 0.2845 0.0290  -0.0100 0.0206  366 ASP A C   
451 O  O   . ASP A 60  ? 0.2116 0.2129 0.2889 0.0313  -0.0029 0.0148  366 ASP A O   
452 C  CB  . ASP A 60  ? 0.2591 0.2173 0.3007 0.0214  -0.0058 0.0127  366 ASP A CB  
453 C  CG  . ASP A 60  ? 0.4637 0.4117 0.4838 0.0115  -0.0040 0.0124  366 ASP A CG  
454 O  OD1 . ASP A 60  ? 0.5811 0.5380 0.5905 0.0036  -0.0028 0.0164  366 ASP A OD1 
455 O  OD2 . ASP A 60  ? 0.5106 0.4414 0.5244 0.0118  -0.0042 0.0081  366 ASP A OD2 
456 N  N   . GLN A 61  ? 0.1922 0.1701 0.2670 0.0344  -0.0195 0.0265  367 GLN A N   
457 C  CA  . GLN A 61  ? 0.2296 0.2168 0.3250 0.0436  -0.0227 0.0271  367 GLN A CA  
458 C  C   . GLN A 61  ? 0.2424 0.2505 0.3420 0.0406  -0.0214 0.0323  367 GLN A C   
459 O  O   . GLN A 61  ? 0.2466 0.2700 0.3618 0.0459  -0.0172 0.0278  367 GLN A O   
460 C  CB  . GLN A 61  ? 0.3129 0.2852 0.4113 0.0480  -0.0346 0.0342  367 GLN A CB  
461 C  CG  . GLN A 61  ? 0.4774 0.4573 0.5970 0.0581  -0.0397 0.0354  367 GLN A CG  
462 C  CD  . GLN A 61  ? 0.6528 0.6138 0.7731 0.0623  -0.0521 0.0417  367 GLN A CD  
463 O  OE1 . GLN A 61  ? 0.7604 0.7111 0.8913 0.0717  -0.0549 0.0363  367 GLN A OE1 
464 N  NE2 . GLN A 61  ? 0.6371 0.5928 0.7452 0.0551  -0.0595 0.0530  367 GLN A NE2 
465 N  N   . ALA A 62  ? 0.3382 0.3474 0.4242 0.0322  -0.0248 0.0414  368 ALA A N   
466 C  CA  . ALA A 62  ? 0.2685 0.2959 0.3570 0.0290  -0.0240 0.0467  368 ALA A CA  
467 C  C   . ALA A 62  ? 0.1987 0.2395 0.2855 0.0260  -0.0131 0.0394  368 ALA A C   
468 O  O   . ALA A 62  ? 0.1892 0.2463 0.2862 0.0276  -0.0101 0.0388  368 ALA A O   
469 C  CB  . ALA A 62  ? 0.2423 0.2670 0.3163 0.0206  -0.0298 0.0569  368 ALA A CB  
470 N  N   . PHE A 63  ? 0.1544 0.1881 0.2272 0.0207  -0.0075 0.0340  369 PHE A N   
471 C  CA  . PHE A 63  ? 0.2104 0.2546 0.2789 0.0167  0.0025  0.0272  369 PHE A CA  
472 C  C   . PHE A 63  ? 0.1880 0.2415 0.2738 0.0238  0.0094  0.0173  369 PHE A C   
473 O  O   . PHE A 63  ? 0.1882 0.2570 0.2774 0.0219  0.0158  0.0143  369 PHE A O   
474 C  CB  . PHE A 63  ? 0.1468 0.1795 0.1970 0.0100  0.0066  0.0228  369 PHE A CB  
475 C  CG  . PHE A 63  ? 0.1800 0.2213 0.2220 0.0042  0.0160  0.0169  369 PHE A CG  
476 C  CD1 . PHE A 63  ? 0.2251 0.2752 0.2573 -0.0025 0.0157  0.0226  369 PHE A CD1 
477 C  CD2 . PHE A 63  ? 0.2123 0.2522 0.2557 0.0052  0.0250  0.0053  369 PHE A CD2 
478 C  CE1 . PHE A 63  ? 0.1805 0.2365 0.2032 -0.0085 0.0236  0.0175  369 PHE A CE1 
479 C  CE2 . PHE A 63  ? 0.2331 0.2798 0.2669 -0.0014 0.0336  -0.0002 369 PHE A CE2 
480 C  CZ  . PHE A 63  ? 0.2361 0.2902 0.2590 -0.0083 0.0326  0.0062  369 PHE A CZ  
481 N  N   . GLU A 64  ? 0.1812 0.2261 0.2784 0.0319  0.0081  0.0118  370 GLU A N   
482 C  CA  . GLU A 64  ? 0.3112 0.3663 0.4274 0.0395  0.0144  0.0016  370 GLU A CA  
483 C  C   . GLU A 64  ? 0.2714 0.3430 0.4050 0.0444  0.0110  0.0058  370 GLU A C   
484 O  O   . GLU A 64  ? 0.1578 0.2453 0.3036 0.0466  0.0181  -0.0015 370 GLU A O   
485 C  CB  . GLU A 64  ? 0.4342 0.4751 0.5592 0.0480  0.0126  -0.0051 370 GLU A CB  
486 C  CG  . GLU A 64  ? 0.6768 0.7024 0.7866 0.0437  0.0178  -0.0119 370 GLU A CG  
487 C  CD  . GLU A 64  ? 0.8834 0.9183 0.9903 0.0395  0.0311  -0.0234 370 GLU A CD  
488 O  OE1 . GLU A 64  ? 0.8926 0.9459 1.0068 0.0384  0.0366  -0.0258 370 GLU A OE1 
489 O  OE2 . GLU A 64  ? 0.8677 0.8905 0.9637 0.0364  0.0360  -0.0304 370 GLU A OE2 
490 N  N   . HIS A 65  ? 0.2918 0.3602 0.4263 0.0455  0.0004  0.0171  371 HIS A N   
491 C  CA  . HIS A 65  ? 0.3087 0.3915 0.4586 0.0497  -0.0038 0.0220  371 HIS A CA  
492 C  C   . HIS A 65  ? 0.3012 0.4006 0.4457 0.0424  0.0008  0.0254  371 HIS A C   
493 O  O   . HIS A 65  ? 0.1796 0.2937 0.3373 0.0453  -0.0005 0.0274  371 HIS A O   
494 C  CB  . HIS A 65  ? 0.4187 0.4914 0.5689 0.0519  -0.0166 0.0334  371 HIS A CB  
495 C  CG  . HIS A 65  ? 0.6268 0.6885 0.7907 0.0622  -0.0231 0.0309  371 HIS A CG  
496 N  ND1 . HIS A 65  ? 0.7994 0.8395 0.9546 0.0631  -0.0277 0.0312  371 HIS A ND1 
497 C  CD2 . HIS A 65  ? 0.6817 0.7506 0.8676 0.0723  -0.0265 0.0282  371 HIS A CD2 
498 C  CE1 . HIS A 65  ? 0.7866 0.8197 0.9570 0.0734  -0.0337 0.0289  371 HIS A CE1 
499 N  NE2 . HIS A 65  ? 0.7741 0.8247 0.9638 0.0795  -0.0333 0.0270  371 HIS A NE2 
500 N  N   . ILE A 66  ? 0.2225 0.3195 0.3475 0.0330  0.0054  0.0259  372 ILE A N   
501 C  CA  . ILE A 66  ? 0.2113 0.3210 0.3286 0.0258  0.0084  0.0302  372 ILE A CA  
502 C  C   . ILE A 66  ? 0.2716 0.3985 0.4002 0.0269  0.0174  0.0216  372 ILE A C   
503 O  O   . ILE A 66  ? 0.2049 0.3322 0.3352 0.0275  0.0258  0.0107  372 ILE A O   
504 C  CB  . ILE A 66  ? 0.2179 0.3197 0.3120 0.0162  0.0107  0.0318  372 ILE A CB  
505 C  CG1 . ILE A 66  ? 0.1769 0.2652 0.2608 0.0140  0.0014  0.0410  372 ILE A CG1 
506 C  CG2 . ILE A 66  ? 0.1949 0.3090 0.2809 0.0092  0.0148  0.0341  372 ILE A CG2 
507 C  CD1 . ILE A 66  ? 0.2337 0.3148 0.2963 0.0052  0.0027  0.0426  372 ILE A CD1 
508 N  N   . ASP A 67  ? 0.2041 0.3455 0.3400 0.0266  0.0161  0.0263  373 ASP A N   
509 C  CA  . ASP A 67  ? 0.1905 0.3499 0.3365 0.0263  0.0245  0.0191  373 ASP A CA  
510 C  C   . ASP A 67  ? 0.3286 0.4907 0.4550 0.0156  0.0316  0.0185  373 ASP A C   
511 O  O   . ASP A 67  ? 0.3609 0.5192 0.4737 0.0097  0.0275  0.0251  373 ASP A O   
512 C  CB  . ASP A 67  ? 0.2181 0.3810 0.3712 0.0284  0.0180  0.0216  373 ASP A CB  
513 C  CG  . ASP A 67  ? 0.4573 0.6318 0.6194 0.0279  0.0249  0.0112  373 ASP A CG  
514 O  OD1 . ASP A 67  ? 0.5193 0.7028 0.6943 0.0314  0.0333  0.0013  373 ASP A OD1 
515 O  OD2 . ASP A 67  ? 0.5778 0.7508 0.7341 0.0239  0.0225  0.0126  373 ASP A OD2 
516 N  N   . GLY A 68  ? 0.3213 0.4805 0.4403 0.0121  0.0405  0.0086  374 GLY A N   
517 C  CA  . GLY A 68  ? 0.2826 0.4414 0.3808 0.0015  0.0466  0.0080  374 GLY A CA  
518 C  C   . GLY A 68  ? 0.2920 0.4498 0.3859 -0.0015 0.0575  -0.0048 374 GLY A C   
519 O  O   . GLY A 68  ? 0.3532 0.5080 0.4585 0.0046  0.0599  -0.0129 374 GLY A O   
520 N  N   . ILE A 69  ? 0.1936 0.3510 0.2694 -0.0113 0.0632  -0.0063 375 ILE A N   
521 C  CA  . ILE A 69  ? 0.1171 0.2704 0.1841 -0.0159 0.0729  -0.0174 375 ILE A CA  
522 C  C   . ILE A 69  ? 0.2135 0.3542 0.2668 -0.0193 0.0742  -0.0197 375 ILE A C   
523 O  O   . ILE A 69  ? 0.1239 0.2540 0.1591 -0.0243 0.0684  -0.0114 375 ILE A O   
524 C  CB  . ILE A 69  ? 0.1408 0.2856 0.1892 -0.0232 0.0729  -0.0154 375 ILE A CB  
525 C  CG1 . ILE A 69  ? 0.2309 0.3826 0.2904 -0.0201 0.0704  -0.0124 375 ILE A CG1 
526 C  CG2 . ILE A 69  ? 0.1595 0.3006 0.1985 -0.0284 0.0812  -0.0258 375 ILE A CG2 
527 C  CD1 . ILE A 69  ? 0.3099 0.4761 0.3936 -0.0130 0.0752  -0.0198 375 ILE A CD1 
528 N  N   . GLU A 70  ? 0.1670 0.3041 0.2271 -0.0160 0.0799  -0.0304 376 GLU A N   
529 C  CA  . GLU A 70  ? 0.1996 0.3193 0.2446 -0.0189 0.0802  -0.0329 376 GLU A CA  
530 C  C   . GLU A 70  ? 0.2050 0.3216 0.2275 -0.0310 0.0885  -0.0381 376 GLU A C   
531 O  O   . GLU A 70  ? 0.2246 0.3469 0.2490 -0.0333 0.0957  -0.0462 376 GLU A O   
532 C  CB  . GLU A 70  ? 0.2779 0.3939 0.3384 -0.0107 0.0833  -0.0427 376 GLU A CB  
533 C  CG  . GLU A 70  ? 0.4088 0.5230 0.4884 0.0010  0.0738  -0.0374 376 GLU A CG  
534 C  CD  . GLU A 70  ? 0.6209 0.7309 0.7160 0.0095  0.0768  -0.0480 376 GLU A CD  
535 O  OE1 . GLU A 70  ? 0.6961 0.8191 0.8137 0.0171  0.0796  -0.0544 376 GLU A OE1 
536 O  OE2 . GLU A 70  ? 0.6403 0.7338 0.7249 0.0086  0.0765  -0.0502 376 GLU A OE2 
537 N  N   . MSE A 71  ? 0.1784 0.2814 0.1787 -0.0375 0.0840  -0.0317 377 MSE A N   
538 C  CA  . MSE A 71  ? 0.2204 0.3129 0.1980 -0.0469 0.0861  -0.0341 377 MSE A CA  
539 C  C   . MSE A 71  ? 0.2725 0.3496 0.2323 -0.0517 0.0847  -0.0337 377 MSE A C   
540 O  O   . MSE A 71  ? 0.2641 0.3353 0.2282 -0.0468 0.0790  -0.0294 377 MSE A O   
541 C  CB  . MSE A 71  ? 0.2844 0.3737 0.2519 -0.0495 0.0772  -0.0246 377 MSE A CB  
542 C  CG  . MSE A 71  ? 0.5598 0.6453 0.5239 -0.0476 0.0665  -0.0123 377 MSE A CG  
543 SE SE  . MSE A 71  ? 0.8067 0.8723 0.7477 -0.0529 0.0584  -0.0075 377 MSE A SE  
544 C  CE  . MSE A 71  ? 0.7992 0.8562 0.7265 -0.0586 0.0559  -0.0095 377 MSE A CE  
545 N  N   . THR A 72  ? 0.3355 0.4012 0.2778 -0.0586 0.0845  -0.0362 378 THR A N   
546 C  CA  . THR A 72  ? 0.3840 0.4343 0.3087 -0.0637 0.0821  -0.0358 378 THR A CA  
547 C  C   . THR A 72  ? 0.3745 0.4159 0.2845 -0.0683 0.0720  -0.0283 378 THR A C   
548 O  O   . THR A 72  ? 0.4061 0.4479 0.3130 -0.0718 0.0729  -0.0304 378 THR A O   
549 C  CB  . THR A 72  ? 0.4741 0.5190 0.3954 -0.0671 0.0919  -0.0484 378 THR A CB  
550 O  OG1 . THR A 72  ? 0.5985 0.6498 0.5364 -0.0605 0.1007  -0.0568 378 THR A OG1 
551 C  CG2 . THR A 72  ? 0.5689 0.5971 0.4705 -0.0734 0.0883  -0.0474 378 THR A CG2 
552 N  N   . ASP A 73  ? 0.3812 0.4151 0.2841 -0.0679 0.0627  -0.0200 379 ASP A N   
553 C  CA  . ASP A 73  ? 0.4843 0.5107 0.3784 -0.0704 0.0532  -0.0143 379 ASP A CA  
554 C  C   . ASP A 73  ? 0.4481 0.4631 0.3282 -0.0777 0.0546  -0.0193 379 ASP A C   
555 O  O   . ASP A 73  ? 0.3535 0.3658 0.2301 -0.0809 0.0630  -0.0272 379 ASP A O   
556 C  CB  . ASP A 73  ? 0.4500 0.4744 0.3461 -0.0660 0.0426  -0.0050 379 ASP A CB  
557 C  CG  . ASP A 73  ? 0.4446 0.4629 0.3361 -0.0666 0.0419  -0.0048 379 ASP A CG  
558 O  OD1 . ASP A 73  ? 0.3999 0.4104 0.2817 -0.0717 0.0468  -0.0109 379 ASP A OD1 
559 O  OD2 . ASP A 73  ? 0.4223 0.4428 0.3198 -0.0624 0.0362  0.0016  379 ASP A OD2 
560 N  N   . SER A 74  ? 0.4859 0.4943 0.3593 -0.0800 0.0467  -0.0150 380 SER A N   
561 C  CA  . SER A 74  ? 0.5376 0.5355 0.3983 -0.0877 0.0475  -0.0188 380 SER A CA  
562 C  C   . SER A 74  ? 0.5873 0.5773 0.4415 -0.0894 0.0474  -0.0200 380 SER A C   
563 O  O   . SER A 74  ? 0.6456 0.6275 0.4898 -0.0959 0.0518  -0.0256 380 SER A O   
564 C  CB  . SER A 74  ? 0.5695 0.5628 0.4267 -0.0892 0.0391  -0.0137 380 SER A CB  
565 O  OG  . SER A 74  ? 0.7360 0.7300 0.5991 -0.0833 0.0301  -0.0066 380 SER A OG  
566 N  N   . LEU A 75  ? 0.5919 0.5832 0.4509 -0.0842 0.0424  -0.0149 381 LEU A N   
567 C  CA  . LEU A 75  ? 0.5628 0.5463 0.4153 -0.0859 0.0422  -0.0160 381 LEU A CA  
568 C  C   . LEU A 75  ? 0.5239 0.5071 0.3759 -0.0863 0.0531  -0.0238 381 LEU A C   
569 O  O   . LEU A 75  ? 0.5488 0.5236 0.3942 -0.0879 0.0543  -0.0260 381 LEU A O   
570 C  CB  . LEU A 75  ? 0.4999 0.4850 0.3584 -0.0806 0.0331  -0.0081 381 LEU A CB  
571 C  CG  . LEU A 75  ? 0.6408 0.6245 0.5012 -0.0797 0.0230  -0.0024 381 LEU A CG  
572 C  CD1 . LEU A 75  ? 0.6224 0.6102 0.4925 -0.0737 0.0155  0.0038  381 LEU A CD1 
573 C  CD2 . LEU A 75  ? 0.6756 0.6490 0.5248 -0.0862 0.0219  -0.0046 381 LEU A CD2 
574 N  N   . GLY A 76  ? 0.4757 0.4678 0.3359 -0.0843 0.0615  -0.0288 382 GLY A N   
575 C  CA  . GLY A 76  ? 0.4834 0.4772 0.3482 -0.0826 0.0729  -0.0379 382 GLY A CA  
576 C  C   . GLY A 76  ? 0.3942 0.3934 0.2686 -0.0762 0.0736  -0.0352 382 GLY A C   
577 O  O   . GLY A 76  ? 0.4783 0.4755 0.3639 -0.0708 0.0783  -0.0418 382 GLY A O   
578 N  N   . LEU A 77  ? 0.3132 0.3179 0.1921 -0.0729 0.0640  -0.0242 383 LEU A N   
579 C  CA  . LEU A 77  ? 0.3403 0.3491 0.2360 -0.0643 0.0590  -0.0188 383 LEU A CA  
580 C  C   . LEU A 77  ? 0.3120 0.3351 0.2287 -0.0572 0.0630  -0.0208 383 LEU A C   
581 O  O   . LEU A 77  ? 0.2603 0.2932 0.1753 -0.0602 0.0657  -0.0198 383 LEU A O   
582 C  CB  . LEU A 77  ? 0.3184 0.3278 0.2094 -0.0647 0.0477  -0.0068 383 LEU A CB  
583 C  CG  . LEU A 77  ? 0.4362 0.4348 0.3127 -0.0695 0.0398  -0.0035 383 LEU A CG  
584 C  CD1 . LEU A 77  ? 0.4600 0.4611 0.3436 -0.0653 0.0278  0.0064  383 LEU A CD1 
585 C  CD2 . LEU A 77  ? 0.4482 0.4338 0.3125 -0.0738 0.0442  -0.0095 383 LEU A CD2 
586 N  N   . PRO A 78  ? 0.2102 0.1555 0.1814 -0.0244 -0.0146 0.0219  384 PRO A N   
587 C  CA  . PRO A 78  ? 0.2079 0.1558 0.1700 -0.0254 -0.0071 0.0261  384 PRO A CA  
588 C  C   . PRO A 78  ? 0.3493 0.3061 0.3217 -0.0250 -0.0029 0.0236  384 PRO A C   
589 O  O   . PRO A 78  ? 0.2432 0.2080 0.2293 -0.0260 0.0009  0.0201  384 PRO A O   
590 C  CB  . PRO A 78  ? 0.2810 0.2305 0.2404 -0.0273 -0.0007 0.0288  384 PRO A CB  
591 C  CG  . PRO A 78  ? 0.2981 0.2499 0.2710 -0.0282 -0.0017 0.0256  384 PRO A CG  
592 C  CD  . PRO A 78  ? 0.2612 0.2092 0.2391 -0.0260 -0.0115 0.0212  384 PRO A CD  
593 N  N   . GLN A 79  ? 0.1922 0.1480 0.1580 -0.0241 -0.0032 0.0247  385 GLN A N   
594 C  CA  . GLN A 79  ? 0.2677 0.2317 0.2418 -0.0234 0.0005  0.0213  385 GLN A CA  
595 C  C   . GLN A 79  ? 0.2642 0.2283 0.2267 -0.0238 0.0047  0.0250  385 GLN A C   
596 O  O   . GLN A 79  ? 0.2645 0.2216 0.2150 -0.0243 0.0030  0.0289  385 GLN A O   
597 C  CB  . GLN A 79  ? 0.2090 0.1718 0.1935 -0.0203 -0.0078 0.0157  385 GLN A CB  
598 C  CG  . GLN A 79  ? 0.2668 0.2292 0.2650 -0.0188 -0.0147 0.0106  385 GLN A CG  
599 C  CD  . GLN A 79  ? 0.2935 0.2614 0.3105 -0.0154 -0.0200 0.0017  385 GLN A CD  
600 O  OE1 . GLN A 79  ? 0.2596 0.2380 0.2848 -0.0154 -0.0134 -0.0027 385 GLN A OE1 
601 N  NE2 . GLN A 79  ? 0.2537 0.2142 0.2777 -0.0121 -0.0325 -0.0019 385 GLN A NE2 
602 N  N   . LYS A 80  ? 0.1729 0.1457 0.1392 -0.0239 0.0106  0.0228  386 LYS A N   
603 C  CA  . LYS A 80  ? 0.2236 0.1976 0.1810 -0.0237 0.0137  0.0248  386 LYS A CA  
604 C  C   . LYS A 80  ? 0.2908 0.2680 0.2548 -0.0217 0.0113  0.0195  386 LYS A C   
605 O  O   . LYS A 80  ? 0.2493 0.2338 0.2256 -0.0209 0.0123  0.0133  386 LYS A O   
606 C  CB  . LYS A 80  ? 0.2113 0.1921 0.1668 -0.0239 0.0205  0.0261  386 LYS A CB  
607 C  CG  . LYS A 80  ? 0.2636 0.2449 0.2214 -0.0195 0.0189  0.0283  386 LYS A CG  
608 C  CD  . LYS A 80  ? 0.3276 0.3140 0.2854 -0.0173 0.0217  0.0296  386 LYS A CD  
609 C  CE  . LYS A 80  ? 0.3328 0.3182 0.2920 -0.0145 0.0198  0.0317  386 LYS A CE  
610 N  NZ  . LYS A 80  ? 0.3671 0.3543 0.3236 -0.0132 0.0210  0.0339  386 LYS A NZ  
611 N  N   . VAL A 81  ? 0.2382 0.2103 0.1954 -0.0211 0.0083  0.0210  387 VAL A N   
612 C  CA  . VAL A 81  ? 0.2230 0.1968 0.1858 -0.0191 0.0054  0.0160  387 VAL A CA  
613 C  C   . VAL A 81  ? 0.2406 0.2218 0.1986 -0.0191 0.0114  0.0154  387 VAL A C   
614 O  O   . VAL A 81  ? 0.2223 0.2007 0.1705 -0.0202 0.0127  0.0197  387 VAL A O   
615 C  CB  . VAL A 81  ? 0.2789 0.2406 0.2371 -0.0194 -0.0022 0.0183  387 VAL A CB  
616 C  CG1 . VAL A 81  ? 0.2844 0.2453 0.2530 -0.0167 -0.0082 0.0122  387 VAL A CG1 
617 C  CG2 . VAL A 81  ? 0.3848 0.3366 0.3388 -0.0206 -0.0075 0.0221  387 VAL A CG2 
618 N  N   . VAL A 82  ? 0.1784 0.1690 0.1433 -0.0180 0.0148  0.0091  388 VAL A N   
619 C  CA  . VAL A 82  ? 0.1701 0.1673 0.1278 -0.0182 0.0202  0.0083  388 VAL A CA  
620 C  C   . VAL A 82  ? 0.2778 0.2799 0.2427 -0.0156 0.0182  0.0001  388 VAL A C   
621 O  O   . VAL A 82  ? 0.3248 0.3297 0.3032 -0.0139 0.0156  -0.0067 388 VAL A O   
622 C  CB  . VAL A 82  ? 0.3516 0.3556 0.3058 -0.0206 0.0282  0.0089  388 VAL A CB  
623 C  CG1 . VAL A 82  ? 0.4362 0.4475 0.4048 -0.0212 0.0305  0.0020  388 VAL A CG1 
624 C  CG2 . VAL A 82  ? 0.3278 0.3369 0.2712 -0.0209 0.0326  0.0080  388 VAL A CG2 
625 N  N   . ILE A 83  ? 0.1766 0.1798 0.1341 -0.0150 0.0185  -0.0001 389 ILE A N   
626 C  CA  . ILE A 83  ? 0.1867 0.1937 0.1504 -0.0126 0.0160  -0.0080 389 ILE A CA  
627 C  C   . ILE A 83  ? 0.2337 0.2525 0.1956 -0.0124 0.0227  -0.0147 389 ILE A C   
628 O  O   . ILE A 83  ? 0.2584 0.2796 0.2069 -0.0143 0.0281  -0.0107 389 ILE A O   
629 C  CB  . ILE A 83  ? 0.2341 0.2362 0.1919 -0.0123 0.0124  -0.0058 389 ILE A CB  
630 C  CG1 . ILE A 83  ? 0.2499 0.2405 0.2093 -0.0140 0.0070  -0.0005 389 ILE A CG1 
631 C  CG2 . ILE A 83  ? 0.3657 0.3727 0.3292 -0.0098 0.0102  -0.0147 389 ILE A CG2 
632 C  CD1 . ILE A 83  ? 0.2951 0.2796 0.2659 -0.0128 0.0002  -0.0043 389 ILE A CD1 
633 N  N   . ILE A 84  ? 0.2390 0.2648 0.2142 -0.0102 0.0221  -0.0251 390 ILE A N   
634 C  CA  . ILE A 84  ? 0.2402 0.2789 0.2144 -0.0105 0.0291  -0.0340 390 ILE A CA  
635 C  C   . ILE A 84  ? 0.3937 0.4340 0.3675 -0.0075 0.0253  -0.0406 390 ILE A C   
636 O  O   . ILE A 84  ? 0.2785 0.3157 0.2664 -0.0043 0.0179  -0.0461 390 ILE A O   
637 C  CB  . ILE A 84  ? 0.2285 0.2768 0.2209 -0.0102 0.0319  -0.0442 390 ILE A CB  
638 C  CG1 . ILE A 84  ? 0.4177 0.4643 0.4128 -0.0132 0.0348  -0.0384 390 ILE A CG1 
639 C  CG2 . ILE A 84  ? 0.3019 0.3650 0.2926 -0.0114 0.0410  -0.0547 390 ILE A CG2 
640 C  CD1 . ILE A 84  ? 0.4416 0.4928 0.4216 -0.0188 0.0458  -0.0336 390 ILE A CD1 
641 N  N   . LYS A 85  ? 0.5048 0.5487 0.4624 -0.0084 0.0293  -0.0400 391 LYS A N   
642 C  CA  . LYS A 85  ? 0.5433 0.5902 0.5005 -0.0054 0.0256  -0.0476 391 LYS A CA  
643 C  C   . LYS A 85  ? 0.4912 0.5513 0.4560 -0.0044 0.0304  -0.0619 391 LYS A C   
644 O  O   . LYS A 85  ? 0.5838 0.6525 0.5375 -0.0076 0.0398  -0.0639 391 LYS A O   
645 C  CB  . LYS A 85  ? 0.6463 0.6908 0.5828 -0.0061 0.0260  -0.0420 391 LYS A CB  
646 C  CG  . LYS A 85  ? 0.7333 0.7677 0.6692 -0.0051 0.0187  -0.0344 391 LYS A CG  
647 C  CD  . LYS A 85  ? 0.8460 0.8765 0.7992 -0.0031 0.0115  -0.0390 391 LYS A CD  
648 C  CE  . LYS A 85  ? 0.8545 0.8908 0.8118 -0.0001 0.0084  -0.0504 391 LYS A CE  
649 N  NZ  . LYS A 85  ? 0.8526 0.8885 0.7991 0.0009  0.0053  -0.0497 391 LYS A NZ  
650 N  N   . LEU A 86  ? 0.2996 0.3611 0.2834 -0.0003 0.0242  -0.0720 392 LEU A N   
651 C  CA  . LEU A 86  ? 0.5022 0.5772 0.4985 0.0016  0.0276  -0.0882 392 LEU A CA  
652 C  C   . LEU A 86  ? 0.7134 0.7938 0.7020 0.0037  0.0269  -0.0968 392 LEU A C   
653 O  O   . LEU A 86  ? 0.5500 0.6219 0.5350 0.0056  0.0192  -0.0931 392 LEU A O   
654 C  CB  . LEU A 86  ? 0.5116 0.5844 0.5350 0.0057  0.0194  -0.0957 392 LEU A CB  
655 C  CG  . LEU A 86  ? 0.4981 0.5693 0.5316 0.0043  0.0203  -0.0918 392 LEU A CG  
656 C  CD1 . LEU A 86  ? 0.5510 0.6179 0.6106 0.0093  0.0095  -0.0999 392 LEU A CD1 
657 C  CD2 . LEU A 86  ? 0.4475 0.5344 0.4787 0.0003  0.0338  -0.0971 392 LEU A CD2 
658 N  N   . SER A 87  ? 0.9252 1.0173 0.9136 0.0025  0.0336  -0.1046 393 SER A N   
659 C  CA  . SER A 87  ? 1.0451 1.1403 1.0258 0.0039  0.0321  -0.1094 393 SER A CA  
660 C  C   . SER A 87  ? 1.0429 1.1371 1.0422 0.0097  0.0217  -0.1199 393 SER A C   
661 O  O   . SER A 87  ? 1.0360 1.1304 1.0292 0.0114  0.0182  -0.1227 393 SER A O   
662 C  CB  . SER A 87  ? 1.1043 1.2112 1.0833 0.0009  0.0410  -0.1156 393 SER A CB  
663 O  OG  . SER A 87  ? 1.1334 1.2505 1.1389 0.0023  0.0415  -0.1276 393 SER A OG  
664 N  N   . SER A 88  ? 1.0161 1.1075 1.0384 0.0129  0.0157  -0.1253 394 SER A N   
665 C  CA  . SER A 88  ? 0.9562 1.0419 0.9972 0.0179  0.0040  -0.1331 394 SER A CA  
666 C  C   . SER A 88  ? 0.9275 0.9973 0.9623 0.0180  -0.0043 -0.1250 394 SER A C   
667 O  O   . SER A 88  ? 0.9345 0.9950 0.9851 0.0206  -0.0148 -0.1280 394 SER A O   
668 C  CB  . SER A 88  ? 0.9365 1.0216 1.0045 0.0211  -0.0015 -0.1400 394 SER A CB  
669 O  OG  . SER A 88  ? 0.9058 1.0056 0.9799 0.0193  0.0074  -0.1454 394 SER A OG  
670 N  N   . GLY A 89  ? 0.8855 0.9512 0.8994 0.0141  -0.0005 -0.1112 395 GLY A N   
671 C  CA  . GLY A 89  ? 0.7992 0.8505 0.8100 0.0124  -0.0070 -0.0988 395 GLY A CA  
672 C  C   . GLY A 89  ? 0.7866 0.8256 0.8065 0.0107  -0.0109 -0.0893 395 GLY A C   
673 O  O   . GLY A 89  ? 0.8018 0.8297 0.8158 0.0076  -0.0136 -0.0776 395 GLY A O   
674 N  N   . SER A 90  ? 0.7254 0.7660 0.7596 0.0125  -0.0116 -0.0948 396 SER A N   
675 C  CA  . SER A 90  ? 0.5722 0.6010 0.6133 0.0113  -0.0162 -0.0863 396 SER A CA  
676 C  C   . SER A 90  ? 0.3970 0.4273 0.4237 0.0075  -0.0080 -0.0749 396 SER A C   
677 O  O   . SER A 90  ? 0.3253 0.3645 0.3370 0.0056  0.0007  -0.0732 396 SER A O   
678 C  CB  . SER A 90  ? 0.6204 0.6516 0.6839 0.0157  -0.0213 -0.0981 396 SER A CB  
679 O  OG  . SER A 90  ? 0.7854 0.7996 0.8564 0.0156  -0.0311 -0.0909 396 SER A OG  
680 N  N   . ARG A 91  ? 0.3666 0.3864 0.3966 0.0061  -0.0117 -0.0668 397 ARG A N   
681 C  CA  . ARG A 91  ? 0.2897 0.3087 0.3076 0.0025  -0.0055 -0.0558 397 ARG A CA  
682 C  C   . ARG A 91  ? 0.2790 0.2938 0.3084 0.0033  -0.0092 -0.0555 397 ARG A C   
683 O  O   . ARG A 91  ? 0.3325 0.3417 0.3779 0.0067  -0.0184 -0.0618 397 ARG A O   
684 C  CB  . ARG A 91  ? 0.3038 0.3112 0.3078 -0.0012 -0.0068 -0.0428 397 ARG A CB  
685 C  CG  . ARG A 91  ? 0.5976 0.5886 0.6071 -0.0022 -0.0162 -0.0378 397 ARG A CG  
686 C  CD  . ARG A 91  ? 0.8075 0.7904 0.8094 -0.0057 -0.0181 -0.0316 397 ARG A CD  
687 N  NE  . ARG A 91  ? 0.9044 0.8717 0.9130 -0.0071 -0.0275 -0.0305 397 ARG A NE  
688 C  CZ  . ARG A 91  ? 0.9626 0.9265 0.9770 -0.0073 -0.0320 -0.0350 397 ARG A CZ  
689 N  NH1 . ARG A 91  ? 0.9465 0.9225 0.9610 -0.0054 -0.0282 -0.0417 397 ARG A NH1 
690 N  NH2 . ARG A 91  ? 1.0407 0.9879 1.0599 -0.0094 -0.0409 -0.0329 397 ARG A NH2 
691 N  N   . ALA A 92  ? 0.2176 0.2339 0.2391 0.0005  -0.0033 -0.0481 398 ALA A N   
692 C  CA  . ALA A 92  ? 0.1817 0.1931 0.2125 0.0009  -0.0074 -0.0466 398 ALA A CA  
693 C  C   . ALA A 92  ? 0.2557 0.2609 0.2717 -0.0032 -0.0039 -0.0337 398 ALA A C   
694 O  O   . ALA A 92  ? 0.1956 0.2060 0.1979 -0.0060 0.0044  -0.0287 398 ALA A O   
695 C  CB  . ALA A 92  ? 0.2305 0.2573 0.2772 0.0028  -0.0026 -0.0586 398 ALA A CB  
696 N  N   . SER A 93  ? 0.1972 0.1904 0.2153 -0.0033 -0.0113 -0.0285 399 SER A N   
697 C  CA  . SER A 93  ? 0.1806 0.1692 0.1879 -0.0066 -0.0085 -0.0186 399 SER A CA  
698 C  C   . SER A 93  ? 0.2328 0.2284 0.2528 -0.0055 -0.0074 -0.0235 399 SER A C   
699 O  O   . SER A 93  ? 0.4393 0.4325 0.4749 -0.0020 -0.0159 -0.0302 399 SER A O   
700 C  CB  . SER A 93  ? 0.2186 0.1893 0.2173 -0.0084 -0.0167 -0.0096 399 SER A CB  
701 O  OG  . SER A 93  ? 0.2506 0.2158 0.2405 -0.0103 -0.0170 -0.0062 399 SER A OG  
702 N  N   . ILE A 94  ? 0.1531 0.1568 0.1675 -0.0086 0.0022  -0.0207 400 ILE A N   
703 C  CA  . ILE A 94  ? 0.1883 0.1987 0.2148 -0.0089 0.0042  -0.0247 400 ILE A CA  
704 C  C   . ILE A 94  ? 0.2345 0.2375 0.2494 -0.0122 0.0055  -0.0143 400 ILE A C   
705 O  O   . ILE A 94  ? 0.2794 0.2766 0.2773 -0.0144 0.0080  -0.0055 400 ILE A O   
706 C  CB  . ILE A 94  ? 0.2075 0.2357 0.2408 -0.0108 0.0158  -0.0330 400 ILE A CB  
707 C  CG1 . ILE A 94  ? 0.1773 0.2073 0.1909 -0.0157 0.0262  -0.0246 400 ILE A CG1 
708 C  CG2 . ILE A 94  ? 0.2325 0.2689 0.2751 -0.0077 0.0155  -0.0442 400 ILE A CG2 
709 C  CD1 . ILE A 94  ? 0.2785 0.3216 0.2949 -0.0203 0.0380  -0.0289 400 ILE A CD1 
710 N  N   . TYR A 95  ? 0.1245 0.1283 0.1506 -0.0120 0.0029  -0.0167 401 TYR A N   
711 C  CA  . TYR A 95  ? 0.1504 0.1470 0.1685 -0.0144 0.0023  -0.0087 401 TYR A CA  
712 C  C   . TYR A 95  ? 0.1693 0.1769 0.1929 -0.0181 0.0122  -0.0104 401 TYR A C   
713 O  O   . TYR A 95  ? 0.1217 0.1415 0.1626 -0.0181 0.0158  -0.0200 401 TYR A O   
714 C  CB  . TYR A 95  ? 0.2027 0.1885 0.2273 -0.0114 -0.0105 -0.0093 401 TYR A CB  
715 C  CG  . TYR A 95  ? 0.1804 0.1505 0.1921 -0.0103 -0.0193 -0.0036 401 TYR A CG  
716 C  CD1 . TYR A 95  ? 0.2875 0.2560 0.3034 -0.0078 -0.0236 -0.0077 401 TYR A CD1 
717 C  CD2 . TYR A 95  ? 0.2450 0.2022 0.2397 -0.0126 -0.0224 0.0055  401 TYR A CD2 
718 C  CE1 . TYR A 95  ? 0.2724 0.2256 0.2760 -0.0083 -0.0309 -0.0017 401 TYR A CE1 
719 C  CE2 . TYR A 95  ? 0.3528 0.2959 0.3344 -0.0135 -0.0287 0.0109  401 TYR A CE2 
720 C  CZ  . TYR A 95  ? 0.4175 0.3579 0.4032 -0.0117 -0.0328 0.0078  401 TYR A CZ  
721 O  OH  . TYR A 95  ? 0.3687 0.2943 0.3412 -0.0139 -0.0384 0.0137  401 TYR A OH  
722 N  N   . VAL A 96  ? 0.1041 0.1075 0.1135 -0.0215 0.0170  -0.0015 402 VAL A N   
723 C  CA  . VAL A 96  ? 0.1851 0.1955 0.1963 -0.0262 0.0264  -0.0009 402 VAL A CA  
724 C  C   . VAL A 96  ? 0.1828 0.1845 0.1911 -0.0273 0.0228  0.0049  402 VAL A C   
725 O  O   . VAL A 96  ? 0.1323 0.1235 0.1270 -0.0262 0.0185  0.0119  402 VAL A O   
726 C  CB  . VAL A 96  ? 0.1397 0.1525 0.1350 -0.0296 0.0358  0.0041  402 VAL A CB  
727 C  CG1 . VAL A 96  ? 0.1433 0.1617 0.1398 -0.0357 0.0454  0.0048  402 VAL A CG1 
728 C  CG2 . VAL A 96  ? 0.1093 0.1293 0.1046 -0.0279 0.0380  -0.0019 402 VAL A CG2 
729 N  N   . ARG A 97  ? 0.1232 0.1304 0.1451 -0.0299 0.0252  0.0011  403 ARG A N   
730 C  CA  . ARG A 97  ? 0.2086 0.2087 0.2289 -0.0313 0.0228  0.0057  403 ARG A CA  
731 C  C   . ARG A 97  ? 0.1881 0.1965 0.2199 -0.0371 0.0313  0.0029  403 ARG A C   
732 O  O   . ARG A 97  ? 0.1738 0.1943 0.2169 -0.0398 0.0386  -0.0040 403 ARG A O   
733 C  CB  . ARG A 97  ? 0.1515 0.1446 0.1786 -0.0271 0.0102  0.0029  403 ARG A CB  
734 C  CG  . ARG A 97  ? 0.1064 0.1078 0.1577 -0.0252 0.0059  -0.0082 403 ARG A CG  
735 C  CD  . ARG A 97  ? 0.1600 0.1516 0.2146 -0.0216 -0.0074 -0.0091 403 ARG A CD  
736 N  NE  . ARG A 97  ? 0.1118 0.1090 0.1905 -0.0180 -0.0155 -0.0203 403 ARG A NE  
737 C  CZ  . ARG A 97  ? 0.2043 0.2104 0.3040 -0.0196 -0.0147 -0.0278 403 ARG A CZ  
738 N  NH1 . ARG A 97  ? 0.1953 0.2045 0.2937 -0.0254 -0.0053 -0.0243 403 ARG A NH1 
739 N  NH2 . ARG A 97  ? 0.2299 0.2416 0.3534 -0.0155 -0.0236 -0.0393 403 ARG A NH2 
740 N  N   . LYS A 98  ? 0.1669 0.1688 0.1958 -0.0394 0.0308  0.0078  404 LYS A N   
741 C  CA  . LYS A 98  ? 0.2011 0.2089 0.2425 -0.0456 0.0378  0.0054  404 LYS A CA  
742 C  C   . LYS A 98  ? 0.2209 0.2377 0.2882 -0.0442 0.0335  -0.0061 404 LYS A C   
743 O  O   . LYS A 98  ? 0.1091 0.1212 0.1813 -0.0382 0.0214  -0.0092 404 LYS A O   
744 C  CB  . LYS A 98  ? 0.1800 0.1771 0.2138 -0.0478 0.0364  0.0127  404 LYS A CB  
745 C  CG  . LYS A 98  ? 0.3314 0.3187 0.3421 -0.0473 0.0375  0.0227  404 LYS A CG  
746 C  CD  . LYS A 98  ? 0.4847 0.4654 0.4916 -0.0489 0.0370  0.0286  404 LYS A CD  
747 C  CE  . LYS A 98  ? 0.5651 0.5420 0.5570 -0.0428 0.0340  0.0353  404 LYS A CE  
748 N  NZ  . LYS A 98  ? 0.5876 0.5561 0.5751 -0.0383 0.0277  0.0369  404 LYS A NZ  
749 N  N   . MSE A 99  ? 0.1314 0.1611 0.2150 -0.0502 0.0432  -0.0127 405 MSE A N   
750 C  CA  . MSE A 99  ? 0.1221 0.1635 0.2352 -0.0493 0.0400  -0.0258 405 MSE A CA  
751 C  C   . MSE A 99  ? 0.1123 0.1471 0.2352 -0.0480 0.0308  -0.0267 405 MSE A C   
752 O  O   . MSE A 99  ? 0.1911 0.2272 0.3304 -0.0421 0.0189  -0.0349 405 MSE A O   
753 C  CB  . MSE A 99  ? 0.1176 0.1755 0.2458 -0.0579 0.0552  -0.0332 405 MSE A CB  
754 C  CG  . MSE A 99  ? 0.4431 0.5144 0.6046 -0.0575 0.0526  -0.0480 405 MSE A CG  
755 SE SE  . MSE A 99  ? 0.7277 0.8071 0.9085 -0.0462 0.0401  -0.0621 405 MSE A SE  
756 C  CE  . MSE A 99  ? 0.7414 0.8216 0.8959 -0.0477 0.0510  -0.0558 405 MSE A CE  
757 N  N   . VAL A 100 ? 0.1189 0.1461 0.2318 -0.0532 0.0350  -0.0184 406 VAL A N   
758 C  CA  . VAL A 100 ? 0.1576 0.1788 0.2791 -0.0529 0.0274  -0.0193 406 VAL A CA  
759 C  C   . VAL A 100 ? 0.2406 0.2451 0.3384 -0.0482 0.0189  -0.0096 406 VAL A C   
760 O  O   . VAL A 100 ? 0.1670 0.1643 0.2441 -0.0501 0.0243  0.0001  406 VAL A O   
761 C  CB  . VAL A 100 ? 0.1274 0.1521 0.2581 -0.0628 0.0383  -0.0184 406 VAL A CB  
762 C  CG1 . VAL A 100 ? 0.1248 0.1436 0.2669 -0.0620 0.0292  -0.0209 406 VAL A CG1 
763 C  CG2 . VAL A 100 ? 0.1280 0.1693 0.2750 -0.0664 0.0475  -0.0276 406 VAL A CG2 
764 N  N   . GLN A 101 ? 0.1789 0.1774 0.2794 -0.0420 0.0054  -0.0130 407 GLN A N   
765 C  CA  . GLN A 101 ? 0.1910 0.1750 0.2698 -0.0378 -0.0027 -0.0060 407 GLN A CA  
766 C  C   . GLN A 101 ? 0.3578 0.3365 0.4430 -0.0381 -0.0092 -0.0083 407 GLN A C   
767 O  O   . GLN A 101 ? 0.3991 0.3724 0.4849 -0.0331 -0.0218 -0.0124 407 GLN A O   
768 C  CB  . GLN A 101 ? 0.2361 0.2153 0.3069 -0.0309 -0.0134 -0.0074 407 GLN A CB  
769 C  CG  . GLN A 101 ? 0.3347 0.3188 0.4012 -0.0302 -0.0083 -0.0064 407 GLN A CG  
770 C  CD  . GLN A 101 ? 0.3064 0.2844 0.3488 -0.0310 -0.0025 0.0035  407 GLN A CD  
771 O  OE1 . GLN A 101 ? 0.3092 0.2773 0.3362 -0.0304 -0.0055 0.0089  407 GLN A OE1 
772 N  NE2 . GLN A 101 ? 0.2621 0.2464 0.3019 -0.0325 0.0057  0.0047  407 GLN A NE2 
773 N  N   . ASP A 102 ? 0.2885 0.2672 0.3776 -0.0440 -0.0016 -0.0056 408 ASP A N   
774 C  CA  . ASP A 102 ? 0.2918 0.2653 0.3884 -0.0446 -0.0075 -0.0083 408 ASP A CA  
775 C  C   . ASP A 102 ? 0.4464 0.4075 0.5219 -0.0434 -0.0089 -0.0008 408 ASP A C   
776 O  O   . ASP A 102 ? 0.4376 0.3955 0.5053 -0.0473 -0.0007 0.0061  408 ASP A O   
777 C  CB  . ASP A 102 ? 0.2263 0.2072 0.3448 -0.0526 0.0008  -0.0117 408 ASP A CB  
778 C  CG  . ASP A 102 ? 0.3185 0.3138 0.4642 -0.0535 0.0005  -0.0230 408 ASP A CG  
779 O  OD1 . ASP A 102 ? 0.1816 0.1784 0.3311 -0.0464 -0.0101 -0.0291 408 ASP A OD1 
780 O  OD2 . ASP A 102 ? 0.2805 0.2850 0.4400 -0.0600 0.0105  -0.0255 408 ASP A OD2 
# 
